data_7VEY
#
_entry.id   7VEY
#
_cell.length_a   71.155
_cell.length_b   95.462
_cell.length_c   246.739
_cell.angle_alpha   90.000
_cell.angle_beta   90.000
_cell.angle_gamma   90.000
#
_symmetry.space_group_name_H-M   'P 21 21 21'
#
loop_
_entity.id
_entity.type
_entity.pdbx_description
1 polymer 'chalcone synthases'
2 water water
#
_entity_poly.entity_id   1
_entity_poly.type   'polypeptide(L)'
_entity_poly.pdbx_seq_one_letter_code
;MPVPNGATFPPCARKMERADGPATVLAIGTANPPNVFDQSTYPDFYFNITNSNHMTDLKTKFQRMCDKSGITKRYMYLNE
EILKANPNMCAYWEKSLDVRQDMVVVEVPKLGKEAATKAIKEWGQPKSKITHVVFCTTSGVDMPGADWALTKLLGLRPSV
KRLMMYQQGCFAGGTVMRVAKDLAENNKGARVLVVCSELTAVTFRGPSETHLDSLVGQALFGDGASAIIVGADPIPEVER
PWFEIHYVASNILPDSDGAIDGHLREVGLTFHLMKDVPGIISKNIGTVLKDAFEKVFGNEEGEVPSYNDVFWIAHPGGPA
ILDQVEQKLQLKTEKMAASRQVLSDYGNMSSACVLFIMDHLRKKSVEQKLATSGEGYEWGLLLGFGPGLTCETVVLRSVP
LATE
;
_entity_poly.pdbx_strand_id   A,B,C,D
#
# COMPACT_ATOMS: atom_id res chain seq x y z
N GLY A 6 32.18 -13.52 41.23
CA GLY A 6 30.85 -13.63 41.85
C GLY A 6 30.69 -12.91 43.17
N ALA A 7 31.69 -12.13 43.57
CA ALA A 7 31.65 -11.44 44.85
C ALA A 7 30.57 -10.36 44.86
N THR A 8 30.05 -10.10 46.04
CA THR A 8 29.12 -9.01 46.27
C THR A 8 29.64 -8.18 47.43
N PHE A 9 29.11 -6.98 47.56
CA PHE A 9 29.35 -6.24 48.78
C PHE A 9 28.63 -6.92 49.95
N PRO A 10 29.02 -6.65 51.18
CA PRO A 10 28.34 -7.25 52.34
C PRO A 10 26.84 -7.02 52.28
N PRO A 11 26.03 -8.05 52.49
CA PRO A 11 24.57 -7.85 52.50
C PRO A 11 24.15 -6.80 53.50
N CYS A 12 23.08 -6.09 53.16
CA CYS A 12 22.47 -5.13 54.08
C CYS A 12 20.98 -5.45 54.17
N ALA A 13 20.33 -4.91 55.19
CA ALA A 13 18.90 -5.09 55.33
C ALA A 13 18.19 -4.49 54.12
N ARG A 14 17.14 -5.16 53.66
CA ARG A 14 16.29 -4.67 52.59
C ARG A 14 16.00 -3.18 52.78
N LYS A 15 16.39 -2.36 51.79
CA LYS A 15 16.30 -0.92 51.98
C LYS A 15 14.85 -0.41 51.93
N MET A 16 14.00 -1.02 51.12
CA MET A 16 12.57 -0.72 51.13
C MET A 16 11.90 -1.87 51.84
N GLU A 17 11.41 -1.62 53.03
CA GLU A 17 10.92 -2.73 53.83
C GLU A 17 9.73 -3.42 53.16
N ARG A 18 9.69 -4.74 53.26
CA ARG A 18 8.64 -5.58 52.68
C ARG A 18 7.57 -5.85 53.72
N ALA A 19 6.38 -6.23 53.24
CA ALA A 19 5.26 -6.60 54.09
C ALA A 19 5.31 -8.09 54.41
N ASP A 20 4.55 -8.51 55.42
CA ASP A 20 4.62 -9.90 55.84
C ASP A 20 3.38 -10.73 55.50
N GLY A 21 2.19 -10.15 55.51
CA GLY A 21 0.99 -10.91 55.22
C GLY A 21 0.68 -10.99 53.73
N PRO A 22 -0.35 -11.73 53.36
CA PRO A 22 -0.73 -11.83 51.94
C PRO A 22 -1.37 -10.54 51.44
N ALA A 23 -1.21 -10.28 50.14
CA ALA A 23 -1.91 -9.19 49.51
C ALA A 23 -3.42 -9.37 49.64
N THR A 24 -4.12 -8.30 50.00
CA THR A 24 -5.53 -8.36 50.34
C THR A 24 -6.34 -7.30 49.60
N VAL A 25 -7.49 -7.70 49.08
CA VAL A 25 -8.47 -6.76 48.51
C VAL A 25 -9.20 -6.06 49.65
N LEU A 26 -9.08 -4.73 49.70
CA LEU A 26 -9.62 -3.90 50.77
C LEU A 26 -10.84 -3.09 50.38
N ALA A 27 -11.16 -3.00 49.10
CA ALA A 27 -12.27 -2.21 48.61
C ALA A 27 -12.45 -2.51 47.13
N ILE A 28 -13.69 -2.36 46.65
CA ILE A 28 -14.02 -2.58 45.24
C ILE A 28 -15.07 -1.56 44.82
N GLY A 29 -14.87 -0.96 43.65
CA GLY A 29 -15.86 -0.07 43.06
C GLY A 29 -15.96 -0.31 41.57
N THR A 30 -17.15 -0.07 41.02
CA THR A 30 -17.39 -0.31 39.60
C THR A 30 -18.16 0.87 39.02
N ALA A 31 -18.18 0.94 37.68
CA ALA A 31 -18.84 2.03 36.98
C ALA A 31 -19.05 1.62 35.52
N ASN A 32 -20.09 2.18 34.92
CA ASN A 32 -20.42 1.89 33.53
C ASN A 32 -20.89 3.18 32.87
N PRO A 33 -20.69 3.31 31.56
CA PRO A 33 -21.26 4.45 30.84
C PRO A 33 -22.77 4.44 30.95
N PRO A 34 -23.43 5.56 30.68
CA PRO A 34 -24.87 5.68 30.99
C PRO A 34 -25.81 5.08 29.97
N ASN A 35 -25.37 4.71 28.77
CA ASN A 35 -26.30 4.26 27.75
C ASN A 35 -26.50 2.74 27.87
N VAL A 36 -27.75 2.33 28.11
CA VAL A 36 -28.09 0.92 28.34
C VAL A 36 -28.69 0.37 27.07
N PHE A 37 -28.31 -0.85 26.73
CA PHE A 37 -28.75 -1.50 25.50
C PHE A 37 -29.36 -2.85 25.85
N ASP A 38 -30.66 -2.98 25.61
CA ASP A 38 -31.34 -4.25 25.79
C ASP A 38 -30.86 -5.25 24.75
N GLN A 39 -30.40 -6.42 25.20
CA GLN A 39 -29.81 -7.37 24.27
C GLN A 39 -30.85 -7.98 23.32
N SER A 40 -32.10 -8.14 23.77
CA SER A 40 -33.10 -8.75 22.90
C SER A 40 -33.38 -7.92 21.63
N THR A 41 -33.28 -6.59 21.73
CA THR A 41 -33.52 -5.70 20.61
C THR A 41 -32.23 -5.07 20.09
N TYR A 42 -31.07 -5.49 20.59
CA TYR A 42 -29.82 -4.96 20.05
C TYR A 42 -29.67 -5.21 18.55
N PRO A 43 -30.07 -6.36 17.99
CA PRO A 43 -29.95 -6.52 16.54
C PRO A 43 -30.69 -5.43 15.76
N ASP A 44 -31.89 -5.03 16.21
CA ASP A 44 -32.59 -3.91 15.58
C ASP A 44 -31.73 -2.66 15.59
N PHE A 45 -31.26 -2.26 16.77
CA PHE A 45 -30.44 -1.06 16.88
C PHE A 45 -29.19 -1.17 16.03
N TYR A 46 -28.52 -2.31 16.11
CA TYR A 46 -27.21 -2.43 15.46
C TYR A 46 -27.33 -2.39 13.94
N PHE A 47 -28.30 -3.11 13.39
CA PHE A 47 -28.43 -3.12 11.94
C PHE A 47 -29.00 -1.80 11.41
N ASN A 48 -29.78 -1.09 12.23
CA ASN A 48 -30.22 0.24 11.84
C ASN A 48 -29.06 1.24 11.80
N ILE A 49 -28.29 1.33 12.89
CA ILE A 49 -27.27 2.37 13.01
C ILE A 49 -26.09 2.11 12.08
N THR A 50 -25.84 0.86 11.70
CA THR A 50 -24.84 0.56 10.68
C THR A 50 -25.43 0.51 9.27
N ASN A 51 -26.70 0.84 9.10
CA ASN A 51 -27.35 0.92 7.80
C ASN A 51 -27.23 -0.40 7.02
N SER A 52 -27.49 -1.51 7.71
CA SER A 52 -27.28 -2.84 7.16
C SER A 52 -28.57 -3.66 7.07
N ASN A 53 -29.72 -3.00 7.09
CA ASN A 53 -30.99 -3.72 7.09
C ASN A 53 -31.18 -4.57 5.85
N HIS A 54 -30.41 -4.31 4.79
CA HIS A 54 -30.49 -5.14 3.60
C HIS A 54 -29.85 -6.50 3.82
N MET A 55 -29.05 -6.68 4.88
CA MET A 55 -28.40 -7.96 5.14
C MET A 55 -29.32 -8.89 5.94
N THR A 56 -30.44 -9.25 5.32
CA THR A 56 -31.54 -9.87 6.05
C THR A 56 -31.12 -11.18 6.71
N ASP A 57 -30.42 -12.03 5.97
CA ASP A 57 -30.01 -13.30 6.56
C ASP A 57 -28.96 -13.10 7.65
N LEU A 58 -28.06 -12.12 7.48
CA LEU A 58 -27.06 -11.89 8.52
C LEU A 58 -27.71 -11.43 9.82
N LYS A 59 -28.76 -10.60 9.71
CA LYS A 59 -29.44 -10.11 10.90
C LYS A 59 -30.10 -11.26 11.66
N THR A 60 -30.69 -12.20 10.94
CA THR A 60 -31.23 -13.42 11.57
C THR A 60 -30.13 -14.16 12.33
N LYS A 61 -28.96 -14.30 11.72
CA LYS A 61 -27.83 -14.92 12.41
C LYS A 61 -27.47 -14.15 13.67
N PHE A 62 -27.45 -12.81 13.57
CA PHE A 62 -27.07 -11.99 14.72
C PHE A 62 -28.12 -12.03 15.82
N GLN A 63 -29.40 -12.06 15.44
CA GLN A 63 -30.45 -12.20 16.44
C GLN A 63 -30.29 -13.51 17.21
N ARG A 64 -29.92 -14.57 16.50
CA ARG A 64 -29.65 -15.85 17.16
C ARG A 64 -28.45 -15.74 18.10
N MET A 65 -27.36 -15.13 17.63
CA MET A 65 -26.19 -14.95 18.49
C MET A 65 -26.55 -14.18 19.76
N CYS A 66 -27.32 -13.11 19.63
CA CYS A 66 -27.70 -12.33 20.81
C CYS A 66 -28.64 -13.11 21.71
N ASP A 67 -29.64 -13.79 21.13
CA ASP A 67 -30.57 -14.60 21.92
C ASP A 67 -29.83 -15.63 22.75
N LYS A 68 -28.73 -16.19 22.25
CA LYS A 68 -28.00 -17.23 22.93
C LYS A 68 -26.78 -16.71 23.67
N SER A 69 -26.62 -15.40 23.77
CA SER A 69 -25.39 -14.84 24.33
C SER A 69 -25.30 -14.94 25.85
N GLY A 70 -26.40 -15.27 26.54
CA GLY A 70 -26.37 -15.17 27.98
C GLY A 70 -26.31 -13.76 28.52
N ILE A 71 -26.56 -12.76 27.68
CA ILE A 71 -26.50 -11.36 28.06
C ILE A 71 -27.91 -10.78 28.01
N THR A 72 -28.28 -10.04 29.06
CA THR A 72 -29.53 -9.32 29.09
C THR A 72 -29.39 -7.86 28.69
N LYS A 73 -28.28 -7.23 29.06
CA LYS A 73 -28.07 -5.83 28.75
C LYS A 73 -26.58 -5.53 28.80
N ARG A 74 -26.21 -4.44 28.13
CA ARG A 74 -24.86 -3.92 28.15
C ARG A 74 -24.90 -2.41 28.25
N TYR A 75 -23.82 -1.84 28.77
CA TYR A 75 -23.63 -0.40 28.82
C TYR A 75 -22.53 -0.02 27.84
N MET A 76 -22.72 1.13 27.18
CA MET A 76 -21.77 1.59 26.20
C MET A 76 -21.64 3.10 26.28
N TYR A 77 -20.41 3.59 26.06
CA TYR A 77 -20.22 5.01 25.82
C TYR A 77 -20.87 5.42 24.50
N LEU A 78 -20.75 4.59 23.48
CA LEU A 78 -21.38 4.89 22.20
C LEU A 78 -22.89 4.94 22.34
N ASN A 79 -23.52 5.76 21.50
CA ASN A 79 -24.97 5.80 21.41
C ASN A 79 -25.36 6.22 20.00
N GLU A 80 -26.67 6.35 19.77
CA GLU A 80 -27.16 6.72 18.45
C GLU A 80 -26.59 8.05 17.98
N GLU A 81 -26.54 9.04 18.87
CA GLU A 81 -26.08 10.36 18.48
C GLU A 81 -24.60 10.33 18.08
N ILE A 82 -23.75 9.74 18.92
CA ILE A 82 -22.33 9.66 18.61
C ILE A 82 -22.09 8.90 17.32
N LEU A 83 -22.84 7.82 17.12
CA LEU A 83 -22.63 6.98 15.94
C LEU A 83 -23.07 7.67 14.65
N LYS A 84 -24.15 8.44 14.72
CA LYS A 84 -24.59 9.18 13.54
C LYS A 84 -23.58 10.22 13.13
N ALA A 85 -22.91 10.83 14.11
CA ALA A 85 -21.85 11.78 13.83
C ALA A 85 -20.58 11.13 13.28
N ASN A 86 -20.44 9.81 13.37
CA ASN A 86 -19.21 9.13 12.94
C ASN A 86 -19.52 7.96 12.03
N PRO A 87 -19.91 8.23 10.78
CA PRO A 87 -20.21 7.13 9.86
C PRO A 87 -19.03 6.22 9.58
N ASN A 88 -17.80 6.69 9.77
CA ASN A 88 -16.66 5.79 9.51
C ASN A 88 -16.57 4.66 10.52
N MET A 89 -17.20 4.80 11.70
CA MET A 89 -17.31 3.75 12.71
C MET A 89 -18.52 2.85 12.51
N CYS A 90 -19.48 3.29 11.70
CA CYS A 90 -20.63 2.47 11.37
C CYS A 90 -20.39 1.60 10.15
N ALA A 91 -19.34 1.88 9.40
CA ALA A 91 -18.92 1.04 8.30
C ALA A 91 -18.18 -0.17 8.84
N TYR A 92 -18.06 -1.20 8.01
CA TYR A 92 -17.29 -2.36 8.43
C TYR A 92 -15.79 -2.07 8.48
N TRP A 93 -15.27 -1.32 7.51
CA TRP A 93 -13.82 -1.25 7.34
C TRP A 93 -13.36 0.11 6.82
N GLU A 94 -13.72 1.17 7.53
CA GLU A 94 -13.32 2.52 7.17
C GLU A 94 -12.24 3.02 8.12
N LYS A 95 -11.32 3.83 7.57
CA LYS A 95 -10.33 4.52 8.39
C LYS A 95 -11.04 5.25 9.53
N SER A 96 -10.69 4.92 10.77
CA SER A 96 -11.42 5.46 11.90
C SER A 96 -10.52 5.62 13.12
N LEU A 97 -9.50 4.77 13.26
CA LEU A 97 -8.62 4.90 14.42
C LEU A 97 -8.52 6.26 15.11
N ASP A 98 -8.36 7.34 14.34
CA ASP A 98 -8.16 8.66 14.94
C ASP A 98 -9.36 9.06 15.80
N VAL A 99 -10.59 8.93 15.27
CA VAL A 99 -11.74 9.34 16.09
C VAL A 99 -11.96 8.35 17.23
N ARG A 100 -11.71 7.06 17.00
CA ARG A 100 -11.82 6.10 18.09
C ARG A 100 -10.87 6.47 19.23
N GLN A 101 -9.61 6.75 18.90
CA GLN A 101 -8.64 7.20 19.87
C GLN A 101 -9.10 8.48 20.58
N ASP A 102 -9.58 9.46 19.83
CA ASP A 102 -10.06 10.70 20.45
C ASP A 102 -11.10 10.40 21.52
N MET A 103 -11.95 9.40 21.28
CA MET A 103 -12.95 9.03 22.28
C MET A 103 -12.32 8.33 23.47
N VAL A 104 -11.49 7.30 23.22
CA VAL A 104 -11.13 6.43 24.34
C VAL A 104 -9.97 7.02 25.16
N VAL A 105 -9.09 7.82 24.56
CA VAL A 105 -8.04 8.39 25.42
C VAL A 105 -8.64 9.32 26.47
N VAL A 106 -9.80 9.91 26.20
CA VAL A 106 -10.51 10.72 27.20
C VAL A 106 -11.37 9.84 28.08
N GLU A 107 -12.11 8.93 27.48
CA GLU A 107 -13.17 8.29 28.23
C GLU A 107 -12.70 7.11 29.09
N VAL A 108 -11.63 6.40 28.75
CA VAL A 108 -11.32 5.27 29.63
C VAL A 108 -10.76 5.77 30.95
N PRO A 109 -9.89 6.79 31.03
CA PRO A 109 -9.51 7.27 32.37
C PRO A 109 -10.67 7.92 33.09
N LYS A 110 -11.60 8.55 32.37
CA LYS A 110 -12.79 9.13 33.01
C LYS A 110 -13.62 8.05 33.69
N LEU A 111 -13.95 6.99 32.97
CA LEU A 111 -14.71 5.89 33.56
C LEU A 111 -13.95 5.23 34.71
N GLY A 112 -12.63 5.03 34.54
CA GLY A 112 -11.83 4.52 35.63
C GLY A 112 -11.87 5.40 36.86
N LYS A 113 -11.88 6.71 36.68
CA LYS A 113 -11.95 7.61 37.82
C LYS A 113 -13.24 7.42 38.60
N GLU A 114 -14.36 7.22 37.90
CA GLU A 114 -15.62 6.97 38.58
C GLU A 114 -15.55 5.72 39.44
N ALA A 115 -15.07 4.62 38.87
CA ALA A 115 -14.90 3.40 39.67
C ALA A 115 -13.88 3.60 40.79
N ALA A 116 -12.79 4.32 40.52
CA ALA A 116 -11.76 4.49 41.55
C ALA A 116 -12.28 5.30 42.73
N THR A 117 -13.06 6.35 42.46
CA THR A 117 -13.61 7.18 43.54
C THR A 117 -14.51 6.35 44.47
N LYS A 118 -15.29 5.43 43.90
CA LYS A 118 -16.13 4.56 44.73
C LYS A 118 -15.29 3.63 45.58
N ALA A 119 -14.25 3.03 45.02
CA ALA A 119 -13.38 2.16 45.79
C ALA A 119 -12.71 2.91 46.93
N ILE A 120 -12.21 4.10 46.64
CA ILE A 120 -11.50 4.90 47.63
C ILE A 120 -12.44 5.33 48.74
N LYS A 121 -13.67 5.71 48.40
CA LYS A 121 -14.65 6.07 49.42
C LYS A 121 -14.95 4.89 50.34
N GLU A 122 -15.11 3.69 49.78
CA GLU A 122 -15.35 2.51 50.62
C GLU A 122 -14.16 2.25 51.52
N TRP A 123 -12.97 2.28 50.93
CA TRP A 123 -11.72 2.09 51.67
C TRP A 123 -11.63 3.04 52.85
N GLY A 124 -12.05 4.30 52.67
CA GLY A 124 -12.16 5.25 53.74
C GLY A 124 -10.87 5.93 54.16
N GLN A 125 -9.74 5.62 53.54
CA GLN A 125 -8.44 6.17 53.88
C GLN A 125 -8.14 7.39 53.00
N PRO A 126 -7.26 8.28 53.45
CA PRO A 126 -6.88 9.43 52.59
C PRO A 126 -6.29 8.95 51.27
N LYS A 127 -6.66 9.63 50.19
CA LYS A 127 -6.14 9.24 48.89
C LYS A 127 -4.62 9.39 48.80
N SER A 128 -4.03 10.21 49.65
CA SER A 128 -2.58 10.34 49.67
C SER A 128 -1.89 9.08 50.18
N LYS A 129 -2.63 8.14 50.76
CA LYS A 129 -2.07 6.86 51.17
C LYS A 129 -1.91 5.88 50.02
N ILE A 130 -2.45 6.18 48.84
CA ILE A 130 -2.20 5.33 47.67
C ILE A 130 -0.77 5.56 47.20
N THR A 131 0.00 4.47 47.13
CA THR A 131 1.41 4.50 46.75
C THR A 131 1.66 4.01 45.33
N HIS A 132 0.77 3.19 44.79
CA HIS A 132 0.95 2.59 43.48
C HIS A 132 -0.36 2.68 42.70
N VAL A 133 -0.26 2.80 41.38
CA VAL A 133 -1.42 2.69 40.51
C VAL A 133 -1.11 1.69 39.41
N VAL A 134 -2.03 0.77 39.18
CA VAL A 134 -1.99 -0.17 38.06
C VAL A 134 -3.21 0.12 37.20
N PHE A 135 -2.98 0.59 35.97
CA PHE A 135 -4.08 0.88 35.07
C PHE A 135 -4.04 -0.11 33.91
N CYS A 136 -5.17 -0.76 33.65
CA CYS A 136 -5.24 -1.77 32.62
C CYS A 136 -6.39 -1.44 31.66
N THR A 137 -6.09 -1.44 30.36
CA THR A 137 -7.13 -1.24 29.35
C THR A 137 -6.72 -1.93 28.05
N THR A 138 -7.72 -2.28 27.25
CA THR A 138 -7.52 -2.72 25.88
C THR A 138 -8.05 -1.68 24.89
N SER A 139 -8.37 -0.49 25.36
CA SER A 139 -9.10 0.52 24.59
C SER A 139 -8.21 1.75 24.39
N GLY A 140 -7.45 1.78 23.31
CA GLY A 140 -6.66 2.94 22.96
C GLY A 140 -5.33 2.96 23.70
N VAL A 141 -4.42 3.83 23.20
CA VAL A 141 -3.13 4.09 23.82
C VAL A 141 -2.81 5.57 23.65
N ASP A 142 -1.99 6.07 24.57
CA ASP A 142 -1.59 7.47 24.59
C ASP A 142 -0.33 7.62 25.45
N MET A 143 0.35 8.74 25.26
CA MET A 143 1.55 9.12 26.03
C MET A 143 1.49 10.61 26.44
N PRO A 144 1.45 10.91 27.76
CA PRO A 144 1.38 10.00 28.91
C PRO A 144 0.12 9.15 28.88
N GLY A 145 0.10 8.02 29.57
CA GLY A 145 -0.98 7.08 29.44
C GLY A 145 -2.15 7.35 30.38
N ALA A 146 -3.11 6.42 30.34
CA ALA A 146 -4.30 6.54 31.18
C ALA A 146 -3.97 6.50 32.67
N ASP A 147 -2.84 5.91 33.05
CA ASP A 147 -2.40 5.93 34.45
C ASP A 147 -2.07 7.35 34.90
N TRP A 148 -1.33 8.09 34.08
CA TRP A 148 -1.07 9.50 34.35
C TRP A 148 -2.36 10.32 34.37
N ALA A 149 -3.26 10.08 33.40
CA ALA A 149 -4.51 10.82 33.38
C ALA A 149 -5.32 10.57 34.65
N LEU A 150 -5.42 9.30 35.05
CA LEU A 150 -6.14 8.94 36.27
C LEU A 150 -5.52 9.60 37.50
N THR A 151 -4.19 9.60 37.59
CA THR A 151 -3.51 10.26 38.68
C THR A 151 -3.90 11.74 38.78
N LYS A 152 -3.95 12.43 37.63
CA LYS A 152 -4.36 13.83 37.62
C LYS A 152 -5.82 13.99 38.01
N LEU A 153 -6.70 13.13 37.48
CA LEU A 153 -8.13 13.28 37.73
C LEU A 153 -8.48 13.07 39.20
N LEU A 154 -7.77 12.15 39.87
CA LEU A 154 -8.01 11.85 41.27
C LEU A 154 -7.27 12.77 42.21
N GLY A 155 -6.26 13.48 41.73
CA GLY A 155 -5.39 14.22 42.62
C GLY A 155 -4.52 13.36 43.51
N LEU A 156 -4.03 12.24 42.99
CA LEU A 156 -3.13 11.40 43.76
C LEU A 156 -1.76 12.07 43.86
N ARG A 157 -0.94 11.54 44.75
CA ARG A 157 0.38 12.11 44.96
C ARG A 157 1.19 11.98 43.68
N PRO A 158 1.95 13.01 43.30
CA PRO A 158 2.74 12.91 42.06
C PRO A 158 3.86 11.87 42.14
N SER A 159 4.09 11.28 43.30
CA SER A 159 5.10 10.27 43.45
C SER A 159 4.53 8.84 43.42
N VAL A 160 3.25 8.68 43.10
CA VAL A 160 2.70 7.33 42.94
C VAL A 160 3.53 6.55 41.93
N LYS A 161 3.74 5.28 42.19
CA LYS A 161 4.48 4.41 41.30
C LYS A 161 3.48 3.74 40.37
N ARG A 162 3.53 4.08 39.10
CA ARG A 162 2.50 3.69 38.16
C ARG A 162 2.94 2.50 37.32
N LEU A 163 1.97 1.68 36.95
CA LEU A 163 2.14 0.60 35.98
C LEU A 163 1.03 0.69 34.96
N MET A 164 1.39 1.00 33.72
CA MET A 164 0.41 1.18 32.65
C MET A 164 0.38 -0.06 31.77
N MET A 165 -0.76 -0.74 31.75
CA MET A 165 -0.92 -2.01 31.04
C MET A 165 -1.88 -1.78 29.89
N TYR A 166 -1.32 -1.64 28.69
CA TYR A 166 -2.05 -1.33 27.47
C TYR A 166 -2.23 -2.57 26.60
N GLN A 167 -3.35 -2.57 25.87
CA GLN A 167 -3.59 -3.51 24.79
C GLN A 167 -3.47 -4.95 25.28
N GLN A 168 -4.02 -5.20 26.47
CA GLN A 168 -3.81 -6.46 27.15
C GLN A 168 -4.76 -7.53 26.63
N GLY A 169 -6.06 -7.29 26.67
CA GLY A 169 -7.00 -8.30 26.29
C GLY A 169 -7.68 -8.91 27.51
N CYS A 170 -8.46 -9.98 27.26
CA CYS A 170 -9.46 -10.40 28.24
C CYS A 170 -8.90 -11.14 29.46
N PHE A 171 -7.67 -11.65 29.40
CA PHE A 171 -7.09 -12.31 30.56
C PHE A 171 -6.57 -11.34 31.61
N ALA A 172 -6.46 -10.05 31.28
CA ALA A 172 -5.66 -9.15 32.10
C ALA A 172 -6.29 -8.81 33.43
N GLY A 173 -7.56 -9.16 33.67
CA GLY A 173 -8.08 -9.06 35.03
C GLY A 173 -7.36 -9.99 35.99
N GLY A 174 -6.88 -11.13 35.51
CA GLY A 174 -6.03 -11.99 36.29
C GLY A 174 -4.63 -11.43 36.41
N THR A 175 -4.13 -10.84 35.32
CA THR A 175 -2.78 -10.27 35.33
C THR A 175 -2.65 -9.19 36.40
N VAL A 176 -3.61 -8.27 36.49
CA VAL A 176 -3.47 -7.18 37.45
C VAL A 176 -3.52 -7.70 38.88
N MET A 177 -4.21 -8.82 39.13
CA MET A 177 -4.13 -9.43 40.45
C MET A 177 -2.73 -9.94 40.74
N ARG A 178 -2.12 -10.57 39.74
CA ARG A 178 -0.76 -11.05 39.86
C ARG A 178 0.23 -9.90 40.06
N VAL A 179 0.01 -8.79 39.37
CA VAL A 179 0.90 -7.63 39.52
C VAL A 179 0.72 -7.00 40.90
N ALA A 180 -0.54 -6.81 41.31
CA ALA A 180 -0.80 -6.17 42.61
C ALA A 180 -0.25 -6.99 43.75
N LYS A 181 -0.27 -8.33 43.62
CA LYS A 181 0.26 -9.21 44.65
C LYS A 181 1.70 -8.86 44.99
N ASP A 182 2.58 -8.79 43.98
CA ASP A 182 3.99 -8.56 44.26
C ASP A 182 4.24 -7.13 44.76
N LEU A 183 3.50 -6.16 44.22
CA LEU A 183 3.61 -4.77 44.66
C LEU A 183 3.25 -4.65 46.14
N ALA A 184 2.10 -5.21 46.52
CA ALA A 184 1.64 -5.09 47.90
C ALA A 184 2.56 -5.83 48.86
N GLU A 185 2.95 -7.06 48.52
CA GLU A 185 3.67 -7.91 49.46
C GLU A 185 5.13 -7.49 49.63
N ASN A 186 5.78 -6.99 48.59
CA ASN A 186 7.18 -6.63 48.69
C ASN A 186 7.39 -5.23 49.24
N ASN A 187 6.33 -4.49 49.56
CA ASN A 187 6.47 -3.08 49.95
C ASN A 187 5.59 -2.78 51.16
N LYS A 188 6.20 -2.73 52.33
CA LYS A 188 5.43 -2.42 53.51
C LYS A 188 4.78 -1.05 53.37
N GLY A 189 3.50 -0.95 53.68
CA GLY A 189 2.78 0.29 53.54
C GLY A 189 2.21 0.54 52.15
N ALA A 190 2.53 -0.31 51.18
CA ALA A 190 2.01 -0.06 49.83
C ALA A 190 0.50 -0.27 49.81
N ARG A 191 -0.20 0.65 49.17
CA ARG A 191 -1.62 0.52 48.91
C ARG A 191 -1.79 0.78 47.43
N VAL A 192 -2.22 -0.25 46.71
CA VAL A 192 -2.19 -0.27 45.25
C VAL A 192 -3.62 -0.01 44.75
N LEU A 193 -3.78 1.06 43.99
CA LEU A 193 -5.02 1.29 43.28
C LEU A 193 -4.95 0.59 41.93
N VAL A 194 -5.81 -0.41 41.72
CA VAL A 194 -5.86 -1.17 40.48
C VAL A 194 -7.14 -0.79 39.75
N VAL A 195 -7.02 -0.37 38.48
CA VAL A 195 -8.17 0.04 37.68
C VAL A 195 -8.13 -0.68 36.33
N CYS A 196 -9.21 -1.37 35.99
CA CYS A 196 -9.44 -1.88 34.65
C CYS A 196 -10.62 -1.13 34.05
N SER A 197 -10.43 -0.58 32.86
CA SER A 197 -11.46 0.24 32.21
C SER A 197 -11.48 -0.09 30.73
N GLU A 198 -12.62 -0.54 30.22
CA GLU A 198 -12.73 -1.04 28.85
C GLU A 198 -13.91 -0.39 28.14
N LEU A 199 -13.69 0.06 26.91
CA LEU A 199 -14.72 0.69 26.08
C LEU A 199 -14.76 0.04 24.70
N THR A 200 -15.97 -0.27 24.24
CA THR A 200 -16.08 -0.91 22.93
C THR A 200 -15.88 0.04 21.76
N ALA A 201 -15.63 1.32 22.02
CA ALA A 201 -15.47 2.27 20.92
C ALA A 201 -14.32 1.91 19.99
N VAL A 202 -13.32 1.14 20.45
CA VAL A 202 -12.23 0.80 19.55
C VAL A 202 -12.58 -0.38 18.65
N THR A 203 -13.56 -1.20 19.03
CA THR A 203 -13.89 -2.40 18.29
C THR A 203 -15.20 -2.30 17.53
N PHE A 204 -16.08 -1.36 17.87
CA PHE A 204 -17.38 -1.29 17.22
C PHE A 204 -17.21 -1.05 15.71
N ARG A 205 -17.92 -1.83 14.91
CA ARG A 205 -17.92 -1.64 13.47
C ARG A 205 -19.13 -2.32 12.87
N GLY A 206 -19.41 -1.96 11.62
CA GLY A 206 -20.53 -2.54 10.92
C GLY A 206 -20.30 -3.98 10.59
N PRO A 207 -21.35 -4.68 10.16
CA PRO A 207 -21.26 -6.12 9.93
C PRO A 207 -20.74 -6.46 8.55
N SER A 208 -20.16 -7.66 8.47
CA SER A 208 -19.66 -8.22 7.21
C SER A 208 -20.14 -9.65 7.08
N GLU A 209 -20.86 -9.95 6.01
CA GLU A 209 -21.35 -11.30 5.79
C GLU A 209 -20.23 -12.31 5.56
N THR A 210 -18.97 -11.88 5.45
CA THR A 210 -17.86 -12.83 5.33
C THR A 210 -16.90 -12.79 6.50
N HIS A 211 -17.24 -12.10 7.60
CA HIS A 211 -16.43 -12.11 8.78
C HIS A 211 -17.35 -12.25 10.00
N LEU A 212 -17.87 -13.47 10.19
CA LEU A 212 -18.80 -13.70 11.29
C LEU A 212 -18.13 -13.63 12.64
N ASP A 213 -16.80 -13.79 12.71
CA ASP A 213 -16.16 -13.74 14.02
C ASP A 213 -16.09 -12.31 14.55
N SER A 214 -15.99 -11.33 13.67
CA SER A 214 -16.16 -9.95 14.10
C SER A 214 -17.58 -9.71 14.62
N LEU A 215 -18.57 -10.38 14.03
CA LEU A 215 -19.94 -10.24 14.48
C LEU A 215 -20.11 -10.78 15.91
N VAL A 216 -19.30 -11.77 16.30
CA VAL A 216 -19.32 -12.30 17.66
C VAL A 216 -19.03 -11.19 18.67
N GLY A 217 -17.96 -10.44 18.45
CA GLY A 217 -17.63 -9.37 19.36
C GLY A 217 -18.73 -8.35 19.52
N GLN A 218 -19.43 -8.04 18.42
CA GLN A 218 -20.52 -7.06 18.48
C GLN A 218 -21.67 -7.54 19.35
N ALA A 219 -21.83 -8.85 19.50
CA ALA A 219 -22.87 -9.37 20.37
C ALA A 219 -22.45 -9.45 21.83
N LEU A 220 -21.14 -9.56 22.12
CA LEU A 220 -20.70 -9.90 23.45
C LEU A 220 -20.06 -8.75 24.24
N PHE A 221 -19.34 -7.83 23.59
CA PHE A 221 -18.52 -6.89 24.33
C PHE A 221 -19.33 -5.72 24.84
N GLY A 222 -19.14 -5.38 26.13
CA GLY A 222 -19.71 -4.20 26.72
C GLY A 222 -18.66 -3.38 27.44
N ASP A 223 -19.09 -2.23 27.98
CA ASP A 223 -18.19 -1.28 28.60
C ASP A 223 -18.30 -1.31 30.11
N GLY A 224 -17.18 -1.07 30.78
CA GLY A 224 -17.20 -0.94 32.21
C GLY A 224 -15.80 -0.70 32.74
N ALA A 225 -15.76 -0.25 33.99
CA ALA A 225 -14.51 -0.06 34.70
C ALA A 225 -14.69 -0.58 36.13
N SER A 226 -13.66 -1.21 36.65
CA SER A 226 -13.66 -1.67 38.03
C SER A 226 -12.34 -1.29 38.67
N ALA A 227 -12.38 -1.10 39.99
CA ALA A 227 -11.23 -0.64 40.74
C ALA A 227 -11.18 -1.36 42.07
N ILE A 228 -9.98 -1.76 42.48
CA ILE A 228 -9.77 -2.35 43.79
C ILE A 228 -8.59 -1.66 44.46
N ILE A 229 -8.62 -1.66 45.80
CA ILE A 229 -7.47 -1.28 46.60
C ILE A 229 -6.86 -2.57 47.12
N VAL A 230 -5.57 -2.78 46.86
CA VAL A 230 -4.86 -3.98 47.31
C VAL A 230 -3.74 -3.55 48.25
N GLY A 231 -3.61 -4.25 49.38
CA GLY A 231 -2.55 -3.99 50.32
C GLY A 231 -2.33 -5.17 51.22
N ALA A 232 -1.11 -5.32 51.69
CA ALA A 232 -0.81 -6.34 52.68
C ALA A 232 -0.81 -5.70 54.07
N ASP A 233 -1.02 -6.54 55.08
CA ASP A 233 -1.01 -6.12 56.48
C ASP A 233 -2.05 -5.03 56.73
N PRO A 234 -3.33 -5.35 56.65
CA PRO A 234 -4.37 -4.33 56.87
C PRO A 234 -4.21 -3.68 58.25
N ILE A 235 -4.47 -2.37 58.31
CA ILE A 235 -4.36 -1.63 59.57
C ILE A 235 -5.46 -2.12 60.51
N PRO A 236 -5.11 -2.66 61.68
CA PRO A 236 -6.15 -3.25 62.53
C PRO A 236 -7.21 -2.24 62.90
N GLU A 237 -8.46 -2.72 62.89
CA GLU A 237 -9.63 -1.93 63.26
C GLU A 237 -9.83 -0.72 62.35
N VAL A 238 -9.18 -0.66 61.18
CA VAL A 238 -9.30 0.49 60.30
C VAL A 238 -9.63 0.06 58.88
N GLU A 239 -8.86 -0.88 58.34
CA GLU A 239 -9.13 -1.40 57.01
C GLU A 239 -9.88 -2.73 57.13
N ARG A 240 -10.58 -3.09 56.07
CA ARG A 240 -11.42 -4.30 56.10
C ARG A 240 -11.05 -5.23 54.97
N PRO A 241 -10.43 -6.37 55.26
CA PRO A 241 -10.13 -7.35 54.21
C PRO A 241 -11.40 -7.97 53.66
N TRP A 242 -11.40 -8.22 52.35
CA TRP A 242 -12.48 -8.95 51.69
C TRP A 242 -12.01 -10.24 51.03
N PHE A 243 -10.84 -10.23 50.37
CA PHE A 243 -10.27 -11.41 49.75
C PHE A 243 -8.75 -11.33 49.87
N GLU A 244 -8.11 -12.49 49.93
CA GLU A 244 -6.66 -12.61 50.00
C GLU A 244 -6.15 -13.29 48.74
N ILE A 245 -5.01 -12.83 48.24
CA ILE A 245 -4.37 -13.42 47.06
C ILE A 245 -3.27 -14.35 47.53
N HIS A 246 -3.39 -15.64 47.22
CA HIS A 246 -2.43 -16.62 47.72
C HIS A 246 -1.58 -17.27 46.65
N TYR A 247 -2.07 -17.39 45.44
CA TYR A 247 -1.31 -18.09 44.41
C TYR A 247 -1.69 -17.52 43.05
N VAL A 248 -0.70 -17.35 42.18
CA VAL A 248 -0.94 -16.89 40.82
C VAL A 248 -0.13 -17.74 39.85
N ALA A 249 -0.69 -17.99 38.68
CA ALA A 249 -0.02 -18.73 37.63
C ALA A 249 -0.51 -18.21 36.28
N SER A 250 0.33 -18.39 35.26
CA SER A 250 0.03 -18.02 33.89
C SER A 250 0.34 -19.22 32.99
N ASN A 251 -0.53 -19.50 32.02
CA ASN A 251 -0.28 -20.61 31.11
C ASN A 251 -0.73 -20.28 29.71
N ILE A 252 0.14 -20.48 28.73
CA ILE A 252 -0.25 -20.49 27.33
C ILE A 252 -0.72 -21.92 27.02
N LEU A 253 -2.00 -22.06 26.67
CA LEU A 253 -2.57 -23.40 26.55
C LEU A 253 -2.09 -24.09 25.27
N PRO A 254 -1.99 -25.42 25.29
CA PRO A 254 -1.44 -26.15 24.14
C PRO A 254 -2.30 -25.99 22.90
N ASP A 255 -1.62 -25.94 21.76
CA ASP A 255 -2.28 -26.01 20.45
C ASP A 255 -3.28 -24.87 20.29
N SER A 256 -2.88 -23.68 20.73
CA SER A 256 -3.80 -22.54 20.75
C SER A 256 -3.28 -21.38 19.93
N ASP A 257 -2.19 -21.61 19.20
CA ASP A 257 -1.56 -20.56 18.41
C ASP A 257 -2.55 -19.96 17.43
N GLY A 258 -2.78 -18.67 17.55
CA GLY A 258 -3.70 -18.00 16.67
C GLY A 258 -5.16 -18.10 17.04
N ALA A 259 -5.50 -18.62 18.21
CA ALA A 259 -6.90 -18.80 18.55
C ALA A 259 -7.64 -17.48 18.69
N ILE A 260 -6.96 -16.44 19.20
CA ILE A 260 -7.55 -15.13 19.44
C ILE A 260 -6.46 -14.12 19.11
N ASP A 261 -6.59 -13.42 17.99
CA ASP A 261 -5.67 -12.34 17.64
C ASP A 261 -6.44 -11.02 17.63
N GLY A 262 -5.77 -9.95 18.02
CA GLY A 262 -6.33 -8.63 17.86
C GLY A 262 -5.29 -7.70 17.29
N HIS A 263 -5.66 -6.87 16.32
CA HIS A 263 -4.70 -5.97 15.68
C HIS A 263 -5.23 -4.55 15.72
N LEU A 264 -4.38 -3.61 16.12
CA LEU A 264 -4.76 -2.20 16.12
C LEU A 264 -4.37 -1.63 14.77
N ARG A 265 -5.37 -1.31 13.96
CA ARG A 265 -5.20 -0.93 12.56
C ARG A 265 -5.80 0.45 12.34
N GLU A 266 -5.62 0.96 11.12
CA GLU A 266 -6.21 2.25 10.79
C GLU A 266 -7.74 2.21 10.85
N VAL A 267 -8.34 1.02 10.81
CA VAL A 267 -9.79 0.88 10.94
C VAL A 267 -10.20 0.59 12.37
N GLY A 268 -9.29 0.71 13.33
CA GLY A 268 -9.58 0.39 14.71
C GLY A 268 -9.02 -0.96 15.11
N LEU A 269 -9.55 -1.48 16.21
CA LEU A 269 -9.08 -2.74 16.77
C LEU A 269 -9.90 -3.86 16.17
N THR A 270 -9.24 -4.83 15.56
CA THR A 270 -9.91 -5.91 14.86
C THR A 270 -9.70 -7.21 15.62
N PHE A 271 -10.69 -8.09 15.53
CA PHE A 271 -10.92 -9.18 16.48
C PHE A 271 -11.00 -10.46 15.65
N HIS A 272 -10.12 -11.42 15.91
CA HIS A 272 -10.05 -12.61 15.08
C HIS A 272 -10.07 -13.87 15.94
N LEU A 273 -10.98 -14.80 15.59
CA LEU A 273 -11.11 -16.10 16.22
C LEU A 273 -10.74 -17.17 15.21
N MET A 274 -9.81 -18.04 15.59
CA MET A 274 -9.30 -19.02 14.63
C MET A 274 -9.27 -20.44 15.15
N LYS A 275 -9.53 -20.68 16.43
CA LYS A 275 -9.67 -22.07 16.88
C LYS A 275 -10.89 -22.17 17.80
N ASP A 276 -11.15 -23.39 18.30
CA ASP A 276 -12.27 -23.62 19.22
C ASP A 276 -11.82 -23.13 20.60
N VAL A 277 -12.11 -21.86 20.87
CA VAL A 277 -11.68 -21.28 22.14
C VAL A 277 -12.33 -21.95 23.34
N PRO A 278 -13.66 -22.10 23.41
CA PRO A 278 -14.24 -22.85 24.55
C PRO A 278 -13.67 -24.25 24.67
N GLY A 279 -13.37 -24.90 23.55
CA GLY A 279 -12.80 -26.23 23.61
C GLY A 279 -11.38 -26.25 24.15
N ILE A 280 -10.54 -25.32 23.68
CA ILE A 280 -9.16 -25.27 24.17
C ILE A 280 -9.13 -24.98 25.66
N ILE A 281 -9.94 -24.01 26.11
CA ILE A 281 -9.96 -23.68 27.53
C ILE A 281 -10.47 -24.86 28.35
N SER A 282 -11.62 -25.42 27.96
CA SER A 282 -12.22 -26.45 28.80
C SER A 282 -11.43 -27.76 28.80
N LYS A 283 -10.72 -28.06 27.72
CA LYS A 283 -9.95 -29.31 27.69
C LYS A 283 -8.64 -29.22 28.43
N ASN A 284 -8.10 -28.02 28.65
CA ASN A 284 -6.81 -27.85 29.30
C ASN A 284 -6.89 -27.27 30.71
N ILE A 285 -8.04 -26.74 31.12
CA ILE A 285 -8.12 -26.07 32.42
C ILE A 285 -7.92 -27.05 33.58
N GLY A 286 -8.32 -28.31 33.41
CA GLY A 286 -8.17 -29.26 34.50
C GLY A 286 -6.72 -29.44 34.91
N THR A 287 -5.82 -29.53 33.93
CA THR A 287 -4.40 -29.69 34.25
C THR A 287 -3.85 -28.45 34.95
N VAL A 288 -4.24 -27.27 34.49
CA VAL A 288 -3.80 -26.02 35.12
C VAL A 288 -4.25 -25.98 36.57
N LEU A 289 -5.52 -26.28 36.82
CA LEU A 289 -6.05 -26.16 38.18
C LEU A 289 -5.52 -27.26 39.09
N LYS A 290 -5.33 -28.46 38.56
CA LYS A 290 -4.71 -29.53 39.36
C LYS A 290 -3.34 -29.09 39.87
N ASP A 291 -2.56 -28.44 39.02
CA ASP A 291 -1.24 -27.98 39.43
C ASP A 291 -1.34 -26.92 40.52
N ALA A 292 -2.21 -25.93 40.32
CA ALA A 292 -2.36 -24.87 41.30
C ALA A 292 -2.84 -25.41 42.65
N PHE A 293 -3.75 -26.39 42.63
CA PHE A 293 -4.26 -26.94 43.87
C PHE A 293 -3.19 -27.74 44.61
N GLU A 294 -2.33 -28.44 43.88
CA GLU A 294 -1.20 -29.13 44.52
C GLU A 294 -0.29 -28.11 45.19
N LYS A 295 0.07 -27.05 44.48
CA LYS A 295 0.97 -26.05 45.07
C LYS A 295 0.37 -25.43 46.31
N VAL A 296 -0.94 -25.18 46.31
CA VAL A 296 -1.56 -24.47 47.42
C VAL A 296 -1.91 -25.42 48.57
N PHE A 297 -2.43 -26.62 48.28
CA PHE A 297 -2.98 -27.48 49.33
C PHE A 297 -2.21 -28.78 49.53
N GLY A 298 -1.24 -29.10 48.69
CA GLY A 298 -0.61 -30.42 48.78
C GLY A 298 -1.45 -31.51 48.14
N ASN A 299 -1.10 -32.74 48.46
CA ASN A 299 -1.67 -33.92 47.79
C ASN A 299 -2.32 -34.90 48.76
N GLU A 300 -2.58 -34.51 50.00
CA GLU A 300 -2.98 -35.46 51.02
C GLU A 300 -4.49 -35.59 51.10
N GLU A 301 -4.95 -36.84 51.24
CA GLU A 301 -6.35 -37.17 51.46
C GLU A 301 -6.99 -36.22 52.47
N GLY A 302 -8.13 -35.67 52.09
CA GLY A 302 -8.89 -34.81 52.98
C GLY A 302 -8.37 -33.40 53.13
N GLU A 303 -7.28 -33.04 52.47
CA GLU A 303 -6.69 -31.73 52.60
C GLU A 303 -6.99 -30.80 51.43
N VAL A 304 -7.47 -31.32 50.32
CA VAL A 304 -7.62 -30.56 49.08
C VAL A 304 -9.11 -30.39 48.81
N PRO A 305 -9.61 -29.17 48.68
CA PRO A 305 -11.04 -29.01 48.39
C PRO A 305 -11.34 -29.38 46.94
N SER A 306 -12.53 -29.91 46.74
CA SER A 306 -13.00 -30.17 45.38
C SER A 306 -13.31 -28.86 44.69
N TYR A 307 -13.45 -28.93 43.36
CA TYR A 307 -13.86 -27.74 42.62
C TYR A 307 -15.26 -27.27 43.02
N ASN A 308 -16.10 -28.19 43.50
CA ASN A 308 -17.44 -27.80 43.94
C ASN A 308 -17.41 -27.08 45.28
N ASP A 309 -16.32 -27.16 46.04
CA ASP A 309 -16.25 -26.58 47.37
C ASP A 309 -15.34 -25.35 47.43
N VAL A 310 -15.12 -24.69 46.30
CA VAL A 310 -14.48 -23.38 46.24
C VAL A 310 -15.39 -22.44 45.47
N PHE A 311 -15.18 -21.13 45.64
CA PHE A 311 -15.96 -20.16 44.88
C PHE A 311 -15.25 -19.85 43.57
N TRP A 312 -16.02 -19.47 42.57
CA TRP A 312 -15.55 -19.32 41.20
C TRP A 312 -15.75 -17.89 40.72
N ILE A 313 -14.70 -17.31 40.16
CA ILE A 313 -14.76 -16.02 39.49
C ILE A 313 -14.12 -16.27 38.11
N ALA A 314 -14.93 -16.51 37.10
CA ALA A 314 -14.40 -16.94 35.80
C ALA A 314 -14.75 -15.90 34.75
N HIS A 315 -13.75 -15.44 34.01
CA HIS A 315 -13.98 -14.45 32.98
C HIS A 315 -14.99 -15.00 31.98
N PRO A 316 -16.12 -14.36 31.80
CA PRO A 316 -17.19 -14.85 30.92
C PRO A 316 -17.00 -14.38 29.48
N GLY A 317 -15.93 -14.87 28.85
CA GLY A 317 -15.67 -14.50 27.47
C GLY A 317 -16.87 -14.73 26.58
N GLY A 318 -17.64 -15.76 26.87
CA GLY A 318 -18.92 -16.00 26.26
C GLY A 318 -19.55 -17.17 26.97
N PRO A 319 -20.85 -17.40 26.76
CA PRO A 319 -21.52 -18.47 27.51
C PRO A 319 -20.93 -19.84 27.26
N ALA A 320 -20.41 -20.09 26.05
CA ALA A 320 -19.86 -21.40 25.73
C ALA A 320 -18.63 -21.72 26.57
N ILE A 321 -17.84 -20.72 26.95
CA ILE A 321 -16.67 -20.99 27.78
C ILE A 321 -17.13 -21.49 29.15
N LEU A 322 -18.05 -20.76 29.77
CA LEU A 322 -18.55 -21.16 31.08
C LEU A 322 -19.22 -22.53 31.01
N ASP A 323 -20.05 -22.76 29.98
CA ASP A 323 -20.75 -24.04 29.85
C ASP A 323 -19.78 -25.20 29.71
N GLN A 324 -18.76 -25.04 28.88
CA GLN A 324 -17.87 -26.17 28.64
C GLN A 324 -16.90 -26.38 29.79
N VAL A 325 -16.47 -25.32 30.46
CA VAL A 325 -15.67 -25.48 31.67
C VAL A 325 -16.47 -26.23 32.73
N GLU A 326 -17.71 -25.82 32.94
CA GLU A 326 -18.62 -26.50 33.86
C GLU A 326 -18.73 -27.99 33.53
N GLN A 327 -18.93 -28.33 32.26
CA GLN A 327 -19.09 -29.73 31.88
C GLN A 327 -17.78 -30.50 32.02
N LYS A 328 -16.66 -29.92 31.55
CA LYS A 328 -15.40 -30.64 31.57
C LYS A 328 -14.83 -30.81 32.98
N LEU A 329 -15.14 -29.89 33.89
CA LEU A 329 -14.69 -30.05 35.27
C LEU A 329 -15.75 -30.67 36.17
N GLN A 330 -16.93 -30.96 35.65
CA GLN A 330 -17.98 -31.61 36.43
C GLN A 330 -18.44 -30.72 37.59
N LEU A 331 -18.60 -29.43 37.32
CA LEU A 331 -19.07 -28.50 38.33
C LEU A 331 -20.58 -28.60 38.49
N LYS A 332 -21.06 -28.45 39.72
CA LYS A 332 -22.48 -28.25 39.82
C LYS A 332 -22.85 -26.89 39.24
N THR A 333 -24.12 -26.75 38.85
CA THR A 333 -24.52 -25.56 38.09
C THR A 333 -24.37 -24.29 38.90
N GLU A 334 -24.42 -24.38 40.23
CA GLU A 334 -24.29 -23.19 41.06
C GLU A 334 -22.90 -22.55 40.95
N LYS A 335 -21.87 -23.31 40.60
CA LYS A 335 -20.52 -22.75 40.68
C LYS A 335 -20.35 -21.56 39.74
N MET A 336 -20.89 -21.62 38.53
CA MET A 336 -20.71 -20.53 37.57
C MET A 336 -21.75 -19.43 37.70
N ALA A 337 -22.59 -19.45 38.75
CA ALA A 337 -23.74 -18.55 38.77
C ALA A 337 -23.32 -17.08 38.89
N ALA A 338 -22.35 -16.78 39.74
CA ALA A 338 -21.92 -15.39 39.91
C ALA A 338 -21.29 -14.86 38.62
N SER A 339 -20.50 -15.68 37.94
CA SER A 339 -19.90 -15.27 36.67
C SER A 339 -20.97 -15.08 35.62
N ARG A 340 -21.94 -15.99 35.56
CA ARG A 340 -23.04 -15.86 34.60
C ARG A 340 -23.88 -14.61 34.90
N GLN A 341 -24.01 -14.25 36.17
CA GLN A 341 -24.83 -13.10 36.53
C GLN A 341 -24.24 -11.81 35.98
N VAL A 342 -22.92 -11.66 36.05
CA VAL A 342 -22.29 -10.46 35.53
C VAL A 342 -22.36 -10.44 34.00
N LEU A 343 -22.14 -11.60 33.36
CA LEU A 343 -22.31 -11.66 31.92
C LEU A 343 -23.72 -11.23 31.52
N SER A 344 -24.72 -11.66 32.28
CA SER A 344 -26.10 -11.27 32.00
C SER A 344 -26.31 -9.76 32.16
N ASP A 345 -25.79 -9.18 33.24
CA ASP A 345 -26.05 -7.78 33.54
C ASP A 345 -25.16 -6.80 32.78
N TYR A 346 -24.05 -7.25 32.20
CA TYR A 346 -23.05 -6.33 31.64
C TYR A 346 -22.43 -6.77 30.32
N GLY A 347 -22.58 -8.02 29.90
CA GLY A 347 -21.79 -8.50 28.80
C GLY A 347 -20.33 -8.68 29.19
N ASN A 348 -19.51 -8.90 28.16
CA ASN A 348 -18.10 -9.19 28.32
C ASN A 348 -17.36 -7.85 28.35
N MET A 349 -16.97 -7.42 29.55
CA MET A 349 -16.24 -6.18 29.70
C MET A 349 -14.73 -6.37 29.71
N SER A 350 -14.24 -7.39 29.02
CA SER A 350 -12.81 -7.68 28.88
C SER A 350 -12.18 -7.67 30.27
N SER A 351 -11.07 -6.96 30.50
CA SER A 351 -10.29 -7.17 31.72
C SER A 351 -11.08 -6.83 32.97
N ALA A 352 -12.08 -5.95 32.85
CA ALA A 352 -12.82 -5.47 34.01
C ALA A 352 -13.79 -6.50 34.59
N CYS A 353 -14.18 -7.51 33.79
CA CYS A 353 -15.20 -8.46 34.20
C CYS A 353 -14.96 -9.08 35.56
N VAL A 354 -13.77 -9.65 35.76
CA VAL A 354 -13.59 -10.49 36.93
C VAL A 354 -13.71 -9.68 38.20
N LEU A 355 -13.38 -8.39 38.16
CA LEU A 355 -13.57 -7.60 39.37
C LEU A 355 -15.03 -7.25 39.60
N PHE A 356 -15.83 -7.07 38.54
CA PHE A 356 -17.29 -7.00 38.73
C PHE A 356 -17.81 -8.26 39.42
N ILE A 357 -17.36 -9.43 38.98
CA ILE A 357 -17.83 -10.69 39.56
C ILE A 357 -17.41 -10.78 41.02
N MET A 358 -16.17 -10.39 41.31
CA MET A 358 -15.72 -10.35 42.70
C MET A 358 -16.63 -9.47 43.55
N ASP A 359 -16.95 -8.27 43.05
CA ASP A 359 -17.83 -7.37 43.79
C ASP A 359 -19.21 -8.00 44.01
N HIS A 360 -19.79 -8.56 42.93
CA HIS A 360 -21.09 -9.20 43.05
C HIS A 360 -21.06 -10.33 44.07
N LEU A 361 -20.01 -11.15 44.04
CA LEU A 361 -19.89 -12.29 44.93
C LEU A 361 -19.92 -11.87 46.40
N ARG A 362 -19.09 -10.88 46.77
CA ARG A 362 -19.09 -10.46 48.16
C ARG A 362 -20.40 -9.77 48.53
N LYS A 363 -20.99 -9.02 47.59
CA LYS A 363 -22.25 -8.33 47.89
C LYS A 363 -23.41 -9.32 48.05
N LYS A 364 -23.48 -10.31 47.18
CA LYS A 364 -24.50 -11.35 47.33
C LYS A 364 -24.27 -12.14 48.61
N SER A 365 -23.01 -12.36 49.00
CA SER A 365 -22.72 -13.10 50.21
C SER A 365 -23.20 -12.34 51.45
N VAL A 366 -22.99 -11.03 51.49
CA VAL A 366 -23.45 -10.23 52.61
C VAL A 366 -24.97 -10.20 52.68
N GLU A 367 -25.63 -9.98 51.54
CA GLU A 367 -27.07 -9.84 51.59
C GLU A 367 -27.77 -11.17 51.88
N GLN A 368 -27.18 -12.29 51.48
CA GLN A 368 -27.74 -13.60 51.80
C GLN A 368 -27.24 -14.16 53.13
N LYS A 369 -26.46 -13.38 53.87
CA LYS A 369 -26.00 -13.76 55.21
C LYS A 369 -25.24 -15.09 55.17
N LEU A 370 -24.38 -15.25 54.16
CA LEU A 370 -23.55 -16.42 54.02
C LEU A 370 -22.31 -16.33 54.92
N ALA A 371 -21.63 -17.47 55.07
CA ALA A 371 -20.58 -17.59 56.07
C ALA A 371 -19.30 -16.86 55.69
N THR A 372 -19.03 -16.66 54.40
CA THR A 372 -17.82 -15.98 53.96
C THR A 372 -18.16 -15.02 52.83
N SER A 373 -17.21 -14.14 52.52
CA SER A 373 -17.38 -13.25 51.38
C SER A 373 -17.36 -14.00 50.04
N GLY A 374 -17.01 -15.28 50.04
CA GLY A 374 -17.02 -16.08 48.84
C GLY A 374 -18.09 -17.16 48.83
N GLU A 375 -19.36 -16.76 48.91
CA GLU A 375 -20.49 -17.68 48.85
C GLU A 375 -20.51 -18.69 49.96
N GLY A 376 -19.80 -18.44 51.07
CA GLY A 376 -19.70 -19.40 52.13
C GLY A 376 -18.48 -20.30 52.06
N TYR A 377 -17.68 -20.24 51.00
CA TYR A 377 -16.50 -21.07 50.83
C TYR A 377 -15.26 -20.30 51.28
N GLU A 378 -14.28 -21.04 51.79
CA GLU A 378 -13.04 -20.44 52.25
C GLU A 378 -12.12 -20.09 51.08
N TRP A 379 -11.93 -21.02 50.16
CA TRP A 379 -11.00 -20.84 49.06
C TRP A 379 -11.76 -20.62 47.76
N GLY A 380 -11.12 -19.92 46.81
CA GLY A 380 -11.75 -19.64 45.54
C GLY A 380 -10.76 -19.44 44.43
N LEU A 381 -11.30 -19.24 43.22
CA LEU A 381 -10.53 -19.12 42.00
C LEU A 381 -10.96 -17.88 41.24
N LEU A 382 -9.99 -17.17 40.67
CA LEU A 382 -10.24 -16.13 39.68
C LEU A 382 -9.48 -16.50 38.42
N LEU A 383 -10.17 -16.59 37.31
CA LEU A 383 -9.59 -16.98 36.05
C LEU A 383 -9.84 -15.97 34.94
N GLY A 384 -8.78 -15.62 34.26
CA GLY A 384 -8.89 -14.85 33.05
C GLY A 384 -8.41 -15.58 31.81
N PHE A 385 -9.07 -15.37 30.70
CA PHE A 385 -8.78 -16.03 29.45
C PHE A 385 -8.70 -14.99 28.29
N GLY A 386 -7.74 -15.16 27.40
CA GLY A 386 -7.56 -14.23 26.30
C GLY A 386 -6.48 -14.62 25.33
N PRO A 387 -6.05 -13.68 24.50
CA PRO A 387 -5.08 -13.96 23.44
C PRO A 387 -3.86 -14.71 23.92
N GLY A 388 -3.43 -15.69 23.17
CA GLY A 388 -2.32 -16.51 23.57
C GLY A 388 -2.26 -17.96 23.10
N LEU A 389 -3.27 -18.78 23.41
CA LEU A 389 -4.31 -18.54 24.38
C LEU A 389 -3.80 -18.54 25.83
N THR A 390 -3.93 -17.38 26.48
CA THR A 390 -3.44 -17.20 27.80
C THR A 390 -4.52 -17.50 28.84
N CYS A 391 -4.18 -18.28 29.83
CA CYS A 391 -5.00 -18.47 31.01
C CYS A 391 -4.23 -17.94 32.25
N GLU A 392 -4.80 -16.98 32.94
CA GLU A 392 -4.31 -16.44 34.18
C GLU A 392 -5.13 -17.04 35.33
N THR A 393 -4.44 -17.67 36.27
CA THR A 393 -5.05 -18.36 37.39
C THR A 393 -4.66 -17.68 38.69
N VAL A 394 -5.65 -17.41 39.54
CA VAL A 394 -5.43 -16.82 40.85
C VAL A 394 -6.24 -17.61 41.87
N VAL A 395 -5.57 -18.05 42.93
CA VAL A 395 -6.23 -18.71 44.05
C VAL A 395 -6.38 -17.67 45.16
N LEU A 396 -7.61 -17.49 45.61
CA LEU A 396 -8.01 -16.49 46.58
C LEU A 396 -8.52 -17.18 47.83
N ARG A 397 -8.48 -16.45 48.95
CA ARG A 397 -9.19 -16.84 50.16
C ARG A 397 -10.19 -15.74 50.50
N SER A 398 -11.38 -16.13 50.94
CA SER A 398 -12.40 -15.17 51.36
C SER A 398 -12.10 -14.72 52.79
N VAL A 399 -13.03 -13.98 53.39
CA VAL A 399 -13.00 -13.72 54.83
C VAL A 399 -14.30 -14.18 55.47
N PRO A 400 -14.30 -14.57 56.74
CA PRO A 400 -15.56 -14.91 57.41
C PRO A 400 -16.47 -13.72 57.57
N LEU A 401 -17.76 -13.98 57.46
CA LEU A 401 -18.77 -12.94 57.67
C LEU A 401 -19.54 -13.21 58.97
N ASN B 5 11.05 19.07 -59.85
CA ASN B 5 10.62 18.11 -60.85
C ASN B 5 9.43 17.26 -60.41
N GLY B 6 9.53 16.67 -59.24
CA GLY B 6 8.59 15.60 -58.94
C GLY B 6 8.93 14.30 -59.62
N ALA B 7 10.14 14.19 -60.15
CA ALA B 7 10.62 13.00 -60.84
C ALA B 7 10.79 11.83 -59.85
N THR B 8 10.92 10.64 -60.41
CA THR B 8 10.79 9.42 -59.64
C THR B 8 11.67 8.37 -60.32
N PHE B 9 12.24 7.45 -59.53
CA PHE B 9 12.91 6.31 -60.12
C PHE B 9 11.90 5.46 -60.88
N PRO B 10 12.35 4.64 -61.84
CA PRO B 10 11.41 3.77 -62.58
C PRO B 10 10.58 2.95 -61.62
N PRO B 11 9.26 2.89 -61.81
CA PRO B 11 8.42 2.08 -60.91
C PRO B 11 8.85 0.63 -60.87
N CYS B 12 8.66 0.02 -59.71
CA CYS B 12 8.83 -1.40 -59.53
C CYS B 12 7.50 -1.99 -59.10
N ALA B 13 7.35 -3.29 -59.32
CA ALA B 13 6.19 -3.99 -58.79
C ALA B 13 6.15 -3.84 -57.27
N ARG B 14 4.94 -3.75 -56.72
CA ARG B 14 4.77 -3.67 -55.27
C ARG B 14 5.59 -4.75 -54.58
N LYS B 15 6.54 -4.32 -53.76
CA LYS B 15 7.51 -5.24 -53.18
C LYS B 15 6.89 -6.18 -52.16
N MET B 16 5.93 -5.72 -51.37
CA MET B 16 5.16 -6.59 -50.49
C MET B 16 3.81 -6.84 -51.15
N GLU B 17 3.58 -8.08 -51.59
CA GLU B 17 2.38 -8.35 -52.37
C GLU B 17 1.12 -8.06 -51.56
N ARG B 18 0.12 -7.49 -52.22
CA ARG B 18 -1.16 -7.19 -51.60
C ARG B 18 -2.16 -8.33 -51.86
N ALA B 19 -3.23 -8.34 -51.08
CA ALA B 19 -4.27 -9.35 -51.17
C ALA B 19 -5.41 -8.83 -52.04
N ASP B 20 -6.19 -9.76 -52.57
CA ASP B 20 -7.22 -9.39 -53.53
C ASP B 20 -8.60 -9.22 -52.93
N GLY B 21 -9.05 -10.12 -52.07
CA GLY B 21 -10.40 -10.07 -51.56
C GLY B 21 -10.54 -9.17 -50.34
N PRO B 22 -11.75 -9.11 -49.77
CA PRO B 22 -11.99 -8.28 -48.60
C PRO B 22 -11.52 -8.95 -47.31
N ALA B 23 -11.12 -8.11 -46.35
CA ALA B 23 -10.74 -8.60 -45.03
C ALA B 23 -11.90 -9.37 -44.41
N THR B 24 -11.61 -10.57 -43.92
CA THR B 24 -12.64 -11.47 -43.45
C THR B 24 -12.33 -11.96 -42.03
N VAL B 25 -13.37 -12.01 -41.20
CA VAL B 25 -13.28 -12.60 -39.88
C VAL B 25 -13.28 -14.12 -40.01
N LEU B 26 -12.21 -14.78 -39.55
CA LEU B 26 -12.06 -16.22 -39.68
C LEU B 26 -12.31 -17.01 -38.39
N ALA B 27 -12.40 -16.33 -37.24
CA ALA B 27 -12.54 -16.98 -35.94
C ALA B 27 -12.77 -15.91 -34.88
N ILE B 28 -13.49 -16.27 -33.82
CA ILE B 28 -13.78 -15.34 -32.72
C ILE B 28 -13.70 -16.13 -31.41
N GLY B 29 -13.02 -15.56 -30.42
CA GLY B 29 -12.96 -16.16 -29.10
C GLY B 29 -13.11 -15.08 -28.04
N THR B 30 -13.69 -15.47 -26.89
CA THR B 30 -13.96 -14.53 -25.82
C THR B 30 -13.61 -15.14 -24.46
N ALA B 31 -13.43 -14.27 -23.48
CA ALA B 31 -13.09 -14.68 -22.12
C ALA B 31 -13.53 -13.59 -21.15
N ASN B 32 -13.75 -14.01 -19.91
CA ASN B 32 -14.10 -13.07 -18.86
C ASN B 32 -13.45 -13.56 -17.57
N PRO B 33 -13.20 -12.66 -16.63
CA PRO B 33 -12.67 -13.08 -15.34
C PRO B 33 -13.69 -13.91 -14.59
N PRO B 34 -13.29 -14.61 -13.53
CA PRO B 34 -14.16 -15.62 -12.92
C PRO B 34 -15.19 -15.10 -11.93
N ASN B 35 -15.09 -13.87 -11.45
CA ASN B 35 -15.98 -13.40 -10.40
C ASN B 35 -17.24 -12.79 -11.01
N VAL B 36 -18.40 -13.35 -10.66
CA VAL B 36 -19.67 -12.96 -11.27
C VAL B 36 -20.43 -12.07 -10.29
N PHE B 37 -20.94 -10.96 -10.79
CA PHE B 37 -21.64 -9.97 -9.98
C PHE B 37 -23.07 -9.84 -10.49
N ASP B 38 -24.04 -10.26 -9.68
CA ASP B 38 -25.44 -10.07 -10.03
C ASP B 38 -25.78 -8.59 -9.95
N GLN B 39 -26.39 -8.07 -11.01
CA GLN B 39 -26.65 -6.64 -11.03
C GLN B 39 -27.72 -6.26 -10.00
N SER B 40 -28.71 -7.13 -9.79
CA SER B 40 -29.81 -6.81 -8.90
C SER B 40 -29.31 -6.50 -7.48
N THR B 41 -28.25 -7.17 -7.04
CA THR B 41 -27.69 -7.00 -5.70
C THR B 41 -26.34 -6.29 -5.72
N TYR B 42 -25.84 -5.87 -6.88
CA TYR B 42 -24.58 -5.14 -6.91
C TYR B 42 -24.58 -3.89 -6.05
N PRO B 43 -25.65 -3.09 -5.97
CA PRO B 43 -25.62 -1.95 -5.03
C PRO B 43 -25.32 -2.35 -3.60
N ASP B 44 -25.87 -3.48 -3.14
CA ASP B 44 -25.54 -3.95 -1.79
C ASP B 44 -24.05 -4.20 -1.65
N PHE B 45 -23.46 -4.93 -2.60
CA PHE B 45 -22.04 -5.22 -2.51
C PHE B 45 -21.22 -3.95 -2.59
N TYR B 46 -21.57 -3.07 -3.53
CA TYR B 46 -20.77 -1.88 -3.79
C TYR B 46 -20.77 -0.93 -2.61
N PHE B 47 -21.94 -0.64 -2.05
CA PHE B 47 -21.97 0.29 -0.93
C PHE B 47 -21.38 -0.33 0.34
N ASN B 48 -21.51 -1.66 0.50
CA ASN B 48 -20.79 -2.33 1.58
C ASN B 48 -19.29 -2.15 1.44
N ILE B 49 -18.73 -2.51 0.28
CA ILE B 49 -17.29 -2.57 0.14
C ILE B 49 -16.67 -1.19 0.07
N THR B 50 -17.42 -0.18 -0.34
CA THR B 50 -16.92 1.19 -0.34
C THR B 50 -17.23 1.92 0.96
N ASN B 51 -17.78 1.20 1.94
CA ASN B 51 -18.03 1.76 3.27
C ASN B 51 -18.96 2.96 3.22
N SER B 52 -19.98 2.88 2.37
CA SER B 52 -20.83 4.04 2.08
C SER B 52 -22.29 3.79 2.45
N ASN B 53 -22.58 2.82 3.32
CA ASN B 53 -23.97 2.48 3.63
C ASN B 53 -24.74 3.62 4.31
N HIS B 54 -24.03 4.58 4.91
CA HIS B 54 -24.69 5.74 5.46
C HIS B 54 -25.21 6.69 4.38
N MET B 55 -24.83 6.53 3.11
CA MET B 55 -25.34 7.41 2.06
C MET B 55 -26.62 6.81 1.49
N THR B 56 -27.69 6.93 2.28
CA THR B 56 -28.91 6.17 1.99
C THR B 56 -29.59 6.65 0.72
N ASP B 57 -29.75 7.98 0.55
CA ASP B 57 -30.32 8.51 -0.69
C ASP B 57 -29.46 8.13 -1.89
N LEU B 58 -28.14 8.16 -1.73
CA LEU B 58 -27.26 7.85 -2.83
C LEU B 58 -27.37 6.38 -3.22
N LYS B 59 -27.50 5.49 -2.22
CA LYS B 59 -27.65 4.08 -2.57
C LYS B 59 -28.94 3.83 -3.33
N THR B 60 -30.02 4.50 -2.92
CA THR B 60 -31.28 4.43 -3.66
C THR B 60 -31.10 4.82 -5.12
N LYS B 61 -30.36 5.91 -5.37
CA LYS B 61 -30.13 6.32 -6.76
C LYS B 61 -29.34 5.27 -7.51
N PHE B 62 -28.31 4.70 -6.86
CA PHE B 62 -27.50 3.68 -7.52
C PHE B 62 -28.31 2.42 -7.79
N GLN B 63 -29.20 2.03 -6.88
CA GLN B 63 -30.06 0.88 -7.14
C GLN B 63 -30.92 1.12 -8.38
N ARG B 64 -31.46 2.33 -8.52
CA ARG B 64 -32.23 2.66 -9.71
C ARG B 64 -31.35 2.64 -10.95
N MET B 65 -30.13 3.18 -10.83
CA MET B 65 -29.19 3.15 -11.94
C MET B 65 -28.94 1.72 -12.41
N CYS B 66 -28.64 0.82 -11.48
CA CYS B 66 -28.46 -0.57 -11.85
C CYS B 66 -29.74 -1.20 -12.35
N ASP B 67 -30.89 -0.82 -11.76
CA ASP B 67 -32.17 -1.35 -12.23
C ASP B 67 -32.45 -0.92 -13.67
N LYS B 68 -31.98 0.26 -14.07
CA LYS B 68 -32.24 0.79 -15.40
C LYS B 68 -31.18 0.39 -16.42
N SER B 69 -30.14 -0.30 -16.00
CA SER B 69 -28.94 -0.45 -16.81
C SER B 69 -29.08 -1.44 -17.96
N GLY B 70 -30.08 -2.32 -17.92
CA GLY B 70 -30.19 -3.36 -18.92
C GLY B 70 -29.22 -4.51 -18.72
N ILE B 71 -28.55 -4.54 -17.57
CA ILE B 71 -27.51 -5.51 -17.27
C ILE B 71 -28.04 -6.51 -16.25
N THR B 72 -27.85 -7.79 -16.52
CA THR B 72 -28.20 -8.83 -15.57
C THR B 72 -27.02 -9.26 -14.71
N LYS B 73 -25.83 -9.36 -15.30
CA LYS B 73 -24.65 -9.75 -14.56
C LYS B 73 -23.40 -9.19 -15.25
N ARG B 74 -22.31 -9.15 -14.48
CA ARG B 74 -21.02 -8.72 -14.97
C ARG B 74 -19.95 -9.61 -14.39
N TYR B 75 -18.85 -9.72 -15.12
CA TYR B 75 -17.66 -10.42 -14.66
C TYR B 75 -16.58 -9.40 -14.35
N MET B 76 -15.83 -9.65 -13.28
CA MET B 76 -14.76 -8.73 -12.91
C MET B 76 -13.57 -9.51 -12.36
N TYR B 77 -12.37 -9.00 -12.67
CA TYR B 77 -11.17 -9.46 -11.98
C TYR B 77 -11.26 -9.14 -10.49
N LEU B 78 -11.74 -7.95 -10.14
CA LEU B 78 -11.84 -7.57 -8.75
C LEU B 78 -12.80 -8.48 -7.99
N ASN B 79 -12.49 -8.69 -6.71
CA ASN B 79 -13.41 -9.35 -5.80
C ASN B 79 -13.27 -8.68 -4.43
N GLU B 80 -14.02 -9.20 -3.46
CA GLU B 80 -14.02 -8.58 -2.13
C GLU B 80 -12.65 -8.65 -1.47
N GLU B 81 -11.94 -9.75 -1.65
CA GLU B 81 -10.64 -9.90 -1.00
C GLU B 81 -9.63 -8.90 -1.54
N ILE B 82 -9.58 -8.75 -2.87
CA ILE B 82 -8.69 -7.77 -3.49
C ILE B 82 -9.06 -6.37 -3.04
N LEU B 83 -10.37 -6.08 -3.03
CA LEU B 83 -10.82 -4.74 -2.70
C LEU B 83 -10.50 -4.39 -1.25
N LYS B 84 -10.72 -5.32 -0.33
CA LYS B 84 -10.48 -5.03 1.07
C LYS B 84 -8.99 -4.77 1.30
N ALA B 85 -8.13 -5.45 0.54
CA ALA B 85 -6.69 -5.30 0.64
C ALA B 85 -6.20 -4.01 -0.01
N ASN B 86 -7.07 -3.31 -0.74
CA ASN B 86 -6.71 -2.06 -1.42
C ASN B 86 -7.72 -0.98 -1.08
N PRO B 87 -7.72 -0.49 0.16
CA PRO B 87 -8.72 0.53 0.55
C PRO B 87 -8.63 1.80 -0.26
N ASN B 88 -7.45 2.13 -0.80
CA ASN B 88 -7.35 3.33 -1.63
C ASN B 88 -8.16 3.21 -2.92
N MET B 89 -8.49 1.99 -3.34
CA MET B 89 -9.37 1.83 -4.48
C MET B 89 -10.85 1.87 -4.09
N CYS B 90 -11.17 1.57 -2.83
CA CYS B 90 -12.56 1.59 -2.37
C CYS B 90 -13.05 3.00 -2.10
N ALA B 91 -12.16 3.92 -1.81
CA ALA B 91 -12.53 5.31 -1.63
C ALA B 91 -12.82 5.95 -2.99
N TYR B 92 -13.50 7.10 -2.93
CA TYR B 92 -13.81 7.82 -4.15
C TYR B 92 -12.55 8.37 -4.81
N TRP B 93 -11.65 8.94 -4.03
CA TRP B 93 -10.61 9.77 -4.58
C TRP B 93 -9.30 9.76 -3.80
N GLU B 94 -8.66 8.62 -3.73
CA GLU B 94 -7.39 8.49 -3.08
C GLU B 94 -6.38 7.95 -4.10
N LYS B 95 -5.13 8.33 -3.89
CA LYS B 95 -4.07 7.85 -4.71
C LYS B 95 -4.02 6.34 -4.88
N SER B 96 -4.10 5.86 -6.09
CA SER B 96 -4.28 4.47 -6.34
C SER B 96 -3.82 3.96 -7.70
N LEU B 97 -3.21 4.81 -8.50
CA LEU B 97 -2.80 4.40 -9.83
C LEU B 97 -1.79 3.21 -9.77
N ASP B 98 -0.85 3.29 -8.87
CA ASP B 98 0.18 2.29 -8.78
C ASP B 98 -0.40 0.86 -8.58
N VAL B 99 -1.24 0.69 -7.58
CA VAL B 99 -1.84 -0.64 -7.35
C VAL B 99 -2.74 -1.10 -8.51
N ARG B 100 -3.46 -0.18 -9.10
CA ARG B 100 -4.25 -0.44 -10.28
C ARG B 100 -3.39 -0.89 -11.44
N GLN B 101 -2.33 -0.16 -11.72
CA GLN B 101 -1.40 -0.58 -12.77
C GLN B 101 -0.82 -1.95 -12.48
N ASP B 102 -0.38 -2.21 -11.24
CA ASP B 102 0.16 -3.52 -10.88
C ASP B 102 -0.79 -4.63 -11.30
N MET B 103 -2.09 -4.42 -11.10
CA MET B 103 -3.09 -5.39 -11.51
C MET B 103 -3.19 -5.48 -13.03
N VAL B 104 -3.43 -4.35 -13.70
CA VAL B 104 -3.89 -4.43 -15.09
C VAL B 104 -2.74 -4.67 -16.06
N VAL B 105 -1.50 -4.28 -15.75
CA VAL B 105 -0.45 -4.59 -16.73
C VAL B 105 -0.22 -6.10 -16.81
N VAL B 106 -0.56 -6.85 -15.77
CA VAL B 106 -0.47 -8.31 -15.80
C VAL B 106 -1.76 -8.93 -16.30
N GLU B 107 -2.91 -8.45 -15.83
CA GLU B 107 -4.15 -9.17 -16.06
C GLU B 107 -4.82 -8.85 -17.40
N VAL B 108 -4.57 -7.69 -18.03
CA VAL B 108 -5.26 -7.50 -19.31
C VAL B 108 -4.58 -8.33 -20.41
N PRO B 109 -3.25 -8.50 -20.49
CA PRO B 109 -2.74 -9.46 -21.48
C PRO B 109 -3.09 -10.90 -21.16
N LYS B 110 -3.20 -11.24 -19.87
CA LYS B 110 -3.58 -12.60 -19.50
C LYS B 110 -4.97 -12.93 -20.00
N LEU B 111 -5.94 -12.06 -19.72
CA LEU B 111 -7.30 -12.27 -20.21
C LEU B 111 -7.34 -12.29 -21.74
N GLY B 112 -6.57 -11.41 -22.38
CA GLY B 112 -6.51 -11.43 -23.83
C GLY B 112 -5.95 -12.74 -24.36
N LYS B 113 -4.97 -13.29 -23.65
CA LYS B 113 -4.41 -14.58 -24.04
C LYS B 113 -5.47 -15.66 -24.01
N GLU B 114 -6.35 -15.66 -23.00
CA GLU B 114 -7.40 -16.67 -22.94
C GLU B 114 -8.34 -16.55 -24.14
N ALA B 115 -8.75 -15.33 -24.48
CA ALA B 115 -9.61 -15.14 -25.64
C ALA B 115 -8.89 -15.50 -26.93
N ALA B 116 -7.62 -15.09 -27.04
CA ALA B 116 -6.86 -15.37 -28.26
C ALA B 116 -6.68 -16.85 -28.48
N THR B 117 -6.42 -17.61 -27.41
CA THR B 117 -6.24 -19.04 -27.55
C THR B 117 -7.50 -19.71 -28.10
N LYS B 118 -8.67 -19.27 -27.65
CA LYS B 118 -9.90 -19.86 -28.17
C LYS B 118 -10.08 -19.53 -29.65
N ALA B 119 -9.79 -18.29 -30.04
CA ALA B 119 -9.89 -17.93 -31.45
C ALA B 119 -8.91 -18.73 -32.29
N ILE B 120 -7.67 -18.88 -31.82
CA ILE B 120 -6.67 -19.60 -32.59
C ILE B 120 -7.05 -21.07 -32.71
N LYS B 121 -7.60 -21.64 -31.64
CA LYS B 121 -8.08 -23.01 -31.68
C LYS B 121 -9.16 -23.19 -32.74
N GLU B 122 -10.14 -22.28 -32.76
CA GLU B 122 -11.22 -22.37 -33.74
C GLU B 122 -10.67 -22.22 -35.15
N TRP B 123 -9.82 -21.22 -35.37
CA TRP B 123 -9.17 -21.01 -36.66
C TRP B 123 -8.49 -22.28 -37.16
N GLY B 124 -7.77 -22.97 -36.27
CA GLY B 124 -7.22 -24.29 -36.58
C GLY B 124 -5.87 -24.32 -37.26
N GLN B 125 -5.26 -23.19 -37.52
CA GLN B 125 -4.01 -23.11 -38.24
C GLN B 125 -2.85 -23.01 -37.26
N PRO B 126 -1.63 -23.34 -37.68
CA PRO B 126 -0.48 -23.12 -36.80
C PRO B 126 -0.29 -21.64 -36.50
N LYS B 127 0.20 -21.36 -35.29
CA LYS B 127 0.35 -19.98 -34.86
C LYS B 127 1.43 -19.25 -35.64
N SER B 128 2.32 -19.98 -36.32
CA SER B 128 3.33 -19.32 -37.16
C SER B 128 2.69 -18.55 -38.30
N LYS B 129 1.45 -18.85 -38.65
CA LYS B 129 0.73 -18.17 -39.72
C LYS B 129 0.18 -16.81 -39.31
N ILE B 130 0.20 -16.49 -38.03
CA ILE B 130 -0.18 -15.15 -37.56
C ILE B 130 0.95 -14.19 -37.89
N THR B 131 0.66 -13.18 -38.71
CA THR B 131 1.67 -12.22 -39.14
C THR B 131 1.58 -10.88 -38.43
N HIS B 132 0.41 -10.54 -37.90
CA HIS B 132 0.15 -9.23 -37.30
C HIS B 132 -0.62 -9.42 -35.99
N VAL B 133 -0.37 -8.52 -35.05
CA VAL B 133 -1.09 -8.50 -33.78
C VAL B 133 -1.58 -7.08 -33.53
N VAL B 134 -2.86 -6.94 -33.21
CA VAL B 134 -3.46 -5.67 -32.81
C VAL B 134 -4.03 -5.86 -31.41
N PHE B 135 -3.47 -5.16 -30.42
CA PHE B 135 -3.97 -5.20 -29.05
C PHE B 135 -4.59 -3.86 -28.68
N CYS B 136 -5.80 -3.90 -28.16
CA CYS B 136 -6.57 -2.72 -27.81
C CYS B 136 -7.04 -2.84 -26.37
N THR B 137 -6.75 -1.83 -25.55
CA THR B 137 -7.27 -1.79 -24.19
C THR B 137 -7.36 -0.33 -23.75
N THR B 138 -8.23 -0.09 -22.77
CA THR B 138 -8.31 1.18 -22.08
C THR B 138 -7.88 1.06 -20.62
N SER B 139 -7.39 -0.10 -20.21
CA SER B 139 -7.08 -0.37 -18.81
C SER B 139 -5.57 -0.52 -18.66
N GLY B 140 -4.89 0.58 -18.32
CA GLY B 140 -3.48 0.52 -18.00
C GLY B 140 -2.60 0.71 -19.23
N VAL B 141 -1.35 1.08 -18.97
CA VAL B 141 -0.32 1.21 -20.00
C VAL B 141 0.98 0.72 -19.41
N ASP B 142 1.88 0.30 -20.31
CA ASP B 142 3.18 -0.22 -19.90
C ASP B 142 4.11 -0.24 -21.11
N MET B 143 5.40 -0.35 -20.84
CA MET B 143 6.41 -0.52 -21.89
C MET B 143 7.39 -1.63 -21.54
N PRO B 144 7.51 -2.65 -22.41
CA PRO B 144 6.72 -2.91 -23.60
C PRO B 144 5.24 -3.08 -23.30
N GLY B 145 4.41 -2.88 -24.30
CA GLY B 145 2.99 -2.90 -24.12
C GLY B 145 2.38 -4.29 -24.01
N ALA B 146 1.07 -4.28 -23.80
CA ALA B 146 0.31 -5.53 -23.74
C ALA B 146 0.39 -6.32 -25.04
N ASP B 147 0.65 -5.65 -26.17
CA ASP B 147 0.85 -6.37 -27.42
C ASP B 147 2.09 -7.27 -27.34
N TRP B 148 3.18 -6.74 -26.78
CA TRP B 148 4.38 -7.53 -26.56
C TRP B 148 4.13 -8.66 -25.57
N ALA B 149 3.41 -8.37 -24.49
CA ALA B 149 3.15 -9.41 -23.49
C ALA B 149 2.31 -10.53 -24.06
N LEU B 150 1.31 -10.18 -24.87
CA LEU B 150 0.49 -11.20 -25.53
C LEU B 150 1.33 -12.04 -26.46
N THR B 151 2.21 -11.39 -27.22
CA THR B 151 3.13 -12.08 -28.11
C THR B 151 4.00 -13.07 -27.35
N LYS B 152 4.48 -12.68 -26.17
CA LYS B 152 5.29 -13.58 -25.37
C LYS B 152 4.46 -14.73 -24.80
N LEU B 153 3.26 -14.43 -24.29
CA LEU B 153 2.42 -15.45 -23.66
C LEU B 153 1.97 -16.50 -24.67
N LEU B 154 1.64 -16.08 -25.90
CA LEU B 154 1.20 -17.00 -26.93
C LEU B 154 2.36 -17.66 -27.67
N GLY B 155 3.58 -17.18 -27.46
CA GLY B 155 4.69 -17.73 -28.22
C GLY B 155 4.57 -17.52 -29.72
N LEU B 156 4.13 -16.33 -30.14
CA LEU B 156 4.06 -16.00 -31.55
C LEU B 156 5.46 -15.76 -32.11
N ARG B 157 5.56 -15.75 -33.44
CA ARG B 157 6.84 -15.50 -34.07
C ARG B 157 7.38 -14.13 -33.63
N PRO B 158 8.67 -14.02 -33.34
CA PRO B 158 9.22 -12.73 -32.93
C PRO B 158 9.06 -11.65 -33.97
N SER B 159 8.79 -12.01 -35.22
CA SER B 159 8.68 -11.03 -36.28
C SER B 159 7.24 -10.60 -36.55
N VAL B 160 6.28 -10.94 -35.68
CA VAL B 160 4.92 -10.42 -35.86
C VAL B 160 4.95 -8.91 -35.86
N LYS B 161 4.16 -8.31 -36.75
CA LYS B 161 4.01 -6.86 -36.82
C LYS B 161 2.91 -6.45 -35.83
N ARG B 162 3.29 -5.73 -34.79
CA ARG B 162 2.37 -5.43 -33.71
C ARG B 162 1.88 -4.00 -33.80
N LEU B 163 0.66 -3.78 -33.33
CA LEU B 163 0.11 -2.45 -33.17
C LEU B 163 -0.58 -2.40 -31.82
N MET B 164 -0.18 -1.43 -31.01
CA MET B 164 -0.62 -1.31 -29.62
C MET B 164 -1.52 -0.10 -29.48
N MET B 165 -2.78 -0.33 -29.19
CA MET B 165 -3.75 0.75 -29.06
C MET B 165 -4.18 0.88 -27.60
N TYR B 166 -3.60 1.88 -26.92
CA TYR B 166 -3.81 2.17 -25.51
C TYR B 166 -4.78 3.34 -25.33
N GLN B 167 -5.55 3.28 -24.25
CA GLN B 167 -6.33 4.41 -23.74
C GLN B 167 -7.33 4.93 -24.77
N GLN B 168 -7.95 4.02 -25.51
CA GLN B 168 -8.85 4.39 -26.61
C GLN B 168 -10.28 4.66 -26.13
N GLY B 169 -10.85 3.79 -25.35
CA GLY B 169 -12.24 3.94 -24.96
C GLY B 169 -13.20 3.15 -25.83
N CYS B 170 -14.49 3.46 -25.68
CA CYS B 170 -15.56 2.55 -26.06
C CYS B 170 -15.78 2.42 -27.57
N PHE B 171 -15.30 3.37 -28.38
CA PHE B 171 -15.48 3.23 -29.82
C PHE B 171 -14.48 2.29 -30.47
N ALA B 172 -13.46 1.82 -29.73
CA ALA B 172 -12.31 1.24 -30.39
C ALA B 172 -12.55 -0.19 -30.89
N GLY B 173 -13.67 -0.81 -30.53
CA GLY B 173 -14.07 -2.02 -31.21
C GLY B 173 -14.31 -1.79 -32.69
N GLY B 174 -14.87 -0.62 -33.04
CA GLY B 174 -14.94 -0.23 -34.43
C GLY B 174 -13.56 0.06 -35.01
N THR B 175 -12.71 0.75 -34.23
CA THR B 175 -11.38 1.13 -34.70
C THR B 175 -10.55 -0.10 -35.07
N VAL B 176 -10.57 -1.15 -34.25
CA VAL B 176 -9.73 -2.30 -34.55
C VAL B 176 -10.17 -2.99 -35.84
N MET B 177 -11.45 -2.91 -36.17
CA MET B 177 -11.92 -3.44 -37.45
C MET B 177 -11.36 -2.62 -38.60
N ARG B 178 -11.37 -1.29 -38.45
CA ARG B 178 -10.79 -0.41 -39.47
C ARG B 178 -9.30 -0.69 -39.63
N VAL B 179 -8.58 -0.90 -38.53
CA VAL B 179 -7.15 -1.19 -38.63
C VAL B 179 -6.92 -2.53 -39.31
N ALA B 180 -7.56 -3.58 -38.81
CA ALA B 180 -7.34 -4.91 -39.36
C ALA B 180 -7.67 -4.97 -40.85
N LYS B 181 -8.67 -4.20 -41.28
CA LYS B 181 -9.02 -4.20 -42.70
C LYS B 181 -7.83 -3.88 -43.58
N ASP B 182 -7.15 -2.76 -43.32
CA ASP B 182 -6.05 -2.35 -44.19
C ASP B 182 -4.85 -3.30 -44.03
N LEU B 183 -4.60 -3.81 -42.83
CA LEU B 183 -3.51 -4.77 -42.64
C LEU B 183 -3.74 -6.02 -43.48
N ALA B 184 -4.94 -6.60 -43.39
CA ALA B 184 -5.21 -7.85 -44.09
C ALA B 184 -5.22 -7.64 -45.61
N GLU B 185 -5.84 -6.55 -46.07
CA GLU B 185 -6.04 -6.37 -47.51
C GLU B 185 -4.78 -5.92 -48.21
N ASN B 186 -3.92 -5.16 -47.55
CA ASN B 186 -2.71 -4.70 -48.22
C ASN B 186 -1.57 -5.71 -48.18
N ASN B 187 -1.76 -6.89 -47.60
CA ASN B 187 -0.64 -7.83 -47.40
C ASN B 187 -1.10 -9.27 -47.67
N LYS B 188 -0.71 -9.80 -48.81
CA LYS B 188 -1.06 -11.17 -49.16
C LYS B 188 -0.53 -12.14 -48.12
N GLY B 189 -1.38 -13.05 -47.67
CA GLY B 189 -1.02 -13.99 -46.63
C GLY B 189 -1.09 -13.47 -45.22
N ALA B 190 -1.42 -12.19 -45.02
CA ALA B 190 -1.46 -11.65 -43.67
C ALA B 190 -2.64 -12.24 -42.90
N ARG B 191 -2.38 -12.66 -41.68
CA ARG B 191 -3.41 -13.11 -40.76
C ARG B 191 -3.21 -12.33 -39.47
N VAL B 192 -4.21 -11.54 -39.12
CA VAL B 192 -4.13 -10.54 -38.06
C VAL B 192 -4.89 -11.07 -36.85
N LEU B 193 -4.20 -11.20 -35.73
CA LEU B 193 -4.83 -11.50 -34.45
C LEU B 193 -5.16 -10.16 -33.80
N VAL B 194 -6.45 -9.91 -33.63
CA VAL B 194 -6.95 -8.70 -32.99
C VAL B 194 -7.50 -9.09 -31.62
N VAL B 195 -7.04 -8.41 -30.58
CA VAL B 195 -7.48 -8.68 -29.22
C VAL B 195 -7.89 -7.37 -28.55
N CYS B 196 -9.11 -7.32 -28.02
CA CYS B 196 -9.57 -6.27 -27.13
C CYS B 196 -9.74 -6.85 -25.74
N SER B 197 -9.14 -6.22 -24.73
CA SER B 197 -9.19 -6.75 -23.37
C SER B 197 -9.36 -5.59 -22.40
N GLU B 198 -10.43 -5.61 -21.63
CA GLU B 198 -10.81 -4.48 -20.79
C GLU B 198 -11.10 -4.94 -19.38
N LEU B 199 -10.55 -4.23 -18.38
CA LEU B 199 -10.78 -4.55 -16.98
C LEU B 199 -11.15 -3.27 -16.24
N THR B 200 -12.14 -3.36 -15.35
CA THR B 200 -12.62 -2.20 -14.59
C THR B 200 -11.73 -1.83 -13.41
N ALA B 201 -10.62 -2.55 -13.20
CA ALA B 201 -9.79 -2.27 -12.04
C ALA B 201 -9.17 -0.88 -12.10
N VAL B 202 -8.95 -0.33 -13.30
CA VAL B 202 -8.41 1.03 -13.36
C VAL B 202 -9.49 2.06 -13.05
N THR B 203 -10.77 1.69 -13.16
CA THR B 203 -11.84 2.65 -13.03
C THR B 203 -12.70 2.48 -11.78
N PHE B 204 -12.62 1.34 -11.11
CA PHE B 204 -13.43 1.13 -9.91
C PHE B 204 -13.06 2.17 -8.84
N ARG B 205 -14.08 2.77 -8.21
CA ARG B 205 -13.87 3.68 -7.09
C ARG B 205 -15.18 3.85 -6.33
N GLY B 206 -15.08 4.41 -5.12
CA GLY B 206 -16.24 4.61 -4.26
C GLY B 206 -17.12 5.73 -4.75
N PRO B 207 -18.27 5.88 -4.08
CA PRO B 207 -19.30 6.83 -4.54
C PRO B 207 -19.13 8.23 -4.00
N SER B 208 -19.61 9.21 -4.79
CA SER B 208 -19.58 10.62 -4.43
C SER B 208 -20.90 11.26 -4.81
N GLU B 209 -21.51 11.96 -3.85
CA GLU B 209 -22.82 12.58 -4.05
C GLU B 209 -22.83 13.59 -5.19
N THR B 210 -21.68 14.21 -5.49
CA THR B 210 -21.61 15.28 -6.47
C THR B 210 -20.99 14.84 -7.79
N HIS B 211 -20.91 13.53 -8.02
CA HIS B 211 -20.34 13.02 -9.25
C HIS B 211 -21.13 11.81 -9.68
N LEU B 212 -22.41 12.04 -10.03
CA LEU B 212 -23.28 10.95 -10.44
C LEU B 212 -22.88 10.36 -11.79
N ASP B 213 -22.17 11.11 -12.63
CA ASP B 213 -21.67 10.49 -13.87
C ASP B 213 -20.64 9.41 -13.56
N SER B 214 -19.72 9.66 -12.62
CA SER B 214 -18.82 8.60 -12.22
C SER B 214 -19.57 7.41 -11.63
N LEU B 215 -20.69 7.67 -10.95
CA LEU B 215 -21.45 6.55 -10.41
C LEU B 215 -22.11 5.73 -11.51
N VAL B 216 -22.60 6.36 -12.59
CA VAL B 216 -23.20 5.55 -13.65
C VAL B 216 -22.17 4.62 -14.27
N GLY B 217 -20.91 5.04 -14.34
CA GLY B 217 -19.87 4.13 -14.80
C GLY B 217 -19.71 2.93 -13.89
N GLN B 218 -19.88 3.13 -12.58
CA GLN B 218 -19.79 2.00 -11.67
C GLN B 218 -20.95 1.02 -11.88
N ALA B 219 -22.06 1.48 -12.43
CA ALA B 219 -23.17 0.57 -12.72
C ALA B 219 -23.01 -0.17 -14.05
N LEU B 220 -22.26 0.38 -15.00
CA LEU B 220 -22.29 -0.11 -16.39
C LEU B 220 -21.11 -1.00 -16.78
N PHE B 221 -19.90 -0.66 -16.38
CA PHE B 221 -18.70 -1.27 -16.93
C PHE B 221 -18.42 -2.66 -16.33
N GLY B 222 -18.11 -3.61 -17.19
CA GLY B 222 -17.65 -4.92 -16.76
C GLY B 222 -16.37 -5.30 -17.51
N ASP B 223 -15.87 -6.50 -17.19
CA ASP B 223 -14.60 -6.97 -17.70
C ASP B 223 -14.81 -8.03 -18.78
N GLY B 224 -13.92 -8.05 -19.76
CA GLY B 224 -14.00 -9.02 -20.82
C GLY B 224 -12.94 -8.85 -21.87
N ALA B 225 -12.60 -9.91 -22.58
CA ALA B 225 -11.69 -9.83 -23.71
C ALA B 225 -12.24 -10.64 -24.86
N SER B 226 -12.03 -10.14 -26.07
CA SER B 226 -12.42 -10.87 -27.26
C SER B 226 -11.28 -10.78 -28.28
N ALA B 227 -11.21 -11.81 -29.12
CA ALA B 227 -10.14 -11.94 -30.09
C ALA B 227 -10.74 -12.42 -31.40
N ILE B 228 -10.23 -11.91 -32.50
CA ILE B 228 -10.62 -12.39 -33.82
C ILE B 228 -9.38 -12.60 -34.66
N ILE B 229 -9.50 -13.49 -35.64
CA ILE B 229 -8.51 -13.65 -36.70
C ILE B 229 -9.09 -13.01 -37.95
N VAL B 230 -8.36 -12.07 -38.54
CA VAL B 230 -8.82 -11.38 -39.74
C VAL B 230 -7.83 -11.67 -40.86
N GLY B 231 -8.34 -12.10 -42.00
CA GLY B 231 -7.50 -12.31 -43.16
C GLY B 231 -8.29 -12.09 -44.42
N ALA B 232 -7.59 -11.69 -45.48
CA ALA B 232 -8.14 -11.71 -46.82
C ALA B 232 -7.79 -13.03 -47.49
N ASP B 233 -8.56 -13.38 -48.51
CA ASP B 233 -8.39 -14.58 -49.32
C ASP B 233 -8.40 -15.84 -48.45
N PRO B 234 -9.52 -16.17 -47.82
CA PRO B 234 -9.55 -17.37 -46.96
C PRO B 234 -9.16 -18.61 -47.75
N ILE B 235 -8.38 -19.47 -47.12
CA ILE B 235 -7.95 -20.71 -47.77
C ILE B 235 -9.15 -21.63 -47.89
N PRO B 236 -9.61 -21.96 -49.09
CA PRO B 236 -10.82 -22.77 -49.20
C PRO B 236 -10.65 -24.14 -48.55
N GLU B 237 -11.69 -24.58 -47.86
CA GLU B 237 -11.74 -25.87 -47.19
C GLU B 237 -10.74 -26.01 -46.05
N VAL B 238 -10.09 -24.91 -45.64
CA VAL B 238 -9.13 -24.93 -44.55
C VAL B 238 -9.54 -23.90 -43.51
N GLU B 239 -9.84 -22.69 -43.96
CA GLU B 239 -10.33 -21.63 -43.11
C GLU B 239 -11.81 -21.43 -43.39
N ARG B 240 -12.50 -20.76 -42.50
CA ARG B 240 -13.94 -20.59 -42.62
C ARG B 240 -14.29 -19.11 -42.43
N PRO B 241 -14.82 -18.45 -43.43
CA PRO B 241 -15.23 -17.05 -43.27
C PRO B 241 -16.49 -16.96 -42.42
N TRP B 242 -16.58 -15.86 -41.69
CA TRP B 242 -17.80 -15.54 -40.93
C TRP B 242 -18.36 -14.16 -41.23
N PHE B 243 -17.52 -13.14 -41.35
CA PHE B 243 -17.97 -11.81 -41.69
C PHE B 243 -16.91 -11.14 -42.54
N GLU B 244 -17.34 -10.25 -43.42
CA GLU B 244 -16.45 -9.54 -44.34
C GLU B 244 -16.54 -8.05 -44.03
N ILE B 245 -15.39 -7.37 -44.03
CA ILE B 245 -15.35 -5.92 -43.83
C ILE B 245 -15.32 -5.24 -45.19
N HIS B 246 -16.34 -4.45 -45.50
CA HIS B 246 -16.41 -3.78 -46.79
C HIS B 246 -16.30 -2.26 -46.72
N TYR B 247 -16.66 -1.63 -45.60
CA TYR B 247 -16.62 -0.18 -45.50
C TYR B 247 -16.37 0.25 -44.07
N VAL B 248 -15.55 1.29 -43.88
CA VAL B 248 -15.28 1.85 -42.57
C VAL B 248 -15.30 3.38 -42.66
N ALA B 249 -15.76 4.01 -41.59
CA ALA B 249 -15.80 5.47 -41.49
C ALA B 249 -15.69 5.85 -40.01
N SER B 250 -15.19 7.06 -39.77
CA SER B 250 -15.17 7.66 -38.45
C SER B 250 -15.76 9.06 -38.52
N ASN B 251 -16.46 9.45 -37.46
CA ASN B 251 -17.06 10.77 -37.41
C ASN B 251 -17.01 11.29 -35.98
N ILE B 252 -16.49 12.49 -35.81
CA ILE B 252 -16.69 13.25 -34.57
C ILE B 252 -18.04 13.96 -34.69
N LEU B 253 -18.99 13.58 -33.86
CA LEU B 253 -20.35 14.07 -34.04
C LEU B 253 -20.43 15.55 -33.68
N PRO B 254 -21.30 16.31 -34.35
CA PRO B 254 -21.39 17.75 -34.09
C PRO B 254 -21.80 18.03 -32.66
N ASP B 255 -21.37 19.18 -32.16
CA ASP B 255 -21.80 19.69 -30.85
C ASP B 255 -21.61 18.67 -29.74
N SER B 256 -20.44 18.01 -29.74
CA SER B 256 -20.15 16.95 -28.78
C SER B 256 -18.86 17.20 -28.01
N ASP B 257 -18.27 18.37 -28.17
CA ASP B 257 -17.05 18.71 -27.46
C ASP B 257 -17.27 18.56 -25.96
N GLY B 258 -16.51 17.67 -25.34
CA GLY B 258 -16.62 17.43 -23.92
C GLY B 258 -17.65 16.39 -23.51
N ALA B 259 -18.26 15.68 -24.46
CA ALA B 259 -19.35 14.77 -24.10
C ALA B 259 -18.88 13.66 -23.17
N ILE B 260 -17.76 13.04 -23.49
CA ILE B 260 -17.18 11.95 -22.71
C ILE B 260 -15.70 12.23 -22.60
N ASP B 261 -15.23 12.53 -21.40
CA ASP B 261 -13.82 12.72 -21.10
C ASP B 261 -13.35 11.63 -20.15
N GLY B 262 -12.12 11.19 -20.33
CA GLY B 262 -11.51 10.26 -19.39
C GLY B 262 -10.08 10.68 -19.11
N HIS B 263 -9.68 10.72 -17.84
CA HIS B 263 -8.34 11.17 -17.48
C HIS B 263 -7.64 10.15 -16.61
N LEU B 264 -6.37 9.88 -16.91
CA LEU B 264 -5.56 8.97 -16.12
C LEU B 264 -4.79 9.80 -15.10
N ARG B 265 -5.16 9.67 -13.84
CA ARG B 265 -4.69 10.48 -12.73
C ARG B 265 -4.09 9.57 -11.65
N GLU B 266 -3.50 10.20 -10.63
CA GLU B 266 -2.98 9.44 -9.50
C GLU B 266 -4.08 8.65 -8.79
N VAL B 267 -5.35 9.04 -8.96
CA VAL B 267 -6.46 8.30 -8.39
C VAL B 267 -6.98 7.20 -9.33
N GLY B 268 -6.34 6.99 -10.47
CA GLY B 268 -6.83 6.03 -11.45
C GLY B 268 -7.47 6.71 -12.64
N LEU B 269 -8.22 5.93 -13.41
CA LEU B 269 -8.91 6.46 -14.58
C LEU B 269 -10.25 7.04 -14.15
N THR B 270 -10.45 8.31 -14.44
CA THR B 270 -11.70 9.02 -14.17
C THR B 270 -12.59 8.99 -15.42
N PHE B 271 -13.86 9.29 -15.21
CA PHE B 271 -14.88 9.11 -16.24
C PHE B 271 -15.87 10.26 -16.05
N HIS B 272 -16.00 11.12 -17.06
CA HIS B 272 -16.79 12.34 -16.95
C HIS B 272 -17.74 12.42 -18.14
N LEU B 273 -19.03 12.66 -17.85
CA LEU B 273 -20.04 12.85 -18.87
C LEU B 273 -20.60 14.26 -18.73
N MET B 274 -20.50 15.07 -19.80
CA MET B 274 -20.88 16.46 -19.71
C MET B 274 -21.96 16.86 -20.72
N LYS B 275 -22.40 15.97 -21.59
CA LYS B 275 -23.50 16.28 -22.49
C LYS B 275 -24.41 15.06 -22.59
N ASP B 276 -25.52 15.20 -23.30
CA ASP B 276 -26.48 14.12 -23.50
C ASP B 276 -25.96 13.21 -24.59
N VAL B 277 -25.29 12.14 -24.18
CA VAL B 277 -24.65 11.24 -25.14
C VAL B 277 -25.67 10.49 -25.99
N PRO B 278 -26.72 9.88 -25.43
CA PRO B 278 -27.71 9.25 -26.31
C PRO B 278 -28.38 10.24 -27.26
N GLY B 279 -28.59 11.48 -26.82
CA GLY B 279 -29.18 12.47 -27.69
C GLY B 279 -28.30 12.76 -28.90
N ILE B 280 -27.01 13.01 -28.65
CA ILE B 280 -26.07 13.35 -29.73
C ILE B 280 -25.93 12.19 -30.71
N ILE B 281 -25.85 10.96 -30.21
CA ILE B 281 -25.74 9.81 -31.11
C ILE B 281 -26.99 9.67 -31.96
N SER B 282 -28.16 9.62 -31.30
CA SER B 282 -29.38 9.36 -32.07
C SER B 282 -29.70 10.51 -33.01
N LYS B 283 -29.31 11.74 -32.68
CA LYS B 283 -29.62 12.87 -33.56
C LYS B 283 -28.80 12.82 -34.85
N ASN B 284 -27.62 12.21 -34.81
CA ASN B 284 -26.69 12.25 -35.92
C ASN B 284 -26.49 10.91 -36.61
N ILE B 285 -26.96 9.81 -36.03
CA ILE B 285 -26.66 8.51 -36.61
C ILE B 285 -27.30 8.38 -37.99
N GLY B 286 -28.43 9.06 -38.21
CA GLY B 286 -29.08 8.97 -39.51
C GLY B 286 -28.20 9.48 -40.64
N THR B 287 -27.61 10.66 -40.46
CA THR B 287 -26.68 11.20 -41.44
C THR B 287 -25.50 10.27 -41.68
N VAL B 288 -24.90 9.75 -40.59
CA VAL B 288 -23.74 8.87 -40.72
C VAL B 288 -24.10 7.63 -41.55
N LEU B 289 -25.22 6.98 -41.24
CA LEU B 289 -25.50 5.72 -41.92
C LEU B 289 -25.99 5.94 -43.34
N LYS B 290 -26.66 7.06 -43.59
CA LYS B 290 -27.08 7.36 -44.95
C LYS B 290 -25.86 7.50 -45.85
N ASP B 291 -24.82 8.18 -45.35
CA ASP B 291 -23.61 8.34 -46.17
C ASP B 291 -22.90 7.01 -46.38
N ALA B 292 -22.81 6.18 -45.34
CA ALA B 292 -22.21 4.87 -45.49
C ALA B 292 -22.99 4.00 -46.48
N PHE B 293 -24.32 3.98 -46.34
CA PHE B 293 -25.13 3.15 -47.23
C PHE B 293 -25.03 3.63 -48.68
N GLU B 294 -24.90 4.94 -48.89
CA GLU B 294 -24.72 5.44 -50.25
C GLU B 294 -23.39 4.98 -50.82
N LYS B 295 -22.33 5.01 -50.01
CA LYS B 295 -21.02 4.58 -50.50
C LYS B 295 -20.97 3.09 -50.81
N VAL B 296 -21.70 2.28 -50.05
CA VAL B 296 -21.67 0.83 -50.25
C VAL B 296 -22.66 0.39 -51.32
N PHE B 297 -23.87 0.94 -51.33
CA PHE B 297 -24.93 0.42 -52.18
C PHE B 297 -25.31 1.33 -53.34
N GLY B 298 -24.86 2.59 -53.35
CA GLY B 298 -25.38 3.55 -54.31
C GLY B 298 -26.73 4.10 -53.88
N ASN B 299 -27.53 4.57 -54.85
CA ASN B 299 -28.85 5.12 -54.55
C ASN B 299 -29.94 4.62 -55.49
N GLU B 300 -29.73 3.66 -56.32
CA GLU B 300 -30.93 3.15 -56.93
C GLU B 300 -31.98 2.48 -56.04
N GLU B 301 -33.24 2.73 -56.34
CA GLU B 301 -34.31 2.22 -55.55
C GLU B 301 -34.34 0.74 -55.74
N GLY B 302 -34.50 0.03 -54.65
CA GLY B 302 -34.36 -1.40 -54.66
C GLY B 302 -32.99 -1.97 -54.41
N GLU B 303 -31.94 -1.18 -54.47
CA GLU B 303 -30.60 -1.73 -54.26
C GLU B 303 -30.09 -1.44 -52.84
N VAL B 304 -30.73 -0.51 -52.17
CA VAL B 304 -30.30 -0.04 -50.85
C VAL B 304 -31.19 -0.70 -49.81
N PRO B 305 -30.68 -1.64 -49.02
CA PRO B 305 -31.52 -2.23 -47.97
C PRO B 305 -31.93 -1.18 -46.95
N SER B 306 -33.12 -1.37 -46.38
CA SER B 306 -33.51 -0.56 -45.24
C SER B 306 -32.76 -1.01 -43.99
N TYR B 307 -32.82 -0.17 -42.96
CA TYR B 307 -32.16 -0.47 -41.69
C TYR B 307 -32.75 -1.71 -41.02
N ASN B 308 -34.01 -2.06 -41.30
CA ASN B 308 -34.55 -3.27 -40.72
C ASN B 308 -34.12 -4.53 -41.46
N ASP B 309 -33.49 -4.40 -42.61
CA ASP B 309 -33.07 -5.55 -43.40
C ASP B 309 -31.57 -5.76 -43.38
N VAL B 310 -30.87 -5.22 -42.38
CA VAL B 310 -29.47 -5.50 -42.15
C VAL B 310 -29.32 -5.94 -40.69
N PHE B 311 -28.26 -6.69 -40.39
CA PHE B 311 -28.01 -7.04 -38.99
C PHE B 311 -27.26 -5.91 -38.31
N TRP B 312 -27.41 -5.82 -36.99
CA TRP B 312 -26.89 -4.72 -36.19
C TRP B 312 -25.98 -5.24 -35.09
N ILE B 313 -24.80 -4.63 -35.00
CA ILE B 313 -23.86 -4.85 -33.91
C ILE B 313 -23.55 -3.46 -33.37
N ALA B 314 -24.25 -3.05 -32.32
CA ALA B 314 -24.11 -1.70 -31.80
C ALA B 314 -23.51 -1.75 -30.40
N HIS B 315 -22.48 -0.95 -30.17
CA HIS B 315 -21.86 -0.90 -28.86
C HIS B 315 -22.89 -0.47 -27.81
N PRO B 316 -23.15 -1.26 -26.84
CA PRO B 316 -24.18 -0.93 -25.84
C PRO B 316 -23.63 -0.07 -24.70
N GLY B 317 -23.20 1.15 -25.05
CA GLY B 317 -22.60 2.03 -24.06
C GLY B 317 -23.49 2.25 -22.86
N GLY B 318 -24.78 2.39 -23.10
CA GLY B 318 -25.79 2.23 -22.10
C GLY B 318 -27.06 1.83 -22.81
N PRO B 319 -28.07 1.37 -22.08
CA PRO B 319 -29.34 1.03 -22.74
C PRO B 319 -29.96 2.21 -23.46
N ALA B 320 -29.70 3.45 -23.03
CA ALA B 320 -30.39 4.60 -23.60
C ALA B 320 -29.89 4.93 -24.99
N ILE B 321 -28.63 4.65 -25.29
CA ILE B 321 -28.13 4.80 -26.66
C ILE B 321 -28.94 3.90 -27.60
N LEU B 322 -28.99 2.60 -27.29
CA LEU B 322 -29.72 1.67 -28.15
C LEU B 322 -31.19 2.07 -28.25
N ASP B 323 -31.79 2.51 -27.13
CA ASP B 323 -33.19 2.87 -27.11
C ASP B 323 -33.47 4.06 -28.02
N GLN B 324 -32.62 5.10 -27.94
CA GLN B 324 -32.90 6.31 -28.70
C GLN B 324 -32.52 6.16 -30.17
N VAL B 325 -31.50 5.37 -30.50
CA VAL B 325 -31.24 5.06 -31.91
C VAL B 325 -32.40 4.26 -32.48
N GLU B 326 -32.85 3.26 -31.72
CA GLU B 326 -34.00 2.47 -32.13
C GLU B 326 -35.21 3.37 -32.42
N GLN B 327 -35.49 4.31 -31.51
CA GLN B 327 -36.67 5.17 -31.72
C GLN B 327 -36.46 6.11 -32.89
N LYS B 328 -35.29 6.75 -32.98
CA LYS B 328 -35.09 7.73 -34.04
C LYS B 328 -35.14 7.08 -35.42
N LEU B 329 -34.55 5.90 -35.57
CA LEU B 329 -34.52 5.22 -36.87
C LEU B 329 -35.72 4.32 -37.09
N GLN B 330 -36.61 4.20 -36.10
CA GLN B 330 -37.81 3.36 -36.22
C GLN B 330 -37.45 1.92 -36.52
N LEU B 331 -36.45 1.38 -35.84
CA LEU B 331 -36.09 -0.01 -36.01
C LEU B 331 -37.12 -0.92 -35.34
N LYS B 332 -37.41 -2.07 -35.97
CA LYS B 332 -38.06 -3.16 -35.25
C LYS B 332 -37.26 -3.48 -34.00
N THR B 333 -37.97 -3.88 -32.94
CA THR B 333 -37.27 -4.10 -31.67
C THR B 333 -36.29 -5.27 -31.76
N GLU B 334 -36.45 -6.16 -32.74
CA GLU B 334 -35.51 -7.27 -32.82
C GLU B 334 -34.15 -6.87 -33.39
N LYS B 335 -34.03 -5.70 -34.01
CA LYS B 335 -32.73 -5.33 -34.58
C LYS B 335 -31.67 -5.21 -33.49
N MET B 336 -32.01 -4.56 -32.37
CA MET B 336 -31.06 -4.37 -31.30
C MET B 336 -30.98 -5.56 -30.36
N ALA B 337 -31.65 -6.67 -30.66
CA ALA B 337 -31.74 -7.77 -29.71
C ALA B 337 -30.37 -8.35 -29.37
N ALA B 338 -29.53 -8.58 -30.39
CA ALA B 338 -28.23 -9.19 -30.13
C ALA B 338 -27.36 -8.28 -29.26
N SER B 339 -27.39 -6.96 -29.52
CA SER B 339 -26.58 -6.04 -28.72
C SER B 339 -27.11 -5.95 -27.29
N ARG B 340 -28.44 -5.95 -27.13
CA ARG B 340 -29.01 -5.95 -25.79
C ARG B 340 -28.69 -7.24 -25.03
N GLN B 341 -28.61 -8.38 -25.73
CA GLN B 341 -28.33 -9.64 -25.05
C GLN B 341 -26.94 -9.64 -24.42
N VAL B 342 -25.94 -9.13 -25.15
CA VAL B 342 -24.58 -9.06 -24.60
C VAL B 342 -24.55 -8.08 -23.44
N LEU B 343 -25.24 -6.95 -23.56
CA LEU B 343 -25.30 -6.01 -22.44
C LEU B 343 -25.88 -6.69 -21.21
N SER B 344 -26.90 -7.52 -21.40
CA SER B 344 -27.54 -8.17 -20.27
C SER B 344 -26.60 -9.18 -19.63
N ASP B 345 -25.86 -9.93 -20.44
CA ASP B 345 -25.05 -11.03 -19.95
C ASP B 345 -23.68 -10.58 -19.44
N TYR B 346 -23.21 -9.39 -19.81
CA TYR B 346 -21.84 -8.99 -19.53
C TYR B 346 -21.63 -7.55 -19.10
N GLY B 347 -22.61 -6.65 -19.27
CA GLY B 347 -22.37 -5.24 -19.03
C GLY B 347 -21.60 -4.61 -20.18
N ASN B 348 -21.21 -3.35 -19.98
CA ASN B 348 -20.42 -2.59 -20.96
C ASN B 348 -18.95 -2.96 -20.82
N MET B 349 -18.44 -3.81 -21.72
CA MET B 349 -17.02 -4.18 -21.67
C MET B 349 -16.16 -3.31 -22.58
N SER B 350 -16.54 -2.05 -22.78
CA SER B 350 -15.80 -1.05 -23.55
C SER B 350 -15.45 -1.65 -24.92
N SER B 351 -14.19 -1.59 -25.37
CA SER B 351 -13.88 -1.93 -26.76
C SER B 351 -14.16 -3.39 -27.11
N ALA B 352 -14.24 -4.28 -26.12
CA ALA B 352 -14.47 -5.69 -26.41
C ALA B 352 -15.91 -6.01 -26.74
N CYS B 353 -16.85 -5.11 -26.40
CA CYS B 353 -18.27 -5.40 -26.50
C CYS B 353 -18.71 -5.88 -27.89
N VAL B 354 -18.37 -5.12 -28.95
CA VAL B 354 -18.96 -5.42 -30.25
C VAL B 354 -18.48 -6.77 -30.77
N LEU B 355 -17.29 -7.21 -30.37
CA LEU B 355 -16.83 -8.52 -30.80
C LEU B 355 -17.59 -9.64 -30.10
N PHE B 356 -17.93 -9.43 -28.82
CA PHE B 356 -18.86 -10.34 -28.15
C PHE B 356 -20.19 -10.42 -28.90
N ILE B 357 -20.71 -9.27 -29.33
CA ILE B 357 -21.98 -9.27 -30.05
C ILE B 357 -21.84 -9.99 -31.37
N MET B 358 -20.73 -9.78 -32.08
CA MET B 358 -20.51 -10.50 -33.31
C MET B 358 -20.50 -12.00 -33.09
N ASP B 359 -19.86 -12.45 -32.01
CA ASP B 359 -19.84 -13.88 -31.69
C ASP B 359 -21.23 -14.41 -31.39
N HIS B 360 -21.98 -13.69 -30.54
CA HIS B 360 -23.34 -14.10 -30.22
C HIS B 360 -24.21 -14.15 -31.48
N LEU B 361 -24.02 -13.18 -32.37
CA LEU B 361 -24.80 -13.12 -33.60
C LEU B 361 -24.60 -14.37 -34.46
N ARG B 362 -23.34 -14.74 -34.70
CA ARG B 362 -23.12 -15.90 -35.57
C ARG B 362 -23.56 -17.19 -34.87
N LYS B 363 -23.40 -17.27 -33.55
CA LYS B 363 -23.75 -18.50 -32.87
C LYS B 363 -25.26 -18.67 -32.79
N LYS B 364 -25.98 -17.59 -32.51
CA LYS B 364 -27.44 -17.66 -32.51
C LYS B 364 -27.98 -17.94 -33.92
N SER B 365 -27.33 -17.40 -34.95
CA SER B 365 -27.77 -17.66 -36.33
C SER B 365 -27.55 -19.12 -36.70
N VAL B 366 -26.47 -19.73 -36.23
CA VAL B 366 -26.23 -21.15 -36.46
C VAL B 366 -27.26 -21.98 -35.71
N GLU B 367 -27.49 -21.65 -34.43
CA GLU B 367 -28.40 -22.43 -33.59
C GLU B 367 -29.83 -22.38 -34.12
N GLN B 368 -30.29 -21.22 -34.55
CA GLN B 368 -31.64 -21.07 -35.10
C GLN B 368 -31.74 -21.50 -36.55
N LYS B 369 -30.65 -22.03 -37.12
CA LYS B 369 -30.59 -22.51 -38.51
C LYS B 369 -31.06 -21.43 -39.49
N LEU B 370 -30.49 -20.24 -39.33
CA LEU B 370 -30.81 -19.13 -40.21
C LEU B 370 -29.95 -19.17 -41.47
N ALA B 371 -30.35 -18.37 -42.46
CA ALA B 371 -29.74 -18.42 -43.78
C ALA B 371 -28.36 -17.76 -43.84
N THR B 372 -28.00 -16.91 -42.88
CA THR B 372 -26.66 -16.32 -42.84
C THR B 372 -26.16 -16.22 -41.41
N SER B 373 -24.87 -15.94 -41.29
CA SER B 373 -24.25 -15.71 -40.01
C SER B 373 -24.72 -14.40 -39.37
N GLY B 374 -25.40 -13.54 -40.12
CA GLY B 374 -25.99 -12.35 -39.57
C GLY B 374 -27.50 -12.37 -39.50
N GLU B 375 -28.07 -13.32 -38.76
CA GLU B 375 -29.51 -13.40 -38.54
C GLU B 375 -30.29 -13.53 -39.85
N GLY B 376 -29.67 -14.05 -40.89
CA GLY B 376 -30.35 -14.26 -42.16
C GLY B 376 -30.22 -13.11 -43.14
N TYR B 377 -29.55 -12.03 -42.77
CA TYR B 377 -29.34 -10.90 -43.65
C TYR B 377 -27.94 -10.92 -44.26
N GLU B 378 -27.83 -10.41 -45.49
CA GLU B 378 -26.55 -10.36 -46.16
C GLU B 378 -25.64 -9.28 -45.58
N TRP B 379 -26.18 -8.09 -45.36
CA TRP B 379 -25.40 -6.93 -44.98
C TRP B 379 -25.69 -6.54 -43.53
N GLY B 380 -24.72 -5.87 -42.91
CA GLY B 380 -24.89 -5.45 -41.54
C GLY B 380 -23.98 -4.31 -41.15
N LEU B 381 -24.17 -3.85 -39.92
CA LEU B 381 -23.47 -2.71 -39.35
C LEU B 381 -22.79 -3.12 -38.05
N LEU B 382 -21.60 -2.59 -37.84
CA LEU B 382 -20.98 -2.63 -36.54
C LEU B 382 -20.67 -1.19 -36.18
N LEU B 383 -21.09 -0.76 -34.98
CA LEU B 383 -20.96 0.62 -34.55
C LEU B 383 -20.29 0.71 -33.19
N GLY B 384 -19.30 1.59 -33.08
CA GLY B 384 -18.70 1.93 -31.80
C GLY B 384 -18.89 3.40 -31.50
N PHE B 385 -19.13 3.72 -30.23
CA PHE B 385 -19.28 5.09 -29.79
C PHE B 385 -18.40 5.32 -28.58
N GLY B 386 -17.79 6.49 -28.49
CA GLY B 386 -16.88 6.76 -27.40
C GLY B 386 -16.41 8.21 -27.37
N PRO B 387 -15.40 8.49 -26.56
CA PRO B 387 -14.92 9.87 -26.42
C PRO B 387 -14.65 10.53 -27.77
N GLY B 388 -15.10 11.77 -27.90
CA GLY B 388 -14.91 12.52 -29.13
C GLY B 388 -15.91 13.67 -29.35
N LEU B 389 -17.21 13.37 -29.41
CA LEU B 389 -17.77 12.04 -29.40
C LEU B 389 -17.50 11.34 -30.74
N THR B 390 -16.85 10.20 -30.68
CA THR B 390 -16.45 9.48 -31.88
C THR B 390 -17.44 8.37 -32.18
N CYS B 391 -17.90 8.33 -33.42
CA CYS B 391 -18.70 7.22 -33.93
C CYS B 391 -17.85 6.48 -34.95
N GLU B 392 -17.63 5.18 -34.73
CA GLU B 392 -16.96 4.34 -35.72
C GLU B 392 -18.02 3.47 -36.40
N THR B 393 -18.07 3.54 -37.74
CA THR B 393 -19.06 2.81 -38.53
C THR B 393 -18.35 1.77 -39.38
N VAL B 394 -18.83 0.53 -39.29
CA VAL B 394 -18.33 -0.56 -40.10
C VAL B 394 -19.52 -1.22 -40.80
N VAL B 395 -19.47 -1.29 -42.12
CA VAL B 395 -20.44 -2.09 -42.87
C VAL B 395 -19.80 -3.45 -43.12
N LEU B 396 -20.52 -4.50 -42.74
CA LEU B 396 -20.11 -5.89 -42.83
C LEU B 396 -20.98 -6.65 -43.83
N ARG B 397 -20.43 -7.73 -44.37
CA ARG B 397 -21.24 -8.76 -45.00
C ARG B 397 -21.12 -10.07 -44.22
N SER B 398 -22.23 -10.78 -44.09
CA SER B 398 -22.27 -12.09 -43.45
C SER B 398 -21.80 -13.16 -44.44
N VAL B 399 -21.91 -14.43 -44.03
CA VAL B 399 -21.70 -15.56 -44.94
C VAL B 399 -22.97 -16.40 -44.96
N PRO B 400 -23.27 -17.06 -46.09
CA PRO B 400 -24.43 -17.95 -46.13
C PRO B 400 -24.21 -19.21 -45.30
N LEU B 401 -25.30 -19.67 -44.70
CA LEU B 401 -25.33 -20.88 -43.90
C LEU B 401 -26.36 -21.85 -44.45
N ALA B 402 -26.10 -23.14 -44.31
CA ALA B 402 -27.06 -24.17 -44.71
C ALA B 402 -28.25 -24.19 -43.77
N ASN C 5 -16.66 -6.54 61.69
CA ASN C 5 -15.51 -7.39 61.99
C ASN C 5 -14.49 -7.32 60.86
N GLY C 6 -13.23 -7.09 61.21
CA GLY C 6 -12.18 -7.27 60.21
C GLY C 6 -11.63 -8.67 60.32
N ALA C 7 -12.54 -9.63 60.51
CA ALA C 7 -12.14 -11.00 60.77
C ALA C 7 -11.59 -11.66 59.52
N THR C 8 -10.73 -12.64 59.76
CA THR C 8 -9.91 -13.30 58.76
C THR C 8 -9.84 -14.78 59.13
N PHE C 9 -9.64 -15.65 58.13
CA PHE C 9 -9.34 -17.04 58.44
C PHE C 9 -7.98 -17.13 59.13
N PRO C 10 -7.71 -18.21 59.85
CA PRO C 10 -6.38 -18.36 60.46
C PRO C 10 -5.27 -18.19 59.43
N PRO C 11 -4.20 -17.48 59.79
CA PRO C 11 -3.12 -17.27 58.83
C PRO C 11 -2.53 -18.59 58.37
N CYS C 12 -2.06 -18.60 57.13
CA CYS C 12 -1.25 -19.68 56.60
C CYS C 12 0.09 -19.10 56.21
N ALA C 13 1.08 -19.98 56.08
CA ALA C 13 2.37 -19.55 55.58
C ALA C 13 2.22 -19.03 54.15
N ARG C 14 3.02 -18.03 53.79
CA ARG C 14 3.08 -17.48 52.44
C ARG C 14 3.13 -18.64 51.46
N LYS C 15 2.10 -18.77 50.61
CA LYS C 15 1.98 -19.96 49.76
C LYS C 15 3.00 -19.96 48.64
N MET C 16 3.41 -18.81 48.15
CA MET C 16 4.48 -18.68 47.17
C MET C 16 5.68 -18.09 47.89
N GLU C 17 6.69 -18.92 48.19
CA GLU C 17 7.80 -18.44 49.00
C GLU C 17 8.51 -17.26 48.36
N ARG C 18 8.94 -16.31 49.19
CA ARG C 18 9.65 -15.14 48.71
C ARG C 18 11.16 -15.34 48.88
N ALA C 19 11.91 -14.46 48.22
CA ALA C 19 13.36 -14.44 48.32
C ALA C 19 13.79 -13.48 49.42
N ASP C 20 15.05 -13.58 49.84
CA ASP C 20 15.52 -12.71 50.90
C ASP C 20 16.50 -11.63 50.47
N GLY C 21 17.28 -11.85 49.42
CA GLY C 21 18.26 -10.85 49.02
C GLY C 21 17.67 -9.79 48.10
N PRO C 22 18.47 -8.80 47.73
CA PRO C 22 18.01 -7.79 46.78
C PRO C 22 18.01 -8.31 45.35
N ALA C 23 17.08 -7.80 44.56
CA ALA C 23 17.05 -8.10 43.13
C ALA C 23 18.36 -7.69 42.48
N THR C 24 18.93 -8.60 41.67
CA THR C 24 20.28 -8.44 41.16
C THR C 24 20.32 -8.66 39.65
N VAL C 25 21.03 -7.79 38.95
CA VAL C 25 21.28 -7.98 37.53
C VAL C 25 22.35 -9.05 37.36
N LEU C 26 22.00 -10.13 36.66
CA LEU C 26 22.89 -11.28 36.51
C LEU C 26 23.48 -11.43 35.11
N ALA C 27 22.97 -10.69 34.13
CA ALA C 27 23.51 -10.72 32.77
C ALA C 27 22.88 -9.58 32.00
N ILE C 28 23.60 -9.12 30.97
CA ILE C 28 23.11 -8.06 30.09
C ILE C 28 23.48 -8.41 28.65
N GLY C 29 22.54 -8.27 27.74
CA GLY C 29 22.82 -8.40 26.31
C GLY C 29 22.13 -7.30 25.53
N THR C 30 22.74 -6.91 24.42
CA THR C 30 22.20 -5.86 23.57
C THR C 30 22.25 -6.28 22.10
N ALA C 31 21.47 -5.60 21.28
CA ALA C 31 21.44 -5.85 19.85
C ALA C 31 20.90 -4.61 19.13
N ASN C 32 21.33 -4.42 17.89
CA ASN C 32 20.87 -3.32 17.06
C ASN C 32 20.61 -3.82 15.65
N PRO C 33 19.73 -3.16 14.90
CA PRO C 33 19.53 -3.52 13.48
C PRO C 33 20.81 -3.30 12.68
N PRO C 34 20.91 -3.85 11.46
CA PRO C 34 22.20 -3.86 10.77
C PRO C 34 22.53 -2.61 9.97
N ASN C 35 21.60 -1.68 9.76
CA ASN C 35 21.85 -0.53 8.90
C ASN C 35 22.36 0.64 9.73
N VAL C 36 23.57 1.10 9.41
CA VAL C 36 24.28 2.14 10.16
C VAL C 36 24.12 3.48 9.46
N PHE C 37 23.81 4.52 10.24
CA PHE C 37 23.62 5.86 9.70
C PHE C 37 24.61 6.80 10.38
N ASP C 38 25.59 7.28 9.61
CA ASP C 38 26.48 8.32 10.13
C ASP C 38 25.68 9.60 10.35
N GLN C 39 25.82 10.18 11.54
CA GLN C 39 25.01 11.35 11.85
C GLN C 39 25.44 12.56 11.04
N SER C 40 26.73 12.68 10.70
CA SER C 40 27.22 13.87 10.03
C SER C 40 26.53 14.06 8.68
N THR C 41 26.18 12.96 8.01
CA THR C 41 25.57 13.00 6.69
C THR C 41 24.13 12.47 6.69
N TYR C 42 23.56 12.22 7.87
CA TYR C 42 22.14 11.88 7.93
C TYR C 42 21.25 12.94 7.30
N PRO C 43 21.49 14.24 7.47
CA PRO C 43 20.63 15.21 6.77
C PRO C 43 20.58 14.98 5.27
N ASP C 44 21.71 14.65 4.64
CA ASP C 44 21.70 14.40 3.20
C ASP C 44 20.76 13.24 2.88
N PHE C 45 20.90 12.12 3.60
CA PHE C 45 20.06 10.97 3.36
C PHE C 45 18.60 11.28 3.62
N TYR C 46 18.33 11.98 4.72
CA TYR C 46 16.97 12.19 5.17
C TYR C 46 16.21 13.10 4.21
N PHE C 47 16.83 14.19 3.77
CA PHE C 47 16.14 15.08 2.85
C PHE C 47 16.06 14.48 1.45
N ASN C 48 17.02 13.65 1.05
CA ASN C 48 16.87 12.91 -0.21
C ASN C 48 15.66 12.01 -0.16
N ILE C 49 15.62 11.09 0.82
CA ILE C 49 14.62 10.03 0.80
C ILE C 49 13.22 10.56 1.06
N THR C 50 13.08 11.70 1.74
CA THR C 50 11.78 12.32 1.92
C THR C 50 11.46 13.32 0.83
N ASN C 51 12.26 13.35 -0.23
CA ASN C 51 12.00 14.19 -1.41
C ASN C 51 11.83 15.66 -1.00
N SER C 52 12.76 16.14 -0.18
CA SER C 52 12.62 17.44 0.45
C SER C 52 13.79 18.35 0.16
N ASN C 53 14.60 18.04 -0.85
CA ASN C 53 15.81 18.81 -1.12
C ASN C 53 15.50 20.26 -1.48
N HIS C 54 14.28 20.59 -1.90
CA HIS C 54 13.95 21.98 -2.16
C HIS C 54 13.79 22.79 -0.87
N MET C 55 13.73 22.14 0.28
CA MET C 55 13.58 22.85 1.55
C MET C 55 14.97 23.19 2.10
N THR C 56 15.65 24.11 1.41
CA THR C 56 17.07 24.33 1.69
C THR C 56 17.29 24.92 3.07
N ASP C 57 16.44 25.87 3.49
CA ASP C 57 16.57 26.43 4.83
C ASP C 57 16.33 25.37 5.89
N LEU C 58 15.30 24.54 5.70
CA LEU C 58 14.98 23.53 6.72
C LEU C 58 16.10 22.49 6.81
N LYS C 59 16.75 22.17 5.70
CA LYS C 59 17.86 21.22 5.76
C LYS C 59 19.02 21.78 6.58
N THR C 60 19.28 23.09 6.45
CA THR C 60 20.33 23.72 7.24
C THR C 60 20.04 23.61 8.74
N LYS C 61 18.80 23.92 9.13
CA LYS C 61 18.41 23.73 10.53
C LYS C 61 18.58 22.28 10.96
N PHE C 62 18.23 21.33 10.10
CA PHE C 62 18.36 19.93 10.47
C PHE C 62 19.83 19.53 10.55
N GLN C 63 20.69 20.09 9.70
CA GLN C 63 22.11 19.84 9.85
C GLN C 63 22.62 20.37 11.19
N ARG C 64 22.11 21.52 11.62
CA ARG C 64 22.49 22.04 12.94
C ARG C 64 22.01 21.10 14.05
N MET C 65 20.76 20.67 13.99
CA MET C 65 20.25 19.74 15.01
C MET C 65 21.12 18.48 15.08
N CYS C 66 21.44 17.91 13.93
CA CYS C 66 22.27 16.71 13.94
C CYS C 66 23.67 17.01 14.49
N ASP C 67 24.29 18.11 14.04
CA ASP C 67 25.64 18.45 14.49
C ASP C 67 25.70 18.67 16.00
N LYS C 68 24.62 19.15 16.60
CA LYS C 68 24.59 19.47 18.03
C LYS C 68 23.96 18.36 18.88
N SER C 69 23.69 17.20 18.29
CA SER C 69 22.92 16.16 18.95
C SER C 69 23.75 15.28 19.87
N GLY C 70 25.09 15.36 19.82
CA GLY C 70 25.90 14.45 20.61
C GLY C 70 25.93 13.03 20.08
N ILE C 71 25.41 12.79 18.88
CA ILE C 71 25.31 11.47 18.29
C ILE C 71 26.29 11.38 17.13
N THR C 72 27.02 10.28 17.07
CA THR C 72 27.94 9.99 15.97
C THR C 72 27.33 9.05 14.94
N LYS C 73 26.57 8.04 15.40
CA LYS C 73 25.89 7.14 14.49
C LYS C 73 24.65 6.56 15.18
N ARG C 74 23.76 6.01 14.37
CA ARG C 74 22.55 5.33 14.81
C ARG C 74 22.34 4.08 13.97
N TYR C 75 21.68 3.09 14.55
CA TYR C 75 21.27 1.88 13.84
C TYR C 75 19.76 1.92 13.63
N MET C 76 19.31 1.51 12.45
CA MET C 76 17.88 1.49 12.17
C MET C 76 17.49 0.23 11.40
N TYR C 77 16.30 -0.26 11.68
CA TYR C 77 15.70 -1.28 10.84
C TYR C 77 15.42 -0.72 9.45
N LEU C 78 15.00 0.53 9.36
CA LEU C 78 14.72 1.13 8.06
C LEU C 78 15.99 1.28 7.24
N ASN C 79 15.81 1.24 5.92
CA ASN C 79 16.86 1.58 4.97
C ASN C 79 16.21 2.19 3.74
N GLU C 80 17.05 2.52 2.75
CA GLU C 80 16.57 3.22 1.57
C GLU C 80 15.52 2.40 0.82
N GLU C 81 15.75 1.10 0.69
CA GLU C 81 14.84 0.24 -0.07
C GLU C 81 13.47 0.14 0.61
N ILE C 82 13.45 -0.04 1.93
CA ILE C 82 12.18 -0.10 2.64
C ILE C 82 11.46 1.23 2.54
N LEU C 83 12.19 2.33 2.69
CA LEU C 83 11.55 3.63 2.65
C LEU C 83 10.99 3.93 1.28
N LYS C 84 11.73 3.59 0.22
CA LYS C 84 11.24 3.88 -1.12
C LYS C 84 9.98 3.09 -1.45
N ALA C 85 9.88 1.85 -0.95
CA ALA C 85 8.68 1.06 -1.11
C ALA C 85 7.51 1.53 -0.24
N ASN C 86 7.72 2.51 0.63
CA ASN C 86 6.65 3.01 1.50
C ASN C 86 6.64 4.53 1.51
N PRO C 87 6.16 5.14 0.42
CA PRO C 87 6.17 6.61 0.35
C PRO C 87 5.32 7.28 1.42
N ASN C 88 4.28 6.60 1.94
CA ASN C 88 3.46 7.21 2.98
C ASN C 88 4.24 7.41 4.28
N MET C 89 5.29 6.61 4.51
CA MET C 89 6.19 6.86 5.63
C MET C 89 7.22 7.94 5.34
N CYS C 90 7.49 8.23 4.07
CA CYS C 90 8.42 9.30 3.74
C CYS C 90 7.76 10.68 3.79
N ALA C 91 6.45 10.75 3.65
CA ALA C 91 5.76 12.01 3.81
C ALA C 91 5.73 12.43 5.28
N TYR C 92 5.48 13.70 5.50
CA TYR C 92 5.30 14.16 6.88
C TYR C 92 4.01 13.61 7.49
N TRP C 93 2.91 13.58 6.73
CA TRP C 93 1.63 13.34 7.40
C TRP C 93 0.69 12.57 6.47
N GLU C 94 1.04 11.33 6.16
CA GLU C 94 0.15 10.46 5.41
C GLU C 94 -0.17 9.21 6.22
N LYS C 95 -1.36 8.71 6.01
CA LYS C 95 -1.80 7.50 6.63
C LYS C 95 -0.83 6.35 6.39
N SER C 96 -0.38 5.76 7.48
CA SER C 96 0.73 4.85 7.45
C SER C 96 0.62 3.72 8.48
N LEU C 97 0.01 3.99 9.60
CA LEU C 97 0.09 3.10 10.73
C LEU C 97 0.14 1.62 10.34
N ASP C 98 -0.70 1.25 9.38
CA ASP C 98 -0.80 -0.16 9.04
C ASP C 98 0.55 -0.71 8.57
N VAL C 99 1.25 0.00 7.68
CA VAL C 99 2.53 -0.54 7.24
C VAL C 99 3.57 -0.44 8.35
N ARG C 100 3.50 0.60 9.18
CA ARG C 100 4.43 0.69 10.31
C ARG C 100 4.22 -0.46 11.29
N GLN C 101 2.94 -0.74 11.61
CA GLN C 101 2.60 -1.88 12.45
C GLN C 101 3.08 -3.19 11.84
N ASP C 102 2.83 -3.39 10.53
CA ASP C 102 3.29 -4.61 9.88
C ASP C 102 4.79 -4.83 10.13
N MET C 103 5.57 -3.75 10.13
CA MET C 103 7.00 -3.87 10.37
C MET C 103 7.29 -4.19 11.84
N VAL C 104 6.79 -3.36 12.76
CA VAL C 104 7.28 -3.43 14.13
C VAL C 104 6.69 -4.59 14.92
N VAL C 105 5.49 -5.06 14.58
CA VAL C 105 4.95 -6.20 15.31
C VAL C 105 5.83 -7.43 15.08
N VAL C 106 6.53 -7.48 13.95
CA VAL C 106 7.47 -8.56 13.70
C VAL C 106 8.87 -8.22 14.19
N GLU C 107 9.34 -7.01 13.92
CA GLU C 107 10.74 -6.73 14.14
C GLU C 107 11.09 -6.39 15.59
N VAL C 108 10.16 -5.90 16.41
CA VAL C 108 10.62 -5.57 17.76
C VAL C 108 10.84 -6.85 18.57
N PRO C 109 9.98 -7.89 18.52
CA PRO C 109 10.37 -9.12 19.23
C PRO C 109 11.55 -9.82 18.60
N LYS C 110 11.72 -9.71 17.28
CA LYS C 110 12.89 -10.27 16.63
C LYS C 110 14.17 -9.69 17.21
N LEU C 111 14.23 -8.36 17.28
CA LEU C 111 15.41 -7.70 17.85
C LEU C 111 15.54 -8.00 19.34
N GLY C 112 14.42 -8.01 20.06
CA GLY C 112 14.46 -8.39 21.45
C GLY C 112 15.03 -9.78 21.65
N LYS C 113 14.66 -10.72 20.77
CA LYS C 113 15.20 -12.07 20.87
C LYS C 113 16.72 -12.07 20.72
N GLU C 114 17.25 -11.26 19.80
CA GLU C 114 18.69 -11.21 19.62
C GLU C 114 19.38 -10.76 20.91
N ALA C 115 18.81 -9.75 21.57
CA ALA C 115 19.43 -9.29 22.80
C ALA C 115 19.29 -10.35 23.89
N ALA C 116 18.13 -11.01 23.94
CA ALA C 116 17.87 -11.99 25.00
C ALA C 116 18.77 -13.21 24.87
N THR C 117 18.99 -13.68 23.63
CA THR C 117 19.89 -14.80 23.42
C THR C 117 21.27 -14.51 23.99
N LYS C 118 21.78 -13.29 23.79
CA LYS C 118 23.08 -12.92 24.32
C LYS C 118 23.09 -12.88 25.84
N ALA C 119 22.04 -12.31 26.45
CA ALA C 119 21.95 -12.28 27.90
C ALA C 119 21.89 -13.69 28.48
N ILE C 120 21.09 -14.56 27.87
CA ILE C 120 20.96 -15.92 28.35
C ILE C 120 22.28 -16.69 28.22
N LYS C 121 23.01 -16.47 27.12
CA LYS C 121 24.31 -17.12 26.97
C LYS C 121 25.25 -16.70 28.08
N GLU C 122 25.31 -15.39 28.36
CA GLU C 122 26.19 -14.90 29.41
C GLU C 122 25.78 -15.48 30.76
N TRP C 123 24.49 -15.38 31.08
CA TRP C 123 23.94 -15.98 32.29
C TRP C 123 24.41 -17.42 32.46
N GLY C 124 24.38 -18.19 31.38
CA GLY C 124 24.89 -19.54 31.42
C GLY C 124 23.93 -20.59 31.94
N GLN C 125 22.72 -20.21 32.31
CA GLN C 125 21.72 -21.14 32.80
C GLN C 125 20.76 -21.50 31.69
N PRO C 126 20.10 -22.65 31.77
CA PRO C 126 19.15 -23.03 30.71
C PRO C 126 17.94 -22.10 30.69
N LYS C 127 17.43 -21.83 29.48
CA LYS C 127 16.27 -20.99 29.22
C LYS C 127 15.09 -21.35 30.10
N SER C 128 14.93 -22.65 30.39
CA SER C 128 13.78 -23.10 31.16
C SER C 128 13.78 -22.55 32.58
N LYS C 129 14.90 -21.98 33.05
CA LYS C 129 14.95 -21.40 34.39
C LYS C 129 14.35 -20.01 34.45
N ILE C 130 14.06 -19.38 33.31
CA ILE C 130 13.36 -18.10 33.30
C ILE C 130 11.91 -18.33 33.72
N THR C 131 11.46 -17.62 34.75
CA THR C 131 10.10 -17.73 35.27
C THR C 131 9.22 -16.56 34.90
N HIS C 132 9.79 -15.40 34.60
CA HIS C 132 9.06 -14.17 34.32
C HIS C 132 9.66 -13.53 33.08
N VAL C 133 8.80 -12.90 32.28
CA VAL C 133 9.20 -12.08 31.14
C VAL C 133 8.57 -10.70 31.29
N VAL C 134 9.40 -9.66 31.21
CA VAL C 134 8.93 -8.29 31.13
C VAL C 134 9.39 -7.75 29.79
N PHE C 135 8.44 -7.38 28.94
CA PHE C 135 8.76 -6.82 27.64
C PHE C 135 8.29 -5.38 27.60
N CYS C 136 9.18 -4.49 27.17
CA CYS C 136 8.89 -3.07 27.11
C CYS C 136 9.21 -2.53 25.72
N THR C 137 8.22 -1.89 25.09
CA THR C 137 8.44 -1.21 23.82
C THR C 137 7.49 -0.02 23.70
N THR C 138 7.91 0.97 22.93
CA THR C 138 7.05 2.07 22.49
C THR C 138 6.77 2.00 21.00
N SER C 139 7.13 0.90 20.35
CA SER C 139 7.09 0.73 18.91
C SER C 139 6.06 -0.34 18.56
N GLY C 140 4.81 0.08 18.41
CA GLY C 140 3.76 -0.80 17.95
C GLY C 140 3.05 -1.50 19.10
N VAL C 141 1.88 -2.04 18.80
CA VAL C 141 1.13 -2.88 19.73
C VAL C 141 0.47 -4.01 18.95
N ASP C 142 0.17 -5.10 19.65
CA ASP C 142 -0.47 -6.25 19.04
C ASP C 142 -1.00 -7.17 20.14
N MET C 143 -1.92 -8.06 19.77
CA MET C 143 -2.45 -9.06 20.68
C MET C 143 -2.44 -10.43 20.00
N PRO C 144 -1.77 -11.44 20.58
CA PRO C 144 -0.92 -11.39 21.78
C PRO C 144 0.23 -10.40 21.58
N GLY C 145 0.81 -9.92 22.67
CA GLY C 145 1.84 -8.91 22.59
C GLY C 145 3.21 -9.45 22.19
N ALA C 146 4.17 -8.53 22.09
CA ALA C 146 5.56 -8.88 21.88
C ALA C 146 6.10 -9.82 22.96
N ASP C 147 5.52 -9.76 24.16
CA ASP C 147 5.96 -10.65 25.23
C ASP C 147 5.69 -12.09 24.87
N TRP C 148 4.48 -12.36 24.38
CA TRP C 148 4.13 -13.68 23.87
C TRP C 148 5.00 -14.06 22.68
N ALA C 149 5.17 -13.13 21.74
CA ALA C 149 6.01 -13.37 20.57
C ALA C 149 7.42 -13.75 20.98
N LEU C 150 7.99 -13.01 21.94
CA LEU C 150 9.34 -13.33 22.39
C LEU C 150 9.38 -14.71 23.04
N THR C 151 8.36 -15.02 23.85
CA THR C 151 8.27 -16.33 24.48
C THR C 151 8.33 -17.44 23.44
N LYS C 152 7.58 -17.27 22.34
CA LYS C 152 7.58 -18.27 21.27
C LYS C 152 8.92 -18.32 20.56
N LEU C 153 9.50 -17.16 20.24
CA LEU C 153 10.76 -17.13 19.49
C LEU C 153 11.89 -17.79 20.28
N LEU C 154 11.94 -17.57 21.60
CA LEU C 154 12.99 -18.14 22.42
C LEU C 154 12.71 -19.57 22.85
N GLY C 155 11.46 -20.01 22.78
CA GLY C 155 11.11 -21.31 23.29
C GLY C 155 11.13 -21.38 24.80
N LEU C 156 10.72 -20.31 25.48
CA LEU C 156 10.58 -20.37 26.93
C LEU C 156 9.39 -21.27 27.31
N ARG C 157 9.33 -21.60 28.60
CA ARG C 157 8.24 -22.42 29.13
C ARG C 157 6.91 -21.72 28.92
N PRO C 158 5.87 -22.45 28.50
CA PRO C 158 4.55 -21.82 28.30
C PRO C 158 3.95 -21.24 29.57
N SER C 159 4.52 -21.54 30.73
CA SER C 159 4.01 -21.02 32.00
C SER C 159 4.81 -19.83 32.53
N VAL C 160 5.64 -19.18 31.69
CA VAL C 160 6.31 -17.96 32.15
C VAL C 160 5.26 -16.92 32.48
N LYS C 161 5.52 -16.12 33.50
CA LYS C 161 4.61 -15.07 33.93
C LYS C 161 5.02 -13.79 33.21
N ARG C 162 4.18 -13.31 32.30
CA ARG C 162 4.56 -12.23 31.42
C ARG C 162 3.94 -10.90 31.86
N LEU C 163 4.66 -9.81 31.59
CA LEU C 163 4.16 -8.46 31.75
C LEU C 163 4.54 -7.68 30.51
N MET C 164 3.55 -7.12 29.85
CA MET C 164 3.71 -6.46 28.56
C MET C 164 3.56 -4.97 28.79
N MET C 165 4.64 -4.23 28.61
CA MET C 165 4.64 -2.79 28.81
C MET C 165 4.69 -2.11 27.45
N TYR C 166 3.55 -1.62 27.00
CA TYR C 166 3.40 -0.97 25.70
C TYR C 166 3.29 0.53 25.86
N GLN C 167 3.83 1.25 24.87
CA GLN C 167 3.56 2.67 24.66
C GLN C 167 3.98 3.54 25.85
N GLN C 168 5.11 3.22 26.47
CA GLN C 168 5.40 3.95 27.69
C GLN C 168 6.36 5.12 27.47
N GLY C 169 7.32 4.96 26.59
CA GLY C 169 8.22 6.06 26.30
C GLY C 169 9.55 5.96 27.02
N CYS C 170 10.24 7.10 27.05
CA CYS C 170 11.65 7.11 27.34
C CYS C 170 11.98 6.85 28.81
N PHE C 171 11.04 6.94 29.73
CA PHE C 171 11.38 6.69 31.13
C PHE C 171 11.37 5.21 31.50
N ALA C 172 10.87 4.34 30.61
CA ALA C 172 10.50 2.98 30.98
C ALA C 172 11.69 2.06 31.19
N GLY C 173 12.90 2.47 30.82
CA GLY C 173 14.07 1.76 31.27
C GLY C 173 14.14 1.73 32.79
N GLY C 174 13.79 2.85 33.44
CA GLY C 174 13.68 2.84 34.88
C GLY C 174 12.51 2.02 35.37
N THR C 175 11.37 2.10 34.68
CA THR C 175 10.18 1.36 35.11
C THR C 175 10.43 -0.14 35.16
N VAL C 176 11.08 -0.71 34.13
CA VAL C 176 11.26 -2.16 34.10
C VAL C 176 12.17 -2.60 35.23
N MET C 177 13.14 -1.76 35.63
CA MET C 177 13.94 -2.08 36.81
C MET C 177 13.06 -2.15 38.05
N ARG C 178 12.16 -1.18 38.18
CA ARG C 178 11.24 -1.13 39.31
C ARG C 178 10.29 -2.32 39.32
N VAL C 179 9.80 -2.74 38.14
CA VAL C 179 8.93 -3.91 38.04
C VAL C 179 9.67 -5.19 38.39
N ALA C 180 10.84 -5.38 37.77
CA ALA C 180 11.62 -6.60 38.01
C ALA C 180 12.04 -6.72 39.47
N LYS C 181 12.24 -5.60 40.16
CA LYS C 181 12.63 -5.66 41.57
C LYS C 181 11.61 -6.45 42.38
N ASP C 182 10.33 -6.11 42.26
CA ASP C 182 9.32 -6.77 43.09
C ASP C 182 9.08 -8.21 42.65
N LEU C 183 9.12 -8.47 41.33
CA LEU C 183 8.98 -9.83 40.85
C LEU C 183 10.06 -10.73 41.43
N ALA C 184 11.31 -10.28 41.35
CA ALA C 184 12.43 -11.12 41.79
C ALA C 184 12.44 -11.29 43.31
N GLU C 185 12.17 -10.23 44.05
CA GLU C 185 12.31 -10.30 45.49
C GLU C 185 11.17 -11.06 46.14
N ASN C 186 9.96 -10.94 45.61
CA ASN C 186 8.80 -11.58 46.22
C ASN C 186 8.61 -13.03 45.81
N ASN C 187 9.51 -13.60 45.00
CA ASN C 187 9.33 -14.94 44.48
C ASN C 187 10.66 -15.69 44.51
N LYS C 188 10.79 -16.63 45.45
CA LYS C 188 11.99 -17.44 45.55
C LYS C 188 12.21 -18.23 44.27
N GLY C 189 13.43 -18.20 43.75
CA GLY C 189 13.77 -18.88 42.54
C GLY C 189 13.42 -18.13 41.27
N ALA C 190 12.70 -17.02 41.35
CA ALA C 190 12.28 -16.36 40.13
C ALA C 190 13.49 -15.78 39.40
N ARG C 191 13.49 -15.94 38.08
CA ARG C 191 14.52 -15.37 37.22
C ARG C 191 13.80 -14.63 36.11
N VAL C 192 13.98 -13.31 36.07
CA VAL C 192 13.17 -12.42 35.27
C VAL C 192 13.95 -12.01 34.03
N LEU C 193 13.41 -12.31 32.86
CA LEU C 193 13.97 -11.82 31.61
C LEU C 193 13.29 -10.50 31.29
N VAL C 194 14.07 -9.41 31.28
CA VAL C 194 13.58 -8.08 30.96
C VAL C 194 14.12 -7.70 29.60
N VAL C 195 13.25 -7.34 28.67
CA VAL C 195 13.66 -6.98 27.32
C VAL C 195 13.04 -5.64 26.96
N CYS C 196 13.88 -4.67 26.59
CA CYS C 196 13.44 -3.40 26.01
C CYS C 196 13.88 -3.37 24.55
N SER C 197 12.94 -3.11 23.64
CA SER C 197 13.19 -3.15 22.20
C SER C 197 12.46 -2.00 21.54
N GLU C 198 13.19 -1.15 20.82
CA GLU C 198 12.65 0.08 20.26
C GLU C 198 13.09 0.21 18.80
N LEU C 199 12.14 0.53 17.91
CA LEU C 199 12.41 0.80 16.51
C LEU C 199 11.74 2.11 16.09
N THR C 200 12.47 2.93 15.34
CA THR C 200 11.99 4.20 14.83
C THR C 200 11.00 4.07 13.69
N ALA C 201 10.70 2.85 13.24
CA ALA C 201 9.78 2.67 12.13
C ALA C 201 8.41 3.26 12.42
N VAL C 202 8.02 3.34 13.71
CA VAL C 202 6.74 3.93 14.06
C VAL C 202 6.78 5.46 14.03
N THR C 203 7.94 6.08 14.17
CA THR C 203 8.01 7.55 14.26
C THR C 203 8.62 8.22 13.05
N PHE C 204 9.35 7.49 12.21
CA PHE C 204 9.98 8.09 11.05
C PHE C 204 8.93 8.78 10.17
N ARG C 205 9.20 10.02 9.82
CA ARG C 205 8.33 10.72 8.88
C ARG C 205 9.09 11.89 8.29
N GLY C 206 8.58 12.41 7.17
CA GLY C 206 9.20 13.52 6.49
C GLY C 206 9.15 14.82 7.26
N PRO C 207 9.83 15.85 6.77
CA PRO C 207 9.97 17.10 7.50
C PRO C 207 8.87 18.09 7.20
N SER C 208 8.59 18.94 8.18
CA SER C 208 7.59 19.99 8.07
C SER C 208 8.15 21.26 8.67
N GLU C 209 8.01 22.36 7.94
CA GLU C 209 8.54 23.65 8.39
C GLU C 209 7.89 24.12 9.69
N THR C 210 6.69 23.65 10.00
CA THR C 210 5.98 24.14 11.17
C THR C 210 6.04 23.18 12.34
N HIS C 211 6.83 22.09 12.24
CA HIS C 211 6.91 21.12 13.33
C HIS C 211 8.38 20.77 13.54
N LEU C 212 9.09 21.68 14.22
CA LEU C 212 10.51 21.47 14.48
C LEU C 212 10.73 20.51 15.63
N ASP C 213 9.75 20.34 16.53
CA ASP C 213 9.94 19.33 17.55
C ASP C 213 9.87 17.93 16.95
N SER C 214 9.00 17.72 15.96
CA SER C 214 9.03 16.43 15.26
C SER C 214 10.34 16.25 14.53
N LEU C 215 10.92 17.34 14.03
CA LEU C 215 12.21 17.23 13.34
C LEU C 215 13.32 16.84 14.31
N VAL C 216 13.31 17.40 15.51
CA VAL C 216 14.32 17.03 16.50
C VAL C 216 14.28 15.53 16.74
N GLY C 217 13.08 14.96 16.79
CA GLY C 217 12.96 13.52 16.95
C GLY C 217 13.66 12.76 15.85
N GLN C 218 13.56 13.25 14.61
CA GLN C 218 14.23 12.60 13.49
C GLN C 218 15.74 12.65 13.60
N ALA C 219 16.27 13.62 14.34
CA ALA C 219 17.71 13.67 14.58
C ALA C 219 18.16 12.82 15.76
N LEU C 220 17.28 12.50 16.70
CA LEU C 220 17.72 11.89 17.96
C LEU C 220 17.51 10.38 18.04
N PHE C 221 16.39 9.85 17.54
CA PHE C 221 15.97 8.49 17.88
C PHE C 221 16.64 7.43 17.00
N GLY C 222 17.14 6.38 17.64
CA GLY C 222 17.71 5.24 16.96
C GLY C 222 17.15 3.94 17.52
N ASP C 223 17.55 2.85 16.89
CA ASP C 223 17.00 1.53 17.19
C ASP C 223 17.93 0.74 18.08
N GLY C 224 17.35 -0.07 18.96
CA GLY C 224 18.14 -0.97 19.75
C GLY C 224 17.25 -1.81 20.65
N ALA C 225 17.83 -2.91 21.12
CA ALA C 225 17.19 -3.71 22.15
C ALA C 225 18.22 -4.10 23.18
N SER C 226 17.80 -4.13 24.44
CA SER C 226 18.65 -4.60 25.51
C SER C 226 17.86 -5.60 26.34
N ALA C 227 18.58 -6.53 26.95
CA ALA C 227 17.95 -7.57 27.76
C ALA C 227 18.79 -7.83 28.99
N ILE C 228 18.12 -8.05 30.13
CA ILE C 228 18.81 -8.38 31.37
C ILE C 228 18.07 -9.52 32.04
N ILE C 229 18.81 -10.27 32.85
CA ILE C 229 18.28 -11.31 33.71
C ILE C 229 18.37 -10.79 35.14
N VAL C 230 17.23 -10.73 35.83
CA VAL C 230 17.16 -10.24 37.19
C VAL C 230 16.70 -11.37 38.11
N GLY C 231 17.43 -11.56 39.22
CA GLY C 231 16.98 -12.49 40.24
C GLY C 231 17.54 -12.08 41.59
N ALA C 232 16.88 -12.55 42.65
CA ALA C 232 17.40 -12.44 44.00
C ALA C 232 18.08 -13.75 44.39
N ASP C 233 18.96 -13.66 45.39
CA ASP C 233 19.69 -14.81 45.92
C ASP C 233 20.45 -15.55 44.83
N PRO C 234 21.44 -14.91 44.20
CA PRO C 234 22.22 -15.57 43.15
C PRO C 234 22.87 -16.85 43.65
N ILE C 235 22.91 -17.85 42.78
CA ILE C 235 23.44 -19.15 43.16
C ILE C 235 24.96 -19.06 43.22
N PRO C 236 25.58 -19.30 44.37
CA PRO C 236 27.04 -19.20 44.46
C PRO C 236 27.73 -20.18 43.53
N GLU C 237 28.81 -19.70 42.92
CA GLU C 237 29.63 -20.41 41.95
C GLU C 237 28.87 -20.79 40.67
N VAL C 238 27.69 -20.23 40.44
CA VAL C 238 26.94 -20.57 39.24
C VAL C 238 26.58 -19.30 38.49
N GLU C 239 25.89 -18.38 39.17
CA GLU C 239 25.49 -17.10 38.61
C GLU C 239 26.44 -16.00 39.07
N ARG C 240 26.45 -14.91 38.34
CA ARG C 240 27.39 -13.82 38.60
C ARG C 240 26.65 -12.50 38.76
N PRO C 241 26.63 -11.92 39.96
CA PRO C 241 25.96 -10.64 40.15
C PRO C 241 26.76 -9.50 39.53
N TRP C 242 26.03 -8.49 39.01
CA TRP C 242 26.68 -7.30 38.46
C TRP C 242 26.17 -6.00 39.08
N PHE C 243 24.88 -5.89 39.32
CA PHE C 243 24.29 -4.73 39.98
C PHE C 243 23.11 -5.19 40.82
N GLU C 244 22.87 -4.47 41.92
CA GLU C 244 21.77 -4.73 42.84
C GLU C 244 20.81 -3.55 42.84
N ILE C 245 19.51 -3.84 42.85
CA ILE C 245 18.46 -2.83 42.87
C ILE C 245 18.06 -2.61 44.32
N HIS C 246 18.34 -1.43 44.88
CA HIS C 246 18.06 -1.18 46.29
C HIS C 246 16.91 -0.20 46.54
N TYR C 247 16.63 0.72 45.63
CA TYR C 247 15.59 1.68 45.88
C TYR C 247 15.03 2.13 44.56
N VAL C 248 13.72 2.35 44.51
CA VAL C 248 13.06 2.86 43.31
C VAL C 248 12.03 3.92 43.71
N ALA C 249 11.89 4.93 42.84
CA ALA C 249 10.92 5.99 43.04
C ALA C 249 10.46 6.48 41.67
N SER C 250 9.29 7.10 41.66
CA SER C 250 8.73 7.72 40.46
C SER C 250 8.20 9.10 40.83
N ASN C 251 8.34 10.06 39.93
CA ASN C 251 7.92 11.44 40.19
C ASN C 251 7.45 12.09 38.90
N ILE C 252 6.21 12.58 38.92
CA ILE C 252 5.75 13.53 37.90
C ILE C 252 6.29 14.88 38.32
N LEU C 253 7.18 15.45 37.50
CA LEU C 253 7.84 16.67 37.90
C LEU C 253 6.84 17.84 37.88
N PRO C 254 7.01 18.80 38.77
CA PRO C 254 6.09 19.94 38.84
C PRO C 254 6.10 20.76 37.57
N ASP C 255 4.93 21.35 37.28
CA ASP C 255 4.78 22.32 36.19
C ASP C 255 5.20 21.73 34.85
N SER C 256 4.86 20.46 34.62
CA SER C 256 5.42 19.80 33.45
C SER C 256 4.36 19.22 32.52
N ASP C 257 3.09 19.60 32.68
CA ASP C 257 2.03 19.18 31.76
C ASP C 257 2.44 19.39 30.31
N GLY C 258 2.32 18.34 29.51
CA GLY C 258 2.58 18.45 28.09
C GLY C 258 4.04 18.57 27.69
N ALA C 259 4.98 18.39 28.63
CA ALA C 259 6.38 18.52 28.30
C ALA C 259 6.79 17.56 27.18
N ILE C 260 6.32 16.32 27.24
CA ILE C 260 6.60 15.30 26.23
C ILE C 260 5.32 14.51 26.02
N ASP C 261 4.73 14.63 24.84
CA ASP C 261 3.50 13.91 24.51
C ASP C 261 3.70 13.09 23.25
N GLY C 262 3.08 11.93 23.20
CA GLY C 262 3.12 11.15 21.97
C GLY C 262 1.78 10.50 21.70
N HIS C 263 1.33 10.52 20.44
CA HIS C 263 0.01 10.03 20.08
C HIS C 263 0.12 9.04 18.94
N LEU C 264 -0.55 7.90 19.09
CA LEU C 264 -0.58 6.89 18.04
C LEU C 264 -1.77 7.20 17.16
N ARG C 265 -1.50 7.69 15.95
CA ARG C 265 -2.51 8.16 15.02
C ARG C 265 -2.45 7.33 13.74
N GLU C 266 -3.37 7.62 12.82
CA GLU C 266 -3.35 6.92 11.53
C GLU C 266 -2.06 7.22 10.75
N VAL C 267 -1.38 8.32 11.06
CA VAL C 267 -0.12 8.69 10.41
C VAL C 267 1.08 8.12 11.16
N GLY C 268 0.83 7.29 12.16
CA GLY C 268 1.89 6.73 12.98
C GLY C 268 2.01 7.39 14.34
N LEU C 269 3.18 7.22 14.93
CA LEU C 269 3.45 7.76 16.25
C LEU C 269 4.01 9.17 16.11
N THR C 270 3.31 10.14 16.69
CA THR C 270 3.74 11.52 16.66
C THR C 270 4.40 11.86 17.99
N PHE C 271 5.26 12.86 17.96
CA PHE C 271 6.16 13.17 19.07
C PHE C 271 6.08 14.66 19.28
N HIS C 272 5.75 15.11 20.48
CA HIS C 272 5.57 16.54 20.68
C HIS C 272 6.35 17.02 21.89
N LEU C 273 7.10 18.10 21.70
CA LEU C 273 7.77 18.85 22.77
C LEU C 273 7.05 20.19 22.93
N MET C 274 6.65 20.49 24.15
CA MET C 274 5.99 21.77 24.39
C MET C 274 6.46 22.49 25.65
N LYS C 275 7.44 21.96 26.37
CA LYS C 275 8.01 22.67 27.50
C LYS C 275 9.54 22.50 27.49
N ASP C 276 10.25 23.31 28.27
CA ASP C 276 11.70 23.20 28.32
C ASP C 276 12.08 21.95 29.10
N VAL C 277 12.18 20.82 28.41
CA VAL C 277 12.42 19.54 29.09
C VAL C 277 13.72 19.53 29.89
N PRO C 278 14.88 19.89 29.33
CA PRO C 278 16.09 19.91 30.17
C PRO C 278 15.98 20.89 31.34
N GLY C 279 15.26 22.00 31.18
CA GLY C 279 15.08 22.94 32.27
C GLY C 279 14.25 22.37 33.41
N ILE C 280 13.16 21.68 33.07
CA ILE C 280 12.28 21.10 34.08
C ILE C 280 13.00 20.00 34.85
N ILE C 281 13.73 19.15 34.13
CA ILE C 281 14.44 18.05 34.78
C ILE C 281 15.52 18.60 35.71
N SER C 282 16.35 19.52 35.20
CA SER C 282 17.45 20.03 36.02
C SER C 282 16.94 20.85 37.20
N LYS C 283 15.80 21.52 37.05
CA LYS C 283 15.27 22.32 38.17
C LYS C 283 14.83 21.44 39.34
N ASN C 284 14.40 20.22 39.04
CA ASN C 284 13.77 19.38 40.04
C ASN C 284 14.58 18.18 40.45
N ILE C 285 15.68 17.89 39.76
CA ILE C 285 16.38 16.63 40.00
C ILE C 285 17.01 16.60 41.40
N GLY C 286 17.43 17.77 41.90
CA GLY C 286 18.05 17.82 43.23
C GLY C 286 17.14 17.33 44.33
N THR C 287 15.86 17.74 44.32
CA THR C 287 14.98 17.27 45.39
C THR C 287 14.65 15.79 45.21
N VAL C 288 14.49 15.33 43.96
CA VAL C 288 14.26 13.91 43.72
C VAL C 288 15.40 13.08 44.29
N LEU C 289 16.64 13.48 43.97
CA LEU C 289 17.79 12.71 44.44
C LEU C 289 18.01 12.87 45.95
N LYS C 290 17.76 14.07 46.50
CA LYS C 290 17.98 14.26 47.93
C LYS C 290 17.05 13.38 48.74
N ASP C 291 15.79 13.27 48.31
CA ASP C 291 14.86 12.34 48.93
C ASP C 291 15.31 10.88 48.78
N ALA C 292 15.79 10.49 47.60
CA ALA C 292 16.20 9.10 47.41
C ALA C 292 17.42 8.76 48.27
N PHE C 293 18.41 9.65 48.32
CA PHE C 293 19.59 9.38 49.14
C PHE C 293 19.26 9.34 50.62
N GLU C 294 18.28 10.14 51.05
CA GLU C 294 17.88 10.10 52.45
C GLU C 294 17.25 8.76 52.79
N LYS C 295 16.37 8.25 51.91
CA LYS C 295 15.78 6.94 52.11
C LYS C 295 16.83 5.83 52.13
N VAL C 296 17.85 5.92 51.29
CA VAL C 296 18.80 4.82 51.18
C VAL C 296 19.89 4.90 52.24
N PHE C 297 20.37 6.11 52.52
CA PHE C 297 21.57 6.28 53.32
C PHE C 297 21.32 6.91 54.67
N GLY C 298 20.13 7.44 54.93
CA GLY C 298 19.91 8.22 56.13
C GLY C 298 20.50 9.62 55.95
N ASN C 299 20.90 10.22 57.07
CA ASN C 299 21.55 11.52 56.95
C ASN C 299 22.65 11.78 57.97
N GLU C 300 23.15 10.77 58.67
CA GLU C 300 24.30 10.98 59.56
C GLU C 300 25.50 11.47 58.77
N GLU C 301 26.34 12.25 59.44
CA GLU C 301 27.52 12.82 58.79
C GLU C 301 28.46 11.72 58.32
N GLY C 302 28.99 11.89 57.11
CA GLY C 302 29.94 10.95 56.55
C GLY C 302 29.34 9.67 56.04
N GLU C 303 28.01 9.53 56.02
CA GLU C 303 27.35 8.31 55.60
C GLU C 303 26.60 8.45 54.28
N VAL C 304 26.50 9.66 53.74
CA VAL C 304 25.75 9.93 52.51
C VAL C 304 26.74 10.25 51.40
N PRO C 305 26.78 9.46 50.32
CA PRO C 305 27.73 9.74 49.24
C PRO C 305 27.41 11.04 48.53
N SER C 306 28.46 11.74 48.12
CA SER C 306 28.25 12.89 47.27
C SER C 306 27.90 12.42 45.85
N TYR C 307 27.24 13.29 45.08
CA TYR C 307 26.84 12.90 43.73
C TYR C 307 28.04 12.59 42.84
N ASN C 308 29.20 13.15 43.16
CA ASN C 308 30.41 12.84 42.43
C ASN C 308 31.01 11.49 42.81
N ASP C 309 30.52 10.87 43.87
CA ASP C 309 31.09 9.63 44.38
C ASP C 309 30.16 8.43 44.23
N VAL C 310 29.17 8.53 43.33
CA VAL C 310 28.35 7.41 42.89
C VAL C 310 28.50 7.31 41.37
N PHE C 311 28.13 6.16 40.81
CA PHE C 311 28.14 6.03 39.36
C PHE C 311 26.78 6.43 38.80
N TRP C 312 26.80 6.93 37.55
CA TRP C 312 25.63 7.53 36.92
C TRP C 312 25.22 6.76 35.66
N ILE C 313 23.93 6.44 35.57
CA ILE C 313 23.32 5.85 34.38
C ILE C 313 22.11 6.74 34.07
N ALA C 314 22.25 7.66 33.14
CA ALA C 314 21.22 8.66 32.90
C ALA C 314 20.72 8.57 31.48
N HIS C 315 19.41 8.41 31.31
CA HIS C 315 18.82 8.33 30.00
C HIS C 315 19.17 9.56 29.17
N PRO C 316 19.86 9.43 28.10
CA PRO C 316 20.32 10.60 27.34
C PRO C 316 19.26 11.05 26.33
N GLY C 317 18.14 11.54 26.85
CA GLY C 317 17.05 11.94 25.99
C GLY C 317 17.49 12.94 24.94
N GLY C 318 18.39 13.85 25.32
CA GLY C 318 19.16 14.63 24.40
C GLY C 318 20.37 15.16 25.15
N PRO C 319 21.35 15.71 24.44
CA PRO C 319 22.56 16.19 25.13
C PRO C 319 22.27 17.30 26.14
N ALA C 320 21.22 18.11 25.91
CA ALA C 320 20.93 19.21 26.82
C ALA C 320 20.51 18.73 28.21
N ILE C 321 19.81 17.60 28.30
CA ILE C 321 19.40 17.09 29.61
C ILE C 321 20.62 16.75 30.43
N LEU C 322 21.54 15.96 29.87
CA LEU C 322 22.75 15.60 30.59
C LEU C 322 23.56 16.84 30.94
N ASP C 323 23.67 17.78 30.00
CA ASP C 323 24.43 19.01 30.22
C ASP C 323 23.86 19.79 31.39
N GLN C 324 22.55 20.01 31.41
CA GLN C 324 21.96 20.86 32.44
C GLN C 324 21.86 20.15 33.78
N VAL C 325 21.75 18.83 33.81
CA VAL C 325 21.82 18.14 35.09
C VAL C 325 23.22 18.22 35.64
N GLU C 326 24.22 18.01 34.78
CA GLU C 326 25.62 18.14 35.17
C GLU C 326 25.91 19.53 35.71
N GLN C 327 25.37 20.56 35.07
CA GLN C 327 25.60 21.93 35.55
C GLN C 327 24.93 22.14 36.91
N LYS C 328 23.65 21.78 37.01
CA LYS C 328 22.87 22.08 38.20
C LYS C 328 23.45 21.40 39.43
N LEU C 329 23.87 20.15 39.30
CA LEU C 329 24.37 19.38 40.43
C LEU C 329 25.88 19.53 40.62
N GLN C 330 26.53 20.29 39.76
CA GLN C 330 27.98 20.51 39.80
C GLN C 330 28.74 19.19 39.74
N LEU C 331 28.33 18.30 38.82
CA LEU C 331 29.03 17.06 38.59
C LEU C 331 30.34 17.33 37.86
N LYS C 332 31.39 16.59 38.23
CA LYS C 332 32.56 16.57 37.38
C LYS C 332 32.20 15.88 36.07
N THR C 333 32.89 16.26 35.00
CA THR C 333 32.41 15.87 33.67
C THR C 333 32.51 14.37 33.44
N GLU C 334 33.32 13.65 34.22
CA GLU C 334 33.38 12.21 34.03
C GLU C 334 32.10 11.50 34.50
N LYS C 335 31.25 12.14 35.31
CA LYS C 335 30.05 11.45 35.80
C LYS C 335 29.15 11.02 34.65
N MET C 336 28.89 11.93 33.70
CA MET C 336 27.98 11.66 32.59
C MET C 336 28.67 10.96 31.41
N ALA C 337 29.95 10.62 31.54
CA ALA C 337 30.71 10.10 30.39
C ALA C 337 30.07 8.85 29.81
N ALA C 338 29.72 7.88 30.65
CA ALA C 338 29.18 6.63 30.13
C ALA C 338 27.87 6.88 29.39
N SER C 339 27.00 7.72 29.96
CA SER C 339 25.73 8.01 29.32
C SER C 339 25.94 8.74 28.01
N ARG C 340 26.92 9.65 27.97
CA ARG C 340 27.25 10.34 26.71
C ARG C 340 27.84 9.39 25.68
N GLN C 341 28.61 8.38 26.13
CA GLN C 341 29.20 7.45 25.18
C GLN C 341 28.13 6.66 24.44
N VAL C 342 27.11 6.21 25.15
CA VAL C 342 26.04 5.46 24.49
C VAL C 342 25.24 6.37 23.56
N LEU C 343 24.99 7.61 23.97
CA LEU C 343 24.34 8.55 23.07
C LEU C 343 25.16 8.71 21.78
N SER C 344 26.48 8.83 21.92
CA SER C 344 27.35 8.99 20.77
C SER C 344 27.28 7.76 19.84
N ASP C 345 27.33 6.55 20.39
CA ASP C 345 27.44 5.34 19.58
C ASP C 345 26.11 4.85 19.05
N TYR C 346 25.00 5.29 19.63
CA TYR C 346 23.70 4.72 19.26
C TYR C 346 22.55 5.72 19.16
N GLY C 347 22.70 6.94 19.64
CA GLY C 347 21.55 7.80 19.71
C GLY C 347 20.61 7.40 20.83
N ASN C 348 19.44 8.03 20.81
CA ASN C 348 18.43 7.85 21.84
C ASN C 348 17.60 6.62 21.46
N MET C 349 17.86 5.51 22.13
CA MET C 349 17.09 4.29 21.90
C MET C 349 15.92 4.13 22.88
N SER C 350 15.40 5.25 23.39
CA SER C 350 14.20 5.26 24.25
C SER C 350 14.45 4.30 25.41
N SER C 351 13.52 3.39 25.73
CA SER C 351 13.63 2.65 26.99
C SER C 351 14.89 1.77 27.04
N ALA C 352 15.43 1.38 25.88
CA ALA C 352 16.58 0.49 25.88
C ALA C 352 17.86 1.19 26.30
N CYS C 353 17.91 2.52 26.22
CA CYS C 353 19.15 3.27 26.46
C CYS C 353 19.83 2.90 27.77
N VAL C 354 19.11 2.98 28.88
CA VAL C 354 19.78 2.89 30.17
C VAL C 354 20.43 1.53 30.35
N LEU C 355 19.88 0.48 29.74
CA LEU C 355 20.54 -0.82 29.86
C LEU C 355 21.80 -0.90 28.99
N PHE C 356 21.82 -0.28 27.81
CA PHE C 356 23.08 -0.15 27.08
C PHE C 356 24.15 0.52 27.94
N ILE C 357 23.78 1.60 28.62
CA ILE C 357 24.72 2.32 29.47
C ILE C 357 25.21 1.44 30.61
N MET C 358 24.28 0.73 31.25
CA MET C 358 24.68 -0.21 32.30
C MET C 358 25.69 -1.22 31.78
N ASP C 359 25.44 -1.76 30.59
CA ASP C 359 26.38 -2.72 30.01
C ASP C 359 27.72 -2.07 29.75
N HIS C 360 27.71 -0.88 29.16
CA HIS C 360 28.96 -0.18 28.87
C HIS C 360 29.73 0.12 30.14
N LEU C 361 29.03 0.49 31.20
CA LEU C 361 29.67 0.84 32.45
C LEU C 361 30.42 -0.35 33.05
N ARG C 362 29.78 -1.53 33.11
CA ARG C 362 30.48 -2.68 33.68
C ARG C 362 31.62 -3.13 32.78
N LYS C 363 31.42 -3.10 31.46
CA LYS C 363 32.48 -3.59 30.57
C LYS C 363 33.70 -2.67 30.61
N LYS C 364 33.48 -1.36 30.60
CA LYS C 364 34.59 -0.44 30.79
C LYS C 364 35.25 -0.62 32.16
N SER C 365 34.46 -0.86 33.21
CA SER C 365 35.03 -1.05 34.54
C SER C 365 35.92 -2.28 34.58
N VAL C 366 35.50 -3.36 33.92
CA VAL C 366 36.32 -4.56 33.90
C VAL C 366 37.60 -4.32 33.10
N GLU C 367 37.46 -3.73 31.91
CA GLU C 367 38.62 -3.49 31.06
C GLU C 367 39.64 -2.60 31.74
N GLN C 368 39.19 -1.54 32.41
CA GLN C 368 40.08 -0.60 33.08
C GLN C 368 40.45 -1.05 34.49
N LYS C 369 40.06 -2.26 34.89
CA LYS C 369 40.48 -2.82 36.16
C LYS C 369 40.10 -1.91 37.33
N LEU C 370 38.88 -1.40 37.30
CA LEU C 370 38.40 -0.57 38.40
C LEU C 370 37.87 -1.46 39.52
N ALA C 371 37.76 -0.90 40.71
CA ALA C 371 37.44 -1.65 41.89
C ALA C 371 36.01 -2.23 41.98
N THR C 372 35.12 -1.72 41.15
CA THR C 372 33.75 -2.20 41.09
C THR C 372 33.23 -2.18 39.67
N SER C 373 32.10 -2.85 39.46
CA SER C 373 31.36 -2.79 38.22
C SER C 373 30.73 -1.45 37.87
N GLY C 374 30.58 -0.55 38.85
CA GLY C 374 30.18 0.80 38.62
C GLY C 374 31.26 1.86 38.74
N GLU C 375 32.36 1.68 37.99
CA GLU C 375 33.39 2.71 37.81
C GLU C 375 34.25 2.84 39.08
N GLY C 376 34.32 1.81 39.90
CA GLY C 376 34.98 1.91 41.17
C GLY C 376 34.17 2.39 42.37
N TYR C 377 32.94 2.80 42.11
CA TYR C 377 32.04 3.26 43.16
C TYR C 377 31.06 2.17 43.67
N GLU C 378 30.72 2.20 44.94
CA GLU C 378 29.83 1.23 45.52
C GLU C 378 28.36 1.47 45.06
N TRP C 379 27.92 2.72 45.11
CA TRP C 379 26.53 3.06 44.87
C TRP C 379 26.40 3.84 43.56
N GLY C 380 25.19 3.80 43.00
CA GLY C 380 24.96 4.48 41.74
C GLY C 380 23.49 4.74 41.49
N LEU C 381 23.24 5.48 40.41
CA LEU C 381 21.89 5.91 40.02
C LEU C 381 21.60 5.48 38.60
N LEU C 382 20.37 5.07 38.36
CA LEU C 382 19.83 4.89 37.02
C LEU C 382 18.57 5.73 36.93
N LEU C 383 18.52 6.63 35.94
CA LEU C 383 17.46 7.61 35.81
C LEU C 383 16.82 7.53 34.43
N GLY C 384 15.49 7.45 34.40
CA GLY C 384 14.74 7.53 33.16
C GLY C 384 13.85 8.75 33.16
N PHE C 385 13.75 9.41 32.00
CA PHE C 385 12.89 10.59 31.85
C PHE C 385 12.00 10.40 30.64
N GLY C 386 10.74 10.82 30.75
CA GLY C 386 9.83 10.72 29.63
C GLY C 386 8.49 11.36 29.92
N PRO C 387 7.50 10.99 29.13
CA PRO C 387 6.20 11.65 29.22
C PRO C 387 5.68 11.68 30.64
N GLY C 388 5.06 12.78 31.00
CA GLY C 388 4.57 13.04 32.32
C GLY C 388 4.60 14.47 32.84
N LEU C 389 5.76 15.11 32.95
CA LEU C 389 7.12 14.57 32.75
C LEU C 389 7.51 13.60 33.88
N THR C 390 7.66 12.35 33.55
CA THR C 390 7.94 11.32 34.55
C THR C 390 9.44 11.13 34.69
N CYS C 391 9.93 11.18 35.93
CA CYS C 391 11.30 10.80 36.26
C CYS C 391 11.27 9.51 37.05
N GLU C 392 11.94 8.47 36.55
CA GLU C 392 12.10 7.20 37.24
C GLU C 392 13.50 7.15 37.85
N THR C 393 13.58 6.93 39.15
CA THR C 393 14.84 6.92 39.88
C THR C 393 15.09 5.53 40.45
N VAL C 394 16.30 5.01 40.23
CA VAL C 394 16.71 3.71 40.74
C VAL C 394 18.08 3.87 41.38
N VAL C 395 18.19 3.50 42.65
CA VAL C 395 19.49 3.47 43.33
C VAL C 395 20.01 2.06 43.31
N LEU C 396 21.21 1.90 42.77
CA LEU C 396 21.87 0.64 42.55
C LEU C 396 23.13 0.53 43.40
N ARG C 397 23.50 -0.71 43.67
CA ARG C 397 24.83 -1.03 44.18
C ARG C 397 25.56 -1.84 43.13
N SER C 398 26.84 -1.57 42.95
CA SER C 398 27.69 -2.34 42.05
C SER C 398 28.13 -3.63 42.75
N VAL C 399 29.09 -4.34 42.15
CA VAL C 399 29.77 -5.45 42.80
C VAL C 399 31.27 -5.19 42.80
N PRO C 400 32.00 -5.62 43.83
CA PRO C 400 33.45 -5.46 43.83
C PRO C 400 34.11 -6.30 42.75
N LEU C 401 35.18 -5.76 42.18
CA LEU C 401 35.99 -6.48 41.22
C LEU C 401 37.44 -6.54 41.69
N ALA C 402 38.15 -7.57 41.24
CA ALA C 402 39.59 -7.60 41.45
C ALA C 402 40.24 -6.48 40.64
N THR C 403 41.07 -5.70 41.29
CA THR C 403 41.74 -4.58 40.64
C THR C 403 43.18 -4.97 40.27
N ALA D 7 -19.38 -21.12 -49.35
CA ALA D 7 -19.21 -20.69 -47.97
C ALA D 7 -19.19 -19.16 -47.90
N THR D 8 -19.35 -18.51 -49.05
CA THR D 8 -19.18 -17.07 -49.16
C THR D 8 -20.20 -16.52 -50.16
N PHE D 9 -20.71 -15.32 -49.90
CA PHE D 9 -21.56 -14.66 -50.87
C PHE D 9 -20.74 -14.32 -52.11
N PRO D 10 -21.36 -14.08 -53.27
CA PRO D 10 -20.57 -13.83 -54.50
C PRO D 10 -19.66 -12.63 -54.34
N PRO D 11 -18.42 -12.73 -54.78
CA PRO D 11 -17.48 -11.62 -54.58
C PRO D 11 -17.97 -10.36 -55.29
N CYS D 12 -17.62 -9.21 -54.73
CA CYS D 12 -17.89 -7.94 -55.38
C CYS D 12 -16.59 -7.16 -55.47
N ALA D 13 -16.62 -6.10 -56.26
CA ALA D 13 -15.45 -5.23 -56.36
C ALA D 13 -15.19 -4.57 -55.02
N ARG D 14 -13.91 -4.39 -54.70
CA ARG D 14 -13.53 -3.74 -53.45
C ARG D 14 -14.26 -2.42 -53.29
N LYS D 15 -15.09 -2.33 -52.22
CA LYS D 15 -16.02 -1.21 -52.09
C LYS D 15 -15.31 0.10 -51.76
N MET D 16 -14.17 0.04 -51.09
CA MET D 16 -13.33 1.22 -50.90
C MET D 16 -12.09 1.05 -51.79
N GLU D 17 -12.04 1.82 -52.88
CA GLU D 17 -10.98 1.61 -53.87
C GLU D 17 -9.59 1.74 -53.24
N ARG D 18 -8.67 0.88 -53.66
CA ARG D 18 -7.28 0.92 -53.20
C ARG D 18 -6.41 1.71 -54.18
N ALA D 19 -5.21 2.06 -53.74
CA ALA D 19 -4.23 2.74 -54.59
C ALA D 19 -3.26 1.74 -55.21
N ASP D 20 -2.55 2.17 -56.25
CA ASP D 20 -1.69 1.20 -56.92
C ASP D 20 -0.19 1.42 -56.73
N GLY D 21 0.29 2.66 -56.58
CA GLY D 21 1.70 2.88 -56.37
C GLY D 21 2.08 2.75 -54.92
N PRO D 22 3.36 2.91 -54.63
CA PRO D 22 3.83 2.77 -53.25
C PRO D 22 3.55 4.01 -52.42
N ALA D 23 3.27 3.80 -51.15
CA ALA D 23 3.14 4.89 -50.19
C ALA D 23 4.38 5.77 -50.22
N THR D 24 4.16 7.08 -50.25
CA THR D 24 5.22 8.02 -50.52
C THR D 24 5.16 9.16 -49.50
N VAL D 25 6.32 9.61 -49.05
CA VAL D 25 6.43 10.78 -48.18
C VAL D 25 6.34 12.03 -49.04
N LEU D 26 5.33 12.86 -48.79
CA LEU D 26 5.09 14.03 -49.63
C LEU D 26 5.54 15.35 -49.01
N ALA D 27 5.86 15.36 -47.71
CA ALA D 27 6.23 16.59 -46.99
C ALA D 27 6.68 16.19 -45.58
N ILE D 28 7.56 17.01 -45.00
CA ILE D 28 8.04 16.79 -43.63
C ILE D 28 8.14 18.14 -42.93
N GLY D 29 7.63 18.22 -41.70
CA GLY D 29 7.85 19.39 -40.86
C GLY D 29 8.24 18.97 -39.46
N THR D 30 9.03 19.82 -38.80
CA THR D 30 9.48 19.54 -37.44
C THR D 30 9.27 20.78 -36.55
N ALA D 31 9.30 20.55 -35.24
CA ALA D 31 9.19 21.63 -34.27
C ALA D 31 9.82 21.20 -32.96
N ASN D 32 10.31 22.17 -32.19
CA ASN D 32 10.87 21.92 -30.87
C ASN D 32 10.46 23.04 -29.93
N PRO D 33 10.36 22.76 -28.62
CA PRO D 33 10.09 23.81 -27.65
C PRO D 33 11.17 24.86 -27.66
N PRO D 34 10.89 26.04 -27.11
CA PRO D 34 11.82 27.18 -27.24
C PRO D 34 13.00 27.19 -26.28
N ASN D 35 13.06 26.36 -25.25
CA ASN D 35 14.14 26.43 -24.27
C ASN D 35 15.28 25.53 -24.69
N VAL D 36 16.46 26.12 -24.91
CA VAL D 36 17.64 25.40 -25.35
C VAL D 36 18.52 25.08 -24.16
N PHE D 37 19.06 23.88 -24.13
CA PHE D 37 19.92 23.42 -23.05
C PHE D 37 21.25 22.97 -23.64
N ASP D 38 22.30 23.73 -23.33
CA ASP D 38 23.66 23.36 -23.72
C ASP D 38 24.08 22.10 -22.98
N GLN D 39 24.48 21.06 -23.72
CA GLN D 39 24.78 19.80 -23.05
C GLN D 39 26.01 19.90 -22.17
N SER D 40 27.03 20.66 -22.60
CA SER D 40 28.29 20.70 -21.82
C SER D 40 28.07 21.21 -20.41
N THR D 41 27.11 22.13 -20.23
CA THR D 41 26.82 22.72 -18.92
C THR D 41 25.48 22.25 -18.36
N TYR D 42 24.84 21.27 -18.99
CA TYR D 42 23.60 20.73 -18.44
C TYR D 42 23.77 20.15 -17.02
N PRO D 43 24.85 19.46 -16.67
CA PRO D 43 24.97 18.99 -15.28
C PRO D 43 24.87 20.10 -14.25
N ASP D 44 25.48 21.26 -14.51
CA ASP D 44 25.31 22.41 -13.64
C ASP D 44 23.84 22.75 -13.44
N PHE D 45 23.10 22.93 -14.55
CA PHE D 45 21.69 23.29 -14.42
C PHE D 45 20.91 22.22 -13.68
N TYR D 46 21.15 20.97 -14.04
CA TYR D 46 20.34 19.86 -13.52
C TYR D 46 20.54 19.71 -12.01
N PHE D 47 21.78 19.75 -11.54
CA PHE D 47 22.01 19.59 -10.11
C PHE D 47 21.57 20.82 -9.32
N ASN D 48 21.61 22.01 -9.92
CA ASN D 48 21.05 23.19 -9.27
C ASN D 48 19.55 23.05 -9.08
N ILE D 49 18.83 22.75 -10.16
CA ILE D 49 17.37 22.84 -10.12
C ILE D 49 16.77 21.70 -9.32
N THR D 50 17.47 20.56 -9.22
CA THR D 50 17.02 19.46 -8.37
C THR D 50 17.63 19.53 -6.98
N ASN D 51 18.33 20.61 -6.66
CA ASN D 51 18.86 20.83 -5.31
C ASN D 51 19.70 19.65 -4.86
N SER D 52 20.58 19.18 -5.74
CA SER D 52 21.33 17.96 -5.49
C SER D 52 22.83 18.21 -5.50
N ASN D 53 23.24 19.46 -5.34
CA ASN D 53 24.66 19.82 -5.40
C ASN D 53 25.50 19.12 -4.34
N HIS D 54 24.89 18.61 -3.26
CA HIS D 54 25.65 17.86 -2.28
C HIS D 54 26.07 16.50 -2.79
N MET D 55 25.51 16.03 -3.90
CA MET D 55 25.87 14.73 -4.46
C MET D 55 27.07 14.89 -5.40
N THR D 56 28.20 15.29 -4.84
CA THR D 56 29.35 15.69 -5.66
C THR D 56 29.83 14.55 -6.55
N ASP D 57 29.94 13.33 -6.00
CA ASP D 57 30.43 12.22 -6.82
C ASP D 57 29.45 11.91 -7.96
N LEU D 58 28.14 12.01 -7.69
CA LEU D 58 27.16 11.73 -8.73
C LEU D 58 27.20 12.79 -9.83
N LYS D 59 27.43 14.05 -9.47
CA LYS D 59 27.51 15.09 -10.48
C LYS D 59 28.71 14.86 -11.41
N THR D 60 29.82 14.38 -10.85
CA THR D 60 30.97 14.02 -11.69
C THR D 60 30.60 12.90 -12.67
N LYS D 61 29.91 11.86 -12.18
CA LYS D 61 29.44 10.80 -13.07
C LYS D 61 28.48 11.33 -14.14
N PHE D 62 27.55 12.20 -13.75
CA PHE D 62 26.61 12.75 -14.72
C PHE D 62 27.30 13.66 -15.72
N GLN D 63 28.36 14.36 -15.32
CA GLN D 63 29.11 15.14 -16.29
C GLN D 63 29.73 14.22 -17.33
N ARG D 64 30.24 13.07 -16.90
CA ARG D 64 30.82 12.11 -17.83
C ARG D 64 29.74 11.56 -18.77
N MET D 65 28.55 11.29 -18.25
CA MET D 65 27.46 10.81 -19.11
C MET D 65 27.12 11.81 -20.18
N CYS D 66 27.05 13.09 -19.82
CA CYS D 66 26.69 14.10 -20.80
C CYS D 66 27.82 14.30 -21.81
N ASP D 67 29.09 14.25 -21.36
CA ASP D 67 30.21 14.42 -22.28
C ASP D 67 30.28 13.30 -23.31
N LYS D 68 29.94 12.07 -22.93
CA LYS D 68 29.99 10.94 -23.85
C LYS D 68 28.68 10.70 -24.57
N SER D 69 27.72 11.61 -24.45
CA SER D 69 26.37 11.34 -24.95
C SER D 69 26.22 11.56 -26.45
N GLY D 70 27.17 12.23 -27.10
CA GLY D 70 27.02 12.59 -28.49
C GLY D 70 26.07 13.75 -28.74
N ILE D 71 25.63 14.43 -27.68
CA ILE D 71 24.64 15.50 -27.77
C ILE D 71 25.36 16.82 -27.54
N THR D 72 25.08 17.80 -28.38
CA THR D 72 25.55 19.16 -28.16
C THR D 72 24.50 20.01 -27.48
N LYS D 73 23.24 19.84 -27.84
CA LYS D 73 22.18 20.63 -27.24
C LYS D 73 20.85 19.89 -27.33
N ARG D 74 19.92 20.32 -26.49
CA ARG D 74 18.57 19.76 -26.46
C ARG D 74 17.58 20.89 -26.25
N TYR D 75 16.35 20.67 -26.71
CA TYR D 75 15.24 21.57 -26.50
C TYR D 75 14.26 20.93 -25.53
N MET D 76 13.72 21.73 -24.62
CA MET D 76 12.78 21.19 -23.65
C MET D 76 11.67 22.18 -23.37
N TYR D 77 10.45 21.64 -23.25
CA TYR D 77 9.35 22.43 -22.71
C TYR D 77 9.66 22.90 -21.30
N LEU D 78 10.26 22.05 -20.49
CA LEU D 78 10.62 22.42 -19.13
C LEU D 78 11.64 23.56 -19.14
N ASN D 79 11.59 24.40 -18.10
CA ASN D 79 12.61 25.41 -17.89
C ASN D 79 12.70 25.70 -16.39
N GLU D 80 13.57 26.66 -16.05
CA GLU D 80 13.83 26.94 -14.63
C GLU D 80 12.56 27.36 -13.92
N GLU D 81 11.79 28.26 -14.52
CA GLU D 81 10.59 28.76 -13.87
C GLU D 81 9.56 27.67 -13.63
N ILE D 82 9.35 26.79 -14.62
CA ILE D 82 8.38 25.73 -14.46
C ILE D 82 8.82 24.76 -13.38
N LEU D 83 10.10 24.41 -13.37
CA LEU D 83 10.61 23.46 -12.40
C LEU D 83 10.57 24.02 -10.98
N LYS D 84 10.93 25.30 -10.81
CA LYS D 84 10.84 25.91 -9.48
C LYS D 84 9.41 25.88 -8.95
N ALA D 85 8.42 25.97 -9.83
CA ALA D 85 7.03 25.90 -9.42
C ALA D 85 6.57 24.49 -9.08
N ASN D 86 7.35 23.46 -9.40
CA ASN D 86 6.95 22.06 -9.21
C ASN D 86 8.06 21.27 -8.56
N PRO D 87 8.32 21.48 -7.27
CA PRO D 87 9.38 20.72 -6.60
C PRO D 87 9.15 19.21 -6.60
N ASN D 88 7.89 18.76 -6.73
CA ASN D 88 7.64 17.33 -6.81
C ASN D 88 8.22 16.71 -8.07
N MET D 89 8.49 17.51 -9.11
CA MET D 89 9.20 17.03 -10.29
C MET D 89 10.72 17.13 -10.16
N CYS D 90 11.22 17.94 -9.24
CA CYS D 90 12.65 18.05 -9.03
C CYS D 90 13.16 17.01 -8.04
N ALA D 91 12.27 16.41 -7.25
CA ALA D 91 12.65 15.29 -6.42
C ALA D 91 12.86 14.05 -7.27
N TYR D 92 13.60 13.09 -6.72
CA TYR D 92 13.77 11.83 -7.42
C TYR D 92 12.47 11.04 -7.48
N TRP D 93 11.69 11.03 -6.41
CA TRP D 93 10.63 10.03 -6.30
C TRP D 93 9.39 10.57 -5.57
N GLU D 94 8.86 11.71 -6.02
CA GLU D 94 7.67 12.26 -5.40
C GLU D 94 6.47 12.07 -6.31
N LYS D 95 5.31 11.89 -5.69
CA LYS D 95 4.03 11.89 -6.41
C LYS D 95 3.95 13.09 -7.35
N SER D 96 3.84 12.83 -8.65
CA SER D 96 3.88 13.93 -9.61
C SER D 96 3.23 13.64 -10.96
N LEU D 97 2.60 12.46 -11.10
CA LEU D 97 1.97 12.14 -12.38
C LEU D 97 0.94 13.18 -12.78
N ASP D 98 0.18 13.70 -11.80
CA ASP D 98 -0.88 14.65 -12.12
C ASP D 98 -0.34 15.94 -12.75
N VAL D 99 0.69 16.56 -12.16
CA VAL D 99 1.19 17.78 -12.77
C VAL D 99 1.80 17.48 -14.13
N ARG D 100 2.48 16.34 -14.26
CA ARG D 100 3.10 15.99 -15.54
C ARG D 100 2.03 15.82 -16.61
N GLN D 101 0.95 15.11 -16.28
CA GLN D 101 -0.16 14.95 -17.20
C GLN D 101 -0.74 16.30 -17.59
N ASP D 102 -1.01 17.16 -16.60
CA ASP D 102 -1.51 18.49 -16.87
C ASP D 102 -0.65 19.20 -17.91
N MET D 103 0.67 19.03 -17.83
CA MET D 103 1.55 19.62 -18.84
C MET D 103 1.38 18.95 -20.19
N VAL D 104 1.61 17.63 -20.25
CA VAL D 104 1.82 17.02 -21.56
C VAL D 104 0.53 16.75 -22.31
N VAL D 105 -0.62 16.62 -21.62
CA VAL D 105 -1.86 16.48 -22.38
C VAL D 105 -2.15 17.74 -23.19
N VAL D 106 -1.67 18.90 -22.73
CA VAL D 106 -1.83 20.13 -23.50
C VAL D 106 -0.66 20.34 -24.46
N GLU D 107 0.57 20.10 -24.01
CA GLU D 107 1.73 20.52 -24.79
C GLU D 107 2.08 19.52 -25.90
N VAL D 108 1.75 18.24 -25.74
CA VAL D 108 2.10 17.27 -26.78
C VAL D 108 1.34 17.57 -28.07
N PRO D 109 0.00 17.74 -28.08
CA PRO D 109 -0.66 18.11 -29.34
C PRO D 109 -0.31 19.51 -29.81
N LYS D 110 0.04 20.43 -28.90
CA LYS D 110 0.40 21.78 -29.32
C LYS D 110 1.68 21.78 -30.14
N LEU D 111 2.70 21.05 -29.69
CA LEU D 111 3.95 20.95 -30.45
C LEU D 111 3.76 20.14 -31.73
N GLY D 112 2.97 19.07 -31.66
CA GLY D 112 2.63 18.34 -32.87
C GLY D 112 1.92 19.20 -33.90
N LYS D 113 1.07 20.13 -33.43
CA LYS D 113 0.38 21.05 -34.35
C LYS D 113 1.38 21.96 -35.07
N GLU D 114 2.41 22.41 -34.38
CA GLU D 114 3.43 23.22 -35.02
C GLU D 114 4.12 22.44 -36.13
N ALA D 115 4.50 21.20 -35.84
CA ALA D 115 5.15 20.38 -36.86
C ALA D 115 4.20 20.11 -38.03
N ALA D 116 2.95 19.75 -37.72
CA ALA D 116 2.01 19.41 -38.77
C ALA D 116 1.70 20.60 -39.67
N THR D 117 1.60 21.79 -39.07
CA THR D 117 1.33 22.99 -39.87
C THR D 117 2.42 23.21 -40.91
N LYS D 118 3.68 23.01 -40.51
CA LYS D 118 4.79 23.19 -41.45
C LYS D 118 4.76 22.17 -42.57
N ALA D 119 4.52 20.90 -42.23
CA ALA D 119 4.37 19.87 -43.25
C ALA D 119 3.22 20.18 -44.19
N ILE D 120 2.07 20.60 -43.65
CA ILE D 120 0.91 20.87 -44.49
C ILE D 120 1.21 22.03 -45.43
N LYS D 121 1.90 23.05 -44.94
CA LYS D 121 2.22 24.20 -45.79
C LYS D 121 3.17 23.80 -46.92
N GLU D 122 4.17 22.97 -46.62
CA GLU D 122 5.06 22.48 -47.66
C GLU D 122 4.28 21.66 -48.68
N TRP D 123 3.41 20.77 -48.19
CA TRP D 123 2.61 19.93 -49.06
C TRP D 123 1.75 20.77 -50.00
N GLY D 124 1.25 21.91 -49.53
CA GLY D 124 0.55 22.85 -50.38
C GLY D 124 -0.90 22.53 -50.68
N GLN D 125 -1.42 21.40 -50.23
CA GLN D 125 -2.80 21.05 -50.51
C GLN D 125 -3.72 21.56 -49.40
N PRO D 126 -5.02 21.68 -49.67
CA PRO D 126 -5.94 22.05 -48.60
C PRO D 126 -5.95 20.99 -47.51
N LYS D 127 -5.96 21.45 -46.26
CA LYS D 127 -5.96 20.50 -45.15
C LYS D 127 -7.19 19.61 -45.17
N SER D 128 -8.27 20.03 -45.84
CA SER D 128 -9.44 19.17 -45.97
C SER D 128 -9.16 17.92 -46.78
N LYS D 129 -8.04 17.86 -47.50
CA LYS D 129 -7.66 16.66 -48.22
C LYS D 129 -7.02 15.60 -47.32
N ILE D 130 -6.68 15.92 -46.07
CA ILE D 130 -6.19 14.90 -45.16
C ILE D 130 -7.34 14.00 -44.77
N THR D 131 -7.15 12.68 -44.95
CA THR D 131 -8.17 11.68 -44.69
C THR D 131 -7.88 10.82 -43.46
N HIS D 132 -6.62 10.74 -43.03
CA HIS D 132 -6.20 9.90 -41.93
C HIS D 132 -5.24 10.69 -41.06
N VAL D 133 -5.27 10.44 -39.76
CA VAL D 133 -4.32 11.01 -38.81
C VAL D 133 -3.74 9.86 -37.99
N VAL D 134 -2.43 9.84 -37.87
CA VAL D 134 -1.72 8.92 -36.99
C VAL D 134 -0.92 9.78 -36.02
N PHE D 135 -1.25 9.70 -34.74
CA PHE D 135 -0.55 10.44 -33.70
C PHE D 135 0.22 9.45 -32.82
N CYS D 136 1.49 9.74 -32.59
CA CYS D 136 2.37 8.87 -31.83
C CYS D 136 3.06 9.67 -30.73
N THR D 137 2.96 9.20 -29.49
CA THR D 137 3.67 9.83 -28.39
C THR D 137 3.95 8.79 -27.30
N THR D 138 4.94 9.09 -26.48
CA THR D 138 5.22 8.33 -25.27
C THR D 138 5.07 9.21 -24.02
N SER D 139 4.56 10.44 -24.16
CA SER D 139 4.44 11.37 -23.03
C SER D 139 2.98 11.64 -22.76
N GLY D 140 2.42 10.93 -21.80
CA GLY D 140 1.07 11.23 -21.35
C GLY D 140 0.03 10.45 -22.12
N VAL D 141 -1.17 10.36 -21.53
CA VAL D 141 -2.34 9.75 -22.16
C VAL D 141 -3.56 10.55 -21.73
N ASP D 142 -4.59 10.54 -22.57
CA ASP D 142 -5.83 11.27 -22.27
C ASP D 142 -6.93 10.77 -23.18
N MET D 143 -8.18 11.03 -22.78
CA MET D 143 -9.36 10.63 -23.55
C MET D 143 -10.34 11.79 -23.66
N PRO D 144 -10.64 12.26 -24.87
CA PRO D 144 -10.11 11.88 -26.18
C PRO D 144 -8.62 12.11 -26.23
N GLY D 145 -7.94 11.42 -27.13
CA GLY D 145 -6.50 11.46 -27.18
C GLY D 145 -5.97 12.66 -27.93
N ALA D 146 -4.63 12.72 -27.97
CA ALA D 146 -3.92 13.79 -28.68
C ALA D 146 -4.23 13.80 -30.17
N ASP D 147 -4.62 12.66 -30.73
CA ASP D 147 -5.07 12.62 -32.11
C ASP D 147 -6.33 13.46 -32.30
N TRP D 148 -7.26 13.36 -31.36
CA TRP D 148 -8.45 14.21 -31.36
C TRP D 148 -8.08 15.66 -31.15
N ALA D 149 -7.17 15.93 -30.19
CA ALA D 149 -6.77 17.29 -29.91
C ALA D 149 -6.13 17.94 -31.14
N LEU D 150 -5.25 17.22 -31.81
CA LEU D 150 -4.62 17.74 -33.02
C LEU D 150 -5.64 18.01 -34.11
N THR D 151 -6.59 17.09 -34.30
CA THR D 151 -7.64 17.26 -35.29
C THR D 151 -8.40 18.57 -35.04
N LYS D 152 -8.71 18.84 -33.77
CA LYS D 152 -9.43 20.07 -33.46
C LYS D 152 -8.54 21.30 -33.63
N LEU D 153 -7.27 21.22 -33.20
CA LEU D 153 -6.38 22.38 -33.30
C LEU D 153 -6.08 22.75 -34.75
N LEU D 154 -5.93 21.76 -35.61
CA LEU D 154 -5.66 22.04 -37.01
C LEU D 154 -6.91 22.36 -37.81
N GLY D 155 -8.08 21.99 -37.29
CA GLY D 155 -9.31 22.16 -38.04
C GLY D 155 -9.42 21.18 -39.18
N LEU D 156 -8.99 19.94 -38.98
CA LEU D 156 -9.18 18.91 -39.99
C LEU D 156 -10.65 18.51 -40.03
N ARG D 157 -11.03 17.79 -41.07
CA ARG D 157 -12.41 17.36 -41.19
C ARG D 157 -12.78 16.44 -40.03
N PRO D 158 -13.98 16.60 -39.46
CA PRO D 158 -14.39 15.73 -38.34
C PRO D 158 -14.51 14.26 -38.76
N SER D 159 -14.44 13.95 -40.05
CA SER D 159 -14.49 12.58 -40.52
C SER D 159 -13.11 11.98 -40.77
N VAL D 160 -12.02 12.60 -40.30
CA VAL D 160 -10.73 11.97 -40.46
C VAL D 160 -10.71 10.63 -39.71
N LYS D 161 -9.97 9.68 -40.28
CA LYS D 161 -9.82 8.36 -39.69
C LYS D 161 -8.55 8.37 -38.85
N ARG D 162 -8.70 8.32 -37.53
CA ARG D 162 -7.59 8.56 -36.62
C ARG D 162 -7.06 7.25 -36.06
N LEU D 163 -5.77 7.26 -35.75
CA LEU D 163 -5.14 6.14 -35.03
C LEU D 163 -4.24 6.74 -33.96
N MET D 164 -4.56 6.48 -32.70
CA MET D 164 -3.85 7.07 -31.57
C MET D 164 -2.90 6.03 -31.01
N MET D 165 -1.59 6.33 -31.08
CA MET D 165 -0.53 5.44 -30.61
C MET D 165 0.14 6.04 -29.38
N TYR D 166 -0.22 5.53 -28.21
CA TYR D 166 0.25 5.99 -26.92
C TYR D 166 1.29 5.05 -26.33
N GLN D 167 2.17 5.60 -25.51
CA GLN D 167 3.13 4.82 -24.69
C GLN D 167 3.94 3.86 -25.54
N GLN D 168 4.37 4.33 -26.70
CA GLN D 168 5.02 3.50 -27.69
C GLN D 168 6.51 3.29 -27.40
N GLY D 169 7.25 4.37 -27.22
CA GLY D 169 8.68 4.28 -27.02
C GLY D 169 9.48 4.54 -28.28
N CYS D 170 10.78 4.29 -28.15
CA CYS D 170 11.74 4.80 -29.13
C CYS D 170 11.70 4.12 -30.48
N PHE D 171 11.06 2.97 -30.62
CA PHE D 171 11.00 2.34 -31.93
C PHE D 171 9.87 2.87 -32.81
N ALA D 172 8.97 3.69 -32.27
CA ALA D 172 7.69 3.94 -32.93
C ALA D 172 7.75 4.88 -34.12
N GLY D 173 8.89 5.55 -34.34
CA GLY D 173 9.07 6.23 -35.61
C GLY D 173 9.05 5.27 -36.76
N GLY D 174 9.63 4.08 -36.58
CA GLY D 174 9.50 3.05 -37.57
C GLY D 174 8.07 2.54 -37.68
N THR D 175 7.43 2.35 -36.52
CA THR D 175 6.07 1.81 -36.52
C THR D 175 5.10 2.68 -37.32
N VAL D 176 5.18 4.01 -37.18
CA VAL D 176 4.21 4.85 -37.87
C VAL D 176 4.42 4.79 -39.39
N MET D 177 5.65 4.52 -39.83
CA MET D 177 5.89 4.32 -41.26
C MET D 177 5.19 3.06 -41.74
N ARG D 178 5.28 2.00 -40.95
CA ARG D 178 4.59 0.76 -41.27
C ARG D 178 3.09 0.96 -41.28
N VAL D 179 2.57 1.73 -40.32
CA VAL D 179 1.14 2.00 -40.27
C VAL D 179 0.70 2.83 -41.48
N ALA D 180 1.42 3.92 -41.75
CA ALA D 180 1.05 4.80 -42.85
C ALA D 180 1.08 4.08 -44.19
N LYS D 181 1.99 3.11 -44.34
CA LYS D 181 2.09 2.38 -45.60
C LYS D 181 0.78 1.72 -45.96
N ASP D 182 0.20 0.97 -45.02
CA ASP D 182 -1.01 0.21 -45.32
C ASP D 182 -2.21 1.13 -45.49
N LEU D 183 -2.31 2.18 -44.66
CA LEU D 183 -3.36 3.18 -44.83
C LEU D 183 -3.32 3.81 -46.21
N ALA D 184 -2.14 4.24 -46.66
CA ALA D 184 -2.09 4.98 -47.91
C ALA D 184 -2.29 4.06 -49.11
N GLU D 185 -1.70 2.87 -49.07
CA GLU D 185 -1.75 1.98 -50.23
C GLU D 185 -3.11 1.34 -50.41
N ASN D 186 -3.82 1.07 -49.32
CA ASN D 186 -5.11 0.37 -49.41
C ASN D 186 -6.28 1.31 -49.66
N ASN D 187 -6.04 2.61 -49.78
CA ASN D 187 -7.14 3.58 -49.86
C ASN D 187 -6.80 4.63 -50.92
N LYS D 188 -7.48 4.54 -52.06
CA LYS D 188 -7.28 5.52 -53.12
C LYS D 188 -7.64 6.90 -52.62
N GLY D 189 -6.74 7.87 -52.82
CA GLY D 189 -6.95 9.22 -52.35
C GLY D 189 -6.60 9.45 -50.89
N ALA D 190 -6.21 8.42 -50.16
CA ALA D 190 -5.86 8.65 -48.76
C ALA D 190 -4.64 9.53 -48.67
N ARG D 191 -4.69 10.51 -47.78
CA ARG D 191 -3.55 11.35 -47.45
C ARG D 191 -3.43 11.34 -45.94
N VAL D 192 -2.34 10.76 -45.44
CA VAL D 192 -2.15 10.43 -44.03
C VAL D 192 -1.23 11.47 -43.39
N LEU D 193 -1.74 12.13 -42.36
CA LEU D 193 -0.92 13.04 -41.56
C LEU D 193 -0.40 12.25 -40.37
N VAL D 194 0.92 12.08 -40.31
CA VAL D 194 1.59 11.33 -39.26
C VAL D 194 2.37 12.31 -38.39
N VAL D 195 2.15 12.27 -37.08
CA VAL D 195 2.79 13.18 -36.15
C VAL D 195 3.35 12.38 -34.98
N CYS D 196 4.63 12.58 -34.69
CA CYS D 196 5.26 12.05 -33.49
C CYS D 196 5.64 13.25 -32.62
N SER D 197 5.20 13.25 -31.37
CA SER D 197 5.46 14.38 -30.49
C SER D 197 5.88 13.85 -29.13
N GLU D 198 7.07 14.24 -28.67
CA GLU D 198 7.67 13.68 -27.47
C GLU D 198 8.17 14.81 -26.57
N LEU D 199 7.77 14.78 -25.29
CA LEU D 199 8.19 15.76 -24.29
C LEU D 199 8.72 15.06 -23.04
N THR D 200 9.86 15.52 -22.51
CA THR D 200 10.49 14.88 -21.37
C THR D 200 9.83 15.21 -20.04
N ALA D 201 8.75 15.99 -20.04
CA ALA D 201 8.13 16.36 -18.77
C ALA D 201 7.61 15.15 -18.01
N VAL D 202 7.26 14.06 -18.71
CA VAL D 202 6.79 12.88 -18.01
C VAL D 202 7.93 12.12 -17.34
N THR D 203 9.16 12.35 -17.77
CA THR D 203 10.26 11.53 -17.36
C THR D 203 11.31 12.30 -16.54
N PHE D 204 11.30 13.63 -16.57
CA PHE D 204 12.25 14.41 -15.78
C PHE D 204 12.09 14.13 -14.29
N ARG D 205 13.21 13.87 -13.61
CA ARG D 205 13.18 13.76 -12.16
C ARG D 205 14.59 13.98 -11.62
N GLY D 206 14.66 14.24 -10.32
CA GLY D 206 15.93 14.44 -9.66
C GLY D 206 16.76 13.18 -9.59
N PRO D 207 18.03 13.32 -9.23
CA PRO D 207 18.94 12.19 -9.29
C PRO D 207 18.91 11.35 -8.02
N SER D 208 19.29 10.08 -8.19
CA SER D 208 19.46 9.16 -7.07
C SER D 208 20.81 8.47 -7.19
N GLU D 209 21.60 8.50 -6.12
CA GLU D 209 22.91 7.86 -6.16
C GLU D 209 22.82 6.34 -6.25
N THR D 210 21.65 5.75 -6.05
CA THR D 210 21.49 4.31 -6.19
C THR D 210 20.70 3.91 -7.44
N HIS D 211 20.53 4.83 -8.41
CA HIS D 211 19.75 4.48 -9.60
C HIS D 211 20.33 5.19 -10.83
N LEU D 212 21.43 4.64 -11.34
CA LEU D 212 22.16 5.33 -12.41
C LEU D 212 21.46 5.24 -13.75
N ASP D 213 20.67 4.20 -13.99
CA ASP D 213 20.11 4.07 -15.34
C ASP D 213 19.02 5.10 -15.58
N SER D 214 18.32 5.53 -14.54
CA SER D 214 17.43 6.68 -14.69
C SER D 214 18.21 7.96 -14.99
N LEU D 215 19.43 8.07 -14.46
CA LEU D 215 20.26 9.21 -14.83
C LEU D 215 20.59 9.19 -16.32
N VAL D 216 20.66 8.01 -16.92
CA VAL D 216 20.89 7.87 -18.35
C VAL D 216 19.85 8.66 -19.15
N GLY D 217 18.58 8.53 -18.79
CA GLY D 217 17.55 9.22 -19.53
C GLY D 217 17.66 10.73 -19.39
N GLN D 218 18.05 11.20 -18.21
CA GLN D 218 18.22 12.64 -18.01
C GLN D 218 19.32 13.20 -18.91
N ALA D 219 20.30 12.37 -19.28
CA ALA D 219 21.37 12.84 -20.15
C ALA D 219 20.98 12.85 -21.62
N LEU D 220 20.04 11.99 -22.02
CA LEU D 220 19.83 11.67 -23.42
C LEU D 220 18.56 12.28 -24.01
N PHE D 221 17.47 12.34 -23.26
CA PHE D 221 16.17 12.62 -23.85
C PHE D 221 15.94 14.12 -24.02
N GLY D 222 15.44 14.48 -25.21
CA GLY D 222 15.04 15.85 -25.50
C GLY D 222 13.67 15.88 -26.13
N ASP D 223 13.14 17.08 -26.31
CA ASP D 223 11.80 17.27 -26.82
C ASP D 223 11.80 17.62 -28.30
N GLY D 224 10.74 17.21 -28.97
CA GLY D 224 10.56 17.53 -30.37
C GLY D 224 9.35 16.85 -30.96
N ALA D 225 8.89 17.37 -32.10
CA ALA D 225 7.79 16.78 -32.82
C ALA D 225 8.10 16.82 -34.32
N SER D 226 7.70 15.78 -35.01
CA SER D 226 7.92 15.69 -36.45
C SER D 226 6.63 15.23 -37.09
N ALA D 227 6.39 15.72 -38.29
CA ALA D 227 5.17 15.43 -39.01
C ALA D 227 5.49 15.16 -40.46
N ILE D 228 4.79 14.21 -41.06
CA ILE D 228 4.88 13.94 -42.48
C ILE D 228 3.49 13.72 -43.07
N ILE D 229 3.38 13.95 -44.36
CA ILE D 229 2.21 13.60 -45.15
C ILE D 229 2.60 12.40 -46.00
N VAL D 230 1.80 11.34 -45.95
CA VAL D 230 2.07 10.11 -46.67
C VAL D 230 0.88 9.80 -47.58
N GLY D 231 1.18 9.54 -48.85
CA GLY D 231 0.15 9.20 -49.81
C GLY D 231 0.71 8.34 -50.92
N ALA D 232 -0.15 7.49 -51.46
CA ALA D 232 0.19 6.78 -52.68
C ALA D 232 -0.40 7.52 -53.86
N ASP D 233 0.13 7.22 -55.06
CA ASP D 233 -0.28 7.84 -56.32
C ASP D 233 -0.29 9.36 -56.25
N PRO D 234 0.88 9.99 -56.22
CA PRO D 234 0.93 11.45 -56.09
C PRO D 234 0.24 12.14 -57.26
N ILE D 235 -0.40 13.25 -56.97
CA ILE D 235 -1.14 13.96 -58.02
C ILE D 235 -0.14 14.59 -58.97
N PRO D 236 -0.22 14.34 -60.28
CA PRO D 236 0.82 14.85 -61.19
C PRO D 236 0.91 16.36 -61.16
N GLU D 237 2.14 16.85 -61.21
CA GLU D 237 2.49 18.27 -61.24
C GLU D 237 1.93 19.05 -60.06
N VAL D 238 1.47 18.39 -59.00
CA VAL D 238 0.90 19.08 -57.86
C VAL D 238 1.63 18.69 -56.59
N GLU D 239 1.76 17.39 -56.33
CA GLU D 239 2.47 16.91 -55.16
C GLU D 239 3.88 16.48 -55.56
N ARG D 240 4.78 16.47 -54.58
CA ARG D 240 6.20 16.20 -54.81
C ARG D 240 6.67 15.07 -53.92
N PRO D 241 6.94 13.90 -54.48
CA PRO D 241 7.48 12.78 -53.67
C PRO D 241 8.91 13.06 -53.20
N TRP D 242 9.24 12.55 -52.02
CA TRP D 242 10.60 12.62 -51.47
C TRP D 242 11.18 11.26 -51.13
N PHE D 243 10.39 10.36 -50.57
CA PHE D 243 10.83 9.01 -50.31
C PHE D 243 9.66 8.07 -50.51
N GLU D 244 9.95 6.84 -50.93
CA GLU D 244 8.95 5.82 -51.10
C GLU D 244 9.17 4.72 -50.07
N ILE D 245 8.07 4.18 -49.53
CA ILE D 245 8.11 3.07 -48.57
C ILE D 245 7.91 1.77 -49.32
N HIS D 246 8.89 0.88 -49.28
CA HIS D 246 8.79 -0.34 -50.05
C HIS D 246 8.70 -1.62 -49.23
N TYR D 247 9.21 -1.62 -48.00
CA TYR D 247 9.23 -2.82 -47.18
C TYR D 247 9.29 -2.42 -45.72
N VAL D 248 8.53 -3.13 -44.88
CA VAL D 248 8.53 -2.92 -43.44
C VAL D 248 8.60 -4.28 -42.75
N ALA D 249 9.25 -4.31 -41.59
CA ALA D 249 9.36 -5.51 -40.79
C ALA D 249 9.55 -5.11 -39.35
N SER D 250 9.28 -6.04 -38.46
CA SER D 250 9.38 -5.80 -37.04
C SER D 250 9.99 -7.03 -36.39
N ASN D 251 10.84 -6.83 -35.40
CA ASN D 251 11.52 -7.97 -34.77
C ASN D 251 11.74 -7.72 -33.30
N ILE D 252 11.32 -8.68 -32.48
CA ILE D 252 11.74 -8.75 -31.08
C ILE D 252 13.08 -9.49 -31.06
N LEU D 253 14.13 -8.80 -30.65
CA LEU D 253 15.46 -9.37 -30.74
C LEU D 253 15.67 -10.47 -29.69
N PRO D 254 16.46 -11.49 -30.02
CA PRO D 254 16.67 -12.60 -29.08
C PRO D 254 17.35 -12.14 -27.81
N ASP D 255 17.02 -12.81 -26.71
CA ASP D 255 17.70 -12.64 -25.44
C ASP D 255 17.68 -11.17 -24.99
N SER D 256 16.54 -10.51 -25.19
CA SER D 256 16.43 -9.08 -24.90
C SER D 256 15.35 -8.80 -23.88
N ASP D 257 14.95 -9.82 -23.13
CA ASP D 257 13.87 -9.66 -22.17
C ASP D 257 14.25 -8.70 -21.06
N GLY D 258 13.45 -7.65 -20.90
CA GLY D 258 13.73 -6.63 -19.91
C GLY D 258 14.84 -5.68 -20.26
N ALA D 259 15.30 -5.65 -21.51
CA ALA D 259 16.40 -4.75 -21.87
C ALA D 259 16.04 -3.30 -21.58
N ILE D 260 14.86 -2.86 -22.00
CA ILE D 260 14.38 -1.50 -21.73
C ILE D 260 12.94 -1.61 -21.27
N ASP D 261 12.68 -1.33 -20.00
CA ASP D 261 11.33 -1.31 -19.43
C ASP D 261 10.95 0.13 -19.10
N GLY D 262 9.68 0.46 -19.27
CA GLY D 262 9.20 1.76 -18.83
C GLY D 262 7.84 1.64 -18.18
N HIS D 263 7.63 2.28 -17.03
CA HIS D 263 6.38 2.11 -16.29
C HIS D 263 5.80 3.46 -15.95
N LEU D 264 4.50 3.63 -16.19
CA LEU D 264 3.83 4.90 -15.89
C LEU D 264 3.30 4.81 -14.47
N ARG D 265 3.92 5.51 -13.56
CA ARG D 265 3.64 5.39 -12.13
C ARG D 265 3.13 6.71 -11.56
N GLU D 266 2.80 6.70 -10.28
CA GLU D 266 2.37 7.93 -9.62
C GLU D 266 3.49 8.97 -9.56
N VAL D 267 4.75 8.54 -9.70
CA VAL D 267 5.87 9.46 -9.75
C VAL D 267 6.25 9.82 -11.20
N GLY D 268 5.40 9.48 -12.16
CA GLY D 268 5.70 9.73 -13.55
C GLY D 268 6.21 8.50 -14.27
N LEU D 269 6.80 8.76 -15.43
CA LEU D 269 7.33 7.69 -16.28
C LEU D 269 8.74 7.34 -15.82
N THR D 270 8.95 6.07 -15.51
CA THR D 270 10.23 5.56 -15.02
C THR D 270 10.80 4.58 -16.01
N PHE D 271 12.11 4.57 -16.15
CA PHE D 271 12.83 3.77 -17.13
C PHE D 271 13.89 2.92 -16.50
N HIS D 272 13.98 1.67 -16.93
CA HIS D 272 14.67 0.63 -16.20
C HIS D 272 15.39 -0.22 -17.17
N LEU D 273 16.68 -0.38 -16.99
CA LEU D 273 17.54 -0.88 -18.04
C LEU D 273 18.32 -2.08 -17.54
N MET D 274 18.25 -3.18 -18.28
CA MET D 274 19.12 -4.33 -18.14
C MET D 274 19.87 -4.57 -19.46
N LYS D 275 20.86 -5.44 -19.45
CA LYS D 275 21.26 -6.26 -20.62
C LYS D 275 22.09 -5.82 -21.89
N ASP D 276 22.87 -4.78 -21.92
CA ASP D 276 23.69 -4.45 -23.13
C ASP D 276 22.88 -4.28 -24.40
N VAL D 277 22.17 -3.18 -24.41
CA VAL D 277 21.31 -2.82 -25.54
C VAL D 277 22.12 -2.65 -26.82
N PRO D 278 23.23 -1.91 -26.85
CA PRO D 278 23.98 -1.84 -28.13
C PRO D 278 24.52 -3.19 -28.57
N GLY D 279 24.87 -4.07 -27.62
CA GLY D 279 25.34 -5.39 -27.99
C GLY D 279 24.24 -6.25 -28.59
N ILE D 280 23.05 -6.23 -27.97
CA ILE D 280 21.94 -7.00 -28.52
C ILE D 280 21.61 -6.53 -29.92
N ILE D 281 21.52 -5.22 -30.11
CA ILE D 281 21.14 -4.69 -31.42
C ILE D 281 22.21 -5.05 -32.46
N SER D 282 23.48 -4.81 -32.14
CA SER D 282 24.52 -5.04 -33.13
C SER D 282 24.69 -6.51 -33.41
N LYS D 283 24.43 -7.37 -32.44
CA LYS D 283 24.54 -8.82 -32.64
C LYS D 283 23.52 -9.34 -33.65
N ASN D 284 22.34 -8.72 -33.70
CA ASN D 284 21.22 -9.25 -34.47
C ASN D 284 20.86 -8.43 -35.70
N ILE D 285 21.39 -7.22 -35.84
CA ILE D 285 21.00 -6.35 -36.94
C ILE D 285 21.32 -6.99 -38.30
N GLY D 286 22.41 -7.74 -38.39
CA GLY D 286 22.79 -8.31 -39.67
C GLY D 286 21.74 -9.25 -40.22
N THR D 287 21.16 -10.08 -39.34
CA THR D 287 20.16 -11.01 -39.80
C THR D 287 18.86 -10.29 -40.17
N VAL D 288 18.55 -9.20 -39.47
CA VAL D 288 17.37 -8.40 -39.81
C VAL D 288 17.49 -7.81 -41.21
N LEU D 289 18.65 -7.20 -41.50
CA LEU D 289 18.84 -6.52 -42.77
C LEU D 289 19.08 -7.51 -43.91
N LYS D 290 19.75 -8.63 -43.62
CA LYS D 290 19.87 -9.69 -44.60
C LYS D 290 18.50 -10.07 -45.16
N ASP D 291 17.53 -10.27 -44.28
CA ASP D 291 16.21 -10.69 -44.76
C ASP D 291 15.50 -9.53 -45.46
N ALA D 292 15.62 -8.32 -44.93
CA ALA D 292 15.01 -7.17 -45.59
C ALA D 292 15.52 -7.02 -47.02
N PHE D 293 16.83 -7.21 -47.24
CA PHE D 293 17.39 -7.02 -48.57
C PHE D 293 17.05 -8.18 -49.50
N GLU D 294 16.95 -9.41 -48.98
CA GLU D 294 16.52 -10.53 -49.82
C GLU D 294 15.12 -10.29 -50.35
N LYS D 295 14.25 -9.74 -49.51
CA LYS D 295 12.87 -9.51 -49.92
C LYS D 295 12.78 -8.42 -50.97
N VAL D 296 13.52 -7.33 -50.80
CA VAL D 296 13.40 -6.21 -51.72
C VAL D 296 14.18 -6.46 -53.00
N PHE D 297 15.40 -6.98 -52.89
CA PHE D 297 16.28 -7.08 -54.05
C PHE D 297 16.45 -8.50 -54.58
N GLY D 298 16.05 -9.50 -53.82
CA GLY D 298 16.35 -10.87 -54.15
C GLY D 298 17.79 -11.36 -53.90
N ASN D 299 18.26 -12.35 -54.64
CA ASN D 299 19.47 -13.03 -54.24
C ASN D 299 20.61 -13.05 -55.23
N GLU D 300 20.44 -12.44 -56.38
CA GLU D 300 21.13 -12.99 -57.50
C GLU D 300 21.86 -12.07 -58.38
N GLU D 301 23.17 -12.20 -58.34
CA GLU D 301 24.11 -11.35 -57.65
C GLU D 301 24.55 -10.23 -58.51
N GLY D 302 25.08 -9.20 -57.85
CA GLY D 302 25.24 -7.89 -58.44
C GLY D 302 24.03 -7.00 -58.32
N GLU D 303 22.92 -7.54 -57.83
CA GLU D 303 21.65 -6.85 -57.77
C GLU D 303 21.32 -6.33 -56.36
N VAL D 304 22.11 -6.73 -55.38
CA VAL D 304 21.86 -6.36 -53.99
C VAL D 304 22.85 -5.28 -53.62
N PRO D 305 22.41 -4.06 -53.30
CA PRO D 305 23.35 -3.03 -52.88
C PRO D 305 24.04 -3.42 -51.58
N SER D 306 25.28 -3.00 -51.45
CA SER D 306 26.01 -3.05 -50.20
C SER D 306 25.40 -2.11 -49.18
N TYR D 307 25.61 -2.41 -47.89
CA TYR D 307 25.15 -1.50 -46.82
C TYR D 307 25.81 -0.14 -46.94
N ASN D 308 27.01 -0.05 -47.51
CA ASN D 308 27.64 1.24 -47.73
C ASN D 308 27.06 1.99 -48.93
N ASP D 309 26.22 1.35 -49.75
CA ASP D 309 25.67 1.94 -50.96
C ASP D 309 24.18 2.22 -50.84
N VAL D 310 23.66 2.32 -49.61
CA VAL D 310 22.31 2.77 -49.30
C VAL D 310 22.43 3.90 -48.28
N PHE D 311 21.39 4.73 -48.18
CA PHE D 311 21.38 5.75 -47.15
C PHE D 311 20.74 5.20 -45.87
N TRP D 312 21.13 5.79 -44.74
CA TRP D 312 20.78 5.28 -43.42
C TRP D 312 20.05 6.35 -42.61
N ILE D 313 18.94 5.94 -41.99
CA ILE D 313 18.19 6.73 -41.01
C ILE D 313 18.03 5.80 -39.82
N ALA D 314 18.85 5.98 -38.79
CA ALA D 314 18.89 5.05 -37.67
C ALA D 314 18.57 5.80 -36.38
N HIS D 315 17.61 5.29 -35.62
CA HIS D 315 17.25 5.94 -34.37
C HIS D 315 18.46 6.06 -33.45
N PRO D 316 18.85 7.19 -33.12
CA PRO D 316 20.07 7.38 -32.29
C PRO D 316 19.77 7.22 -30.80
N GLY D 317 19.43 5.98 -30.40
CA GLY D 317 19.09 5.74 -29.00
C GLY D 317 20.19 6.17 -28.06
N GLY D 318 21.44 5.92 -28.45
CA GLY D 318 22.60 6.42 -27.76
C GLY D 318 23.75 6.27 -28.71
N PRO D 319 24.86 6.95 -28.46
CA PRO D 319 25.98 6.84 -29.41
C PRO D 319 26.49 5.41 -29.57
N ALA D 320 26.40 4.58 -28.51
CA ALA D 320 26.99 3.24 -28.58
C ALA D 320 26.22 2.34 -29.54
N ILE D 321 24.90 2.55 -29.69
CA ILE D 321 24.12 1.77 -30.64
C ILE D 321 24.61 2.02 -32.06
N LEU D 322 24.74 3.30 -32.45
CA LEU D 322 25.23 3.60 -33.78
C LEU D 322 26.66 3.09 -33.96
N ASP D 323 27.51 3.28 -32.95
CA ASP D 323 28.90 2.84 -33.06
C ASP D 323 28.99 1.34 -33.31
N GLN D 324 28.25 0.55 -32.54
CA GLN D 324 28.42 -0.90 -32.60
C GLN D 324 27.71 -1.51 -33.80
N VAL D 325 26.61 -0.90 -34.26
CA VAL D 325 26.05 -1.29 -35.54
C VAL D 325 27.04 -1.00 -36.66
N GLU D 326 27.66 0.18 -36.63
CA GLU D 326 28.68 0.55 -37.60
C GLU D 326 29.84 -0.43 -37.61
N GLN D 327 30.29 -0.85 -36.42
CA GLN D 327 31.41 -1.80 -36.35
C GLN D 327 30.98 -3.16 -36.88
N LYS D 328 29.85 -3.67 -36.42
CA LYS D 328 29.42 -5.01 -36.80
C LYS D 328 29.18 -5.12 -38.30
N LEU D 329 28.53 -4.14 -38.90
CA LEU D 329 28.26 -4.17 -40.32
C LEU D 329 29.40 -3.64 -41.16
N GLN D 330 30.45 -3.13 -40.52
CA GLN D 330 31.60 -2.56 -41.22
C GLN D 330 31.19 -1.40 -42.13
N LEU D 331 30.32 -0.54 -41.62
CA LEU D 331 29.92 0.64 -42.37
C LEU D 331 31.03 1.67 -42.35
N LYS D 332 31.23 2.31 -43.50
CA LYS D 332 32.05 3.51 -43.53
C LYS D 332 31.43 4.55 -42.60
N THR D 333 32.28 5.42 -42.04
CA THR D 333 31.76 6.35 -41.04
C THR D 333 30.74 7.32 -41.59
N GLU D 334 30.73 7.57 -42.90
CA GLU D 334 29.71 8.43 -43.49
C GLU D 334 28.29 7.91 -43.23
N LYS D 335 28.11 6.59 -43.14
CA LYS D 335 26.74 6.06 -43.20
C LYS D 335 25.88 6.64 -42.08
N MET D 336 26.42 6.72 -40.87
CA MET D 336 25.67 7.18 -39.72
C MET D 336 25.72 8.69 -39.50
N ALA D 337 26.32 9.46 -40.42
CA ALA D 337 26.55 10.88 -40.16
C ALA D 337 25.25 11.64 -39.93
N ALA D 338 24.24 11.41 -40.78
CA ALA D 338 22.98 12.14 -40.65
C ALA D 338 22.30 11.82 -39.32
N SER D 339 22.32 10.54 -38.93
CA SER D 339 21.71 10.14 -37.66
C SER D 339 22.46 10.74 -36.47
N ARG D 340 23.80 10.80 -36.56
CA ARG D 340 24.59 11.41 -35.49
C ARG D 340 24.38 12.91 -35.44
N GLN D 341 24.11 13.54 -36.56
CA GLN D 341 23.94 14.98 -36.57
C GLN D 341 22.68 15.39 -35.82
N VAL D 342 21.57 14.64 -36.01
CA VAL D 342 20.35 14.93 -35.28
C VAL D 342 20.54 14.66 -33.80
N LEU D 343 21.20 13.56 -33.45
CA LEU D 343 21.52 13.32 -32.04
C LEU D 343 22.32 14.48 -31.47
N SER D 344 23.29 14.98 -32.24
CA SER D 344 24.09 16.10 -31.76
C SER D 344 23.25 17.36 -31.57
N ASP D 345 22.33 17.62 -32.50
CA ASP D 345 21.61 18.89 -32.51
C ASP D 345 20.37 18.91 -31.62
N TYR D 346 19.85 17.74 -31.23
CA TYR D 346 18.57 17.67 -30.53
C TYR D 346 18.53 16.64 -29.42
N GLY D 347 19.49 15.74 -29.31
CA GLY D 347 19.33 14.63 -28.42
C GLY D 347 18.34 13.59 -28.93
N ASN D 348 18.08 12.62 -28.07
CA ASN D 348 17.17 11.50 -28.32
C ASN D 348 15.74 11.98 -28.12
N MET D 349 15.04 12.24 -29.21
CA MET D 349 13.65 12.68 -29.18
C MET D 349 12.67 11.53 -29.37
N SER D 350 13.06 10.32 -28.95
CA SER D 350 12.20 9.14 -28.91
C SER D 350 11.62 8.92 -30.32
N SER D 351 10.30 8.70 -30.44
CA SER D 351 9.74 8.30 -31.72
C SER D 351 9.90 9.37 -32.80
N ALA D 352 10.12 10.64 -32.42
CA ALA D 352 10.22 11.71 -33.41
C ALA D 352 11.57 11.77 -34.13
N CYS D 353 12.57 11.07 -33.61
CA CYS D 353 13.94 11.23 -34.07
C CYS D 353 14.10 10.91 -35.55
N VAL D 354 13.63 9.73 -35.97
CA VAL D 354 13.95 9.27 -37.32
C VAL D 354 13.37 10.21 -38.37
N LEU D 355 12.24 10.86 -38.07
CA LEU D 355 11.69 11.79 -39.05
C LEU D 355 12.49 13.09 -39.11
N PHE D 356 13.12 13.51 -37.99
CA PHE D 356 14.08 14.60 -38.05
C PHE D 356 15.27 14.24 -38.93
N ILE D 357 15.76 13.01 -38.81
CA ILE D 357 16.89 12.57 -39.61
C ILE D 357 16.49 12.53 -41.09
N MET D 358 15.29 12.03 -41.37
CA MET D 358 14.80 12.02 -42.75
C MET D 358 14.78 13.42 -43.33
N ASP D 359 14.29 14.39 -42.57
CA ASP D 359 14.25 15.78 -43.01
C ASP D 359 15.67 16.32 -43.22
N HIS D 360 16.55 16.08 -42.27
CA HIS D 360 17.93 16.53 -42.41
C HIS D 360 18.59 15.93 -43.62
N LEU D 361 18.34 14.64 -43.86
CA LEU D 361 18.96 13.94 -44.97
C LEU D 361 18.55 14.56 -46.30
N ARG D 362 17.25 14.79 -46.49
CA ARG D 362 16.80 15.37 -47.74
C ARG D 362 17.29 16.79 -47.92
N LYS D 363 17.36 17.56 -46.83
CA LYS D 363 17.77 18.95 -46.97
C LYS D 363 19.26 19.06 -47.25
N LYS D 364 20.06 18.24 -46.59
CA LYS D 364 21.48 18.24 -46.87
C LYS D 364 21.74 17.77 -48.29
N SER D 365 20.95 16.80 -48.78
CA SER D 365 21.10 16.32 -50.15
C SER D 365 20.81 17.42 -51.16
N VAL D 366 19.81 18.26 -50.89
CA VAL D 366 19.50 19.36 -51.79
C VAL D 366 20.61 20.41 -51.72
N GLU D 367 21.02 20.77 -50.50
CA GLU D 367 22.00 21.81 -50.32
C GLU D 367 23.34 21.42 -50.94
N GLN D 368 23.71 20.16 -50.86
CA GLN D 368 24.95 19.69 -51.43
C GLN D 368 24.80 19.30 -52.89
N LYS D 369 23.63 19.52 -53.47
CA LYS D 369 23.38 19.24 -54.89
C LYS D 369 23.66 17.78 -55.23
N LEU D 370 23.24 16.88 -54.36
CA LEU D 370 23.48 15.47 -54.62
C LEU D 370 22.41 14.91 -55.55
N ALA D 371 22.60 13.65 -55.95
CA ALA D 371 21.83 13.09 -57.07
C ALA D 371 20.44 12.63 -56.66
N THR D 372 20.23 12.33 -55.37
CA THR D 372 18.96 11.86 -54.87
C THR D 372 18.68 12.54 -53.54
N SER D 373 17.43 12.43 -53.08
CA SER D 373 17.05 12.93 -51.76
C SER D 373 17.66 12.12 -50.62
N GLY D 374 18.25 10.98 -50.92
CA GLY D 374 18.94 10.20 -49.91
C GLY D 374 20.45 10.16 -49.86
N GLU D 375 21.10 11.27 -50.21
CA GLU D 375 22.55 11.41 -50.10
C GLU D 375 23.14 10.91 -51.42
N GLY D 376 22.35 10.83 -52.48
CA GLY D 376 22.86 10.32 -53.74
C GLY D 376 22.56 8.86 -53.98
N TYR D 377 22.03 8.14 -53.00
CA TYR D 377 21.76 6.73 -53.11
C TYR D 377 20.30 6.49 -53.47
N GLU D 378 20.05 5.42 -54.23
CA GLU D 378 18.69 5.08 -54.61
C GLU D 378 17.90 4.49 -53.44
N TRP D 379 18.48 3.54 -52.73
CA TRP D 379 17.79 2.78 -51.68
C TRP D 379 18.31 3.17 -50.31
N GLY D 380 17.47 2.96 -49.30
CA GLY D 380 17.87 3.32 -47.95
C GLY D 380 17.10 2.54 -46.90
N LEU D 381 17.53 2.73 -45.65
CA LEU D 381 16.95 2.09 -44.48
C LEU D 381 16.52 3.13 -43.47
N LEU D 382 15.39 2.91 -42.82
CA LEU D 382 15.03 3.61 -41.61
C LEU D 382 14.84 2.57 -40.51
N LEU D 383 15.52 2.76 -39.37
CA LEU D 383 15.53 1.79 -38.29
C LEU D 383 15.12 2.48 -36.98
N GLY D 384 14.19 1.87 -36.26
CA GLY D 384 13.85 2.29 -34.91
C GLY D 384 14.13 1.18 -33.92
N PHE D 385 14.65 1.50 -32.77
CA PHE D 385 14.92 0.56 -31.70
C PHE D 385 14.28 1.02 -30.40
N GLY D 386 13.81 0.09 -29.60
CA GLY D 386 13.21 0.41 -28.33
C GLY D 386 12.73 -0.79 -27.53
N PRO D 387 11.83 -0.53 -26.59
CA PRO D 387 11.36 -1.60 -25.68
C PRO D 387 10.90 -2.87 -26.40
N GLY D 388 11.34 -3.99 -25.87
CA GLY D 388 11.07 -5.27 -26.47
C GLY D 388 12.07 -6.36 -26.30
N LEU D 389 13.31 -6.21 -26.76
CA LEU D 389 13.83 -5.16 -27.57
C LEU D 389 13.30 -5.27 -29.00
N THR D 390 12.59 -4.22 -29.42
CA THR D 390 11.96 -4.16 -30.71
C THR D 390 12.84 -3.42 -31.70
N CYS D 391 13.00 -3.99 -32.87
CA CYS D 391 13.63 -3.29 -33.98
C CYS D 391 12.63 -3.19 -35.14
N GLU D 392 12.32 -1.97 -35.57
CA GLU D 392 11.44 -1.72 -36.70
C GLU D 392 12.30 -1.37 -37.91
N THR D 393 12.11 -2.08 -39.01
CA THR D 393 12.92 -1.94 -40.21
C THR D 393 12.05 -1.43 -41.35
N VAL D 394 12.51 -0.39 -42.04
CA VAL D 394 11.82 0.14 -43.21
C VAL D 394 12.85 0.29 -44.32
N VAL D 395 12.56 -0.28 -45.47
CA VAL D 395 13.36 -0.03 -46.67
C VAL D 395 12.67 1.07 -47.48
N LEU D 396 13.44 2.11 -47.80
CA LEU D 396 12.95 3.27 -48.53
C LEU D 396 13.64 3.39 -49.88
N ARG D 397 12.99 4.09 -50.80
CA ARG D 397 13.63 4.60 -52.01
C ARG D 397 13.59 6.12 -52.00
N SER D 398 14.68 6.73 -52.43
CA SER D 398 14.74 8.18 -52.56
C SER D 398 14.11 8.58 -53.88
N VAL D 399 14.19 9.87 -54.23
CA VAL D 399 13.79 10.37 -55.54
C VAL D 399 14.97 11.08 -56.19
N PRO D 400 15.09 11.09 -57.51
CA PRO D 400 16.21 11.81 -58.14
C PRO D 400 16.07 13.32 -57.98
N LEU D 401 17.22 13.99 -57.81
CA LEU D 401 17.31 15.44 -57.76
C LEU D 401 18.14 15.94 -58.94
N ALA D 402 17.94 17.19 -59.30
CA ALA D 402 18.76 17.83 -60.34
C ALA D 402 20.20 18.08 -59.83
#